data_5KTA
# 
_entry.id   5KTA 
# 
_audit_conform.dict_name       mmcif_pdbx.dic 
_audit_conform.dict_version    5.389 
_audit_conform.dict_location   http://mmcif.pdb.org/dictionaries/ascii/mmcif_pdbx.dic 
# 
loop_
_database_2.database_id 
_database_2.database_code 
_database_2.pdbx_database_accession 
_database_2.pdbx_DOI 
PDB   5KTA         pdb_00005kta 10.2210/pdb5kta/pdb 
WWPDB D_1000222710 ?            ?                   
# 
loop_
_pdbx_audit_revision_history.ordinal 
_pdbx_audit_revision_history.data_content_type 
_pdbx_audit_revision_history.major_revision 
_pdbx_audit_revision_history.minor_revision 
_pdbx_audit_revision_history.revision_date 
1 'Structure model' 1 0 2016-07-27 
2 'Structure model' 1 1 2016-09-07 
3 'Structure model' 1 2 2017-09-27 
4 'Structure model' 1 3 2019-12-25 
5 'Structure model' 1 4 2024-04-03 
# 
_pdbx_audit_revision_details.ordinal             1 
_pdbx_audit_revision_details.revision_ordinal    1 
_pdbx_audit_revision_details.data_content_type   'Structure model' 
_pdbx_audit_revision_details.provider            repository 
_pdbx_audit_revision_details.type                'Initial release' 
_pdbx_audit_revision_details.description         ? 
_pdbx_audit_revision_details.details             ? 
# 
loop_
_pdbx_audit_revision_group.ordinal 
_pdbx_audit_revision_group.revision_ordinal 
_pdbx_audit_revision_group.data_content_type 
_pdbx_audit_revision_group.group 
1 2 'Structure model' 'Database references'        
2 3 'Structure model' 'Author supporting evidence' 
3 3 'Structure model' 'Database references'        
4 3 'Structure model' 'Derived calculations'       
5 4 'Structure model' 'Author supporting evidence' 
6 5 'Structure model' 'Data collection'            
7 5 'Structure model' 'Database references'        
8 5 'Structure model' 'Refinement description'     
# 
loop_
_pdbx_audit_revision_category.ordinal 
_pdbx_audit_revision_category.revision_ordinal 
_pdbx_audit_revision_category.data_content_type 
_pdbx_audit_revision_category.category 
1 3 'Structure model' citation                      
2 3 'Structure model' pdbx_audit_support            
3 3 'Structure model' pdbx_struct_oper_list         
4 4 'Structure model' pdbx_audit_support            
5 5 'Structure model' chem_comp_atom                
6 5 'Structure model' chem_comp_bond                
7 5 'Structure model' database_2                    
8 5 'Structure model' pdbx_initial_refinement_model 
# 
loop_
_pdbx_audit_revision_item.ordinal 
_pdbx_audit_revision_item.revision_ordinal 
_pdbx_audit_revision_item.data_content_type 
_pdbx_audit_revision_item.item 
1 3 'Structure model' '_citation.journal_id_CSD'                  
2 3 'Structure model' '_pdbx_audit_support.funding_organization'  
3 3 'Structure model' '_pdbx_struct_oper_list.symmetry_operation' 
4 4 'Structure model' '_pdbx_audit_support.funding_organization'  
5 5 'Structure model' '_database_2.pdbx_DOI'                      
6 5 'Structure model' '_database_2.pdbx_database_accession'       
# 
_pdbx_database_status.status_code                     REL 
_pdbx_database_status.status_code_sf                  REL 
_pdbx_database_status.status_code_mr                  ? 
_pdbx_database_status.entry_id                        5KTA 
_pdbx_database_status.recvd_initial_deposition_date   2016-07-11 
_pdbx_database_status.SG_entry                        N 
_pdbx_database_status.deposit_site                    RCSB 
_pdbx_database_status.process_site                    RCSB 
_pdbx_database_status.status_code_cs                  ? 
_pdbx_database_status.methods_development_category    ? 
_pdbx_database_status.pdb_format_compatible           Y 
_pdbx_database_status.status_code_nmr_data            ? 
# 
loop_
_pdbx_database_related.content_type 
_pdbx_database_related.db_id 
_pdbx_database_related.db_name 
_pdbx_database_related.details 
unspecified 5KTC PDB . 
unspecified 5KTD PDB . 
# 
loop_
_audit_author.name 
_audit_author.pdbx_ordinal 
'Salinger, A.J.' 1 
'Thoden, J.B.'   2 
'Holden, H.M.'   3 
# 
_citation.abstract                  ? 
_citation.abstract_id_CAS           ? 
_citation.book_id_ISBN              ? 
_citation.book_publisher            ? 
_citation.book_publisher_city       ? 
_citation.book_title                ? 
_citation.coordinate_linkage        ? 
_citation.country                   US 
_citation.database_id_Medline       ? 
_citation.details                   ? 
_citation.id                        primary 
_citation.journal_abbrev            Biochemistry 
_citation.journal_id_ASTM           BICHAW 
_citation.journal_id_CSD            0033 
_citation.journal_id_ISSN           0006-2960 
_citation.journal_full              ? 
_citation.journal_issue             ? 
_citation.journal_volume            55 
_citation.language                  ? 
_citation.page_first                4509 
_citation.page_last                 4518 
_citation.title                     
;Structural and Functional Investigation of FdhC from Acinetobacter nosocomialis: A Sugar N-Acyltransferase Belonging to the GNAT Superfamily.
;
_citation.year                      2016 
_citation.database_id_CSD           ? 
_citation.pdbx_database_id_DOI      10.1021/acs.biochem.6b00602 
_citation.pdbx_database_id_PubMed   27404806 
_citation.unpublished_flag          ? 
# 
loop_
_citation_author.citation_id 
_citation_author.name 
_citation_author.ordinal 
_citation_author.identifier_ORCID 
primary 'Salinger, A.J.' 1 ? 
primary 'Thoden, J.B.'   2 ? 
primary 'Holden, H.M.'   3 ? 
# 
loop_
_entity.id 
_entity.type 
_entity.src_method 
_entity.pdbx_description 
_entity.formula_weight 
_entity.pdbx_number_of_molecules 
_entity.pdbx_ec 
_entity.pdbx_mutation 
_entity.pdbx_fragment 
_entity.details 
1 polymer     man FdhC                 22353.963 1  ? ? ? ? 
2 non-polymer syn 'SULFATE ION'        96.063    3  ? ? ? ? 
3 non-polymer syn 'DIMETHYL SULFOXIDE' 78.133    1  ? ? ? ? 
4 water       nat water                18.015    92 ? ? ? ? 
# 
_entity_poly.entity_id                      1 
_entity_poly.type                           'polypeptide(L)' 
_entity_poly.nstd_linkage                   no 
_entity_poly.nstd_monomer                   yes 
_entity_poly.pdbx_seq_one_letter_code       
;MVNFNLKANTTYLRLVEENDAEFI(CSX)TLRNNDKLNTYISKSTGDIKSQAEWIRNYKNRENNGEEYYFIIFRSDDQSP
IGTVRLYDFHENPKSF(CSX)WGSWILNEHKTKYAAVESALLVYEAGFSTLGFEQSHFEVMKGNDKVHSFHLKMGAQKIS
EDDENIYYIFPKSKYKENKIQYARFLGKLEHHHHHH
;
_entity_poly.pdbx_seq_one_letter_code_can   
;MVNFNLKANTTYLRLVEENDAEFICTLRNNDKLNTYISKSTGDIKSQAEWIRNYKNRENNGEEYYFIIFRSDDQSPIGTV
RLYDFHENPKSFCWGSWILNEHKTKYAAVESALLVYEAGFSTLGFEQSHFEVMKGNDKVHSFHLKMGAQKISEDDENIYY
IFPKSKYKENKIQYARFLGKLEHHHHHH
;
_entity_poly.pdbx_strand_id                 A 
_entity_poly.pdbx_target_identifier         ? 
# 
loop_
_pdbx_entity_nonpoly.entity_id 
_pdbx_entity_nonpoly.name 
_pdbx_entity_nonpoly.comp_id 
2 'SULFATE ION'        SO4 
3 'DIMETHYL SULFOXIDE' DMS 
4 water                HOH 
# 
loop_
_entity_poly_seq.entity_id 
_entity_poly_seq.num 
_entity_poly_seq.mon_id 
_entity_poly_seq.hetero 
1 1   MET n 
1 2   VAL n 
1 3   ASN n 
1 4   PHE n 
1 5   ASN n 
1 6   LEU n 
1 7   LYS n 
1 8   ALA n 
1 9   ASN n 
1 10  THR n 
1 11  THR n 
1 12  TYR n 
1 13  LEU n 
1 14  ARG n 
1 15  LEU n 
1 16  VAL n 
1 17  GLU n 
1 18  GLU n 
1 19  ASN n 
1 20  ASP n 
1 21  ALA n 
1 22  GLU n 
1 23  PHE n 
1 24  ILE n 
1 25  CSX n 
1 26  THR n 
1 27  LEU n 
1 28  ARG n 
1 29  ASN n 
1 30  ASN n 
1 31  ASP n 
1 32  LYS n 
1 33  LEU n 
1 34  ASN n 
1 35  THR n 
1 36  TYR n 
1 37  ILE n 
1 38  SER n 
1 39  LYS n 
1 40  SER n 
1 41  THR n 
1 42  GLY n 
1 43  ASP n 
1 44  ILE n 
1 45  LYS n 
1 46  SER n 
1 47  GLN n 
1 48  ALA n 
1 49  GLU n 
1 50  TRP n 
1 51  ILE n 
1 52  ARG n 
1 53  ASN n 
1 54  TYR n 
1 55  LYS n 
1 56  ASN n 
1 57  ARG n 
1 58  GLU n 
1 59  ASN n 
1 60  ASN n 
1 61  GLY n 
1 62  GLU n 
1 63  GLU n 
1 64  TYR n 
1 65  TYR n 
1 66  PHE n 
1 67  ILE n 
1 68  ILE n 
1 69  PHE n 
1 70  ARG n 
1 71  SER n 
1 72  ASP n 
1 73  ASP n 
1 74  GLN n 
1 75  SER n 
1 76  PRO n 
1 77  ILE n 
1 78  GLY n 
1 79  THR n 
1 80  VAL n 
1 81  ARG n 
1 82  LEU n 
1 83  TYR n 
1 84  ASP n 
1 85  PHE n 
1 86  HIS n 
1 87  GLU n 
1 88  ASN n 
1 89  PRO n 
1 90  LYS n 
1 91  SER n 
1 92  PHE n 
1 93  CSX n 
1 94  TRP n 
1 95  GLY n 
1 96  SER n 
1 97  TRP n 
1 98  ILE n 
1 99  LEU n 
1 100 ASN n 
1 101 GLU n 
1 102 HIS n 
1 103 LYS n 
1 104 THR n 
1 105 LYS n 
1 106 TYR n 
1 107 ALA n 
1 108 ALA n 
1 109 VAL n 
1 110 GLU n 
1 111 SER n 
1 112 ALA n 
1 113 LEU n 
1 114 LEU n 
1 115 VAL n 
1 116 TYR n 
1 117 GLU n 
1 118 ALA n 
1 119 GLY n 
1 120 PHE n 
1 121 SER n 
1 122 THR n 
1 123 LEU n 
1 124 GLY n 
1 125 PHE n 
1 126 GLU n 
1 127 GLN n 
1 128 SER n 
1 129 HIS n 
1 130 PHE n 
1 131 GLU n 
1 132 VAL n 
1 133 MET n 
1 134 LYS n 
1 135 GLY n 
1 136 ASN n 
1 137 ASP n 
1 138 LYS n 
1 139 VAL n 
1 140 HIS n 
1 141 SER n 
1 142 PHE n 
1 143 HIS n 
1 144 LEU n 
1 145 LYS n 
1 146 MET n 
1 147 GLY n 
1 148 ALA n 
1 149 GLN n 
1 150 LYS n 
1 151 ILE n 
1 152 SER n 
1 153 GLU n 
1 154 ASP n 
1 155 ASP n 
1 156 GLU n 
1 157 ASN n 
1 158 ILE n 
1 159 TYR n 
1 160 TYR n 
1 161 ILE n 
1 162 PHE n 
1 163 PRO n 
1 164 LYS n 
1 165 SER n 
1 166 LYS n 
1 167 TYR n 
1 168 LYS n 
1 169 GLU n 
1 170 ASN n 
1 171 LYS n 
1 172 ILE n 
1 173 GLN n 
1 174 TYR n 
1 175 ALA n 
1 176 ARG n 
1 177 PHE n 
1 178 LEU n 
1 179 GLY n 
1 180 LYS n 
1 181 LEU n 
1 182 GLU n 
1 183 HIS n 
1 184 HIS n 
1 185 HIS n 
1 186 HIS n 
1 187 HIS n 
1 188 HIS n 
# 
_entity_src_gen.entity_id                          1 
_entity_src_gen.pdbx_src_id                        1 
_entity_src_gen.pdbx_alt_source_flag               sample 
_entity_src_gen.pdbx_seq_type                      'Biological sequence' 
_entity_src_gen.pdbx_beg_seq_num                   1 
_entity_src_gen.pdbx_end_seq_num                   188 
_entity_src_gen.gene_src_common_name               ? 
_entity_src_gen.gene_src_genus                     ? 
_entity_src_gen.pdbx_gene_src_gene                 fdhC 
_entity_src_gen.gene_src_species                   ? 
_entity_src_gen.gene_src_strain                    ? 
_entity_src_gen.gene_src_tissue                    ? 
_entity_src_gen.gene_src_tissue_fraction           ? 
_entity_src_gen.gene_src_details                   ? 
_entity_src_gen.pdbx_gene_src_fragment             ? 
_entity_src_gen.pdbx_gene_src_scientific_name      'Acinetobacter nosocomialis' 
_entity_src_gen.pdbx_gene_src_ncbi_taxonomy_id     106654 
_entity_src_gen.pdbx_gene_src_variant              ? 
_entity_src_gen.pdbx_gene_src_cell_line            ? 
_entity_src_gen.pdbx_gene_src_atcc                 ? 
_entity_src_gen.pdbx_gene_src_organ                ? 
_entity_src_gen.pdbx_gene_src_organelle            ? 
_entity_src_gen.pdbx_gene_src_cell                 ? 
_entity_src_gen.pdbx_gene_src_cellular_location    ? 
_entity_src_gen.host_org_common_name               ? 
_entity_src_gen.pdbx_host_org_scientific_name      'Escherichia coli' 
_entity_src_gen.pdbx_host_org_ncbi_taxonomy_id     562 
_entity_src_gen.host_org_genus                     ? 
_entity_src_gen.pdbx_host_org_gene                 ? 
_entity_src_gen.pdbx_host_org_organ                ? 
_entity_src_gen.host_org_species                   ? 
_entity_src_gen.pdbx_host_org_tissue               ? 
_entity_src_gen.pdbx_host_org_tissue_fraction      ? 
_entity_src_gen.pdbx_host_org_strain               ? 
_entity_src_gen.pdbx_host_org_variant              ? 
_entity_src_gen.pdbx_host_org_cell_line            ? 
_entity_src_gen.pdbx_host_org_atcc                 ? 
_entity_src_gen.pdbx_host_org_culture_collection   ? 
_entity_src_gen.pdbx_host_org_cell                 ? 
_entity_src_gen.pdbx_host_org_organelle            ? 
_entity_src_gen.pdbx_host_org_cellular_location    ? 
_entity_src_gen.pdbx_host_org_vector_type          ? 
_entity_src_gen.pdbx_host_org_vector               ? 
_entity_src_gen.host_org_details                   ? 
_entity_src_gen.expression_system_id               ? 
_entity_src_gen.plasmid_name                       ? 
_entity_src_gen.plasmid_details                    ? 
_entity_src_gen.pdbx_description                   ? 
# 
loop_
_chem_comp.id 
_chem_comp.type 
_chem_comp.mon_nstd_flag 
_chem_comp.name 
_chem_comp.pdbx_synonyms 
_chem_comp.formula 
_chem_comp.formula_weight 
ALA 'L-peptide linking' y ALANINE              ? 'C3 H7 N O2'     89.093  
ARG 'L-peptide linking' y ARGININE             ? 'C6 H15 N4 O2 1' 175.209 
ASN 'L-peptide linking' y ASPARAGINE           ? 'C4 H8 N2 O3'    132.118 
ASP 'L-peptide linking' y 'ASPARTIC ACID'      ? 'C4 H7 N O4'     133.103 
CSX 'L-peptide linking' n 'S-OXY CYSTEINE'     ? 'C3 H7 N O3 S'   137.158 
DMS non-polymer         . 'DIMETHYL SULFOXIDE' ? 'C2 H6 O S'      78.133  
GLN 'L-peptide linking' y GLUTAMINE            ? 'C5 H10 N2 O3'   146.144 
GLU 'L-peptide linking' y 'GLUTAMIC ACID'      ? 'C5 H9 N O4'     147.129 
GLY 'peptide linking'   y GLYCINE              ? 'C2 H5 N O2'     75.067  
HIS 'L-peptide linking' y HISTIDINE            ? 'C6 H10 N3 O2 1' 156.162 
HOH non-polymer         . WATER                ? 'H2 O'           18.015  
ILE 'L-peptide linking' y ISOLEUCINE           ? 'C6 H13 N O2'    131.173 
LEU 'L-peptide linking' y LEUCINE              ? 'C6 H13 N O2'    131.173 
LYS 'L-peptide linking' y LYSINE               ? 'C6 H15 N2 O2 1' 147.195 
MET 'L-peptide linking' y METHIONINE           ? 'C5 H11 N O2 S'  149.211 
PHE 'L-peptide linking' y PHENYLALANINE        ? 'C9 H11 N O2'    165.189 
PRO 'L-peptide linking' y PROLINE              ? 'C5 H9 N O2'     115.130 
SER 'L-peptide linking' y SERINE               ? 'C3 H7 N O3'     105.093 
SO4 non-polymer         . 'SULFATE ION'        ? 'O4 S -2'        96.063  
THR 'L-peptide linking' y THREONINE            ? 'C4 H9 N O3'     119.119 
TRP 'L-peptide linking' y TRYPTOPHAN           ? 'C11 H12 N2 O2'  204.225 
TYR 'L-peptide linking' y TYROSINE             ? 'C9 H11 N O3'    181.189 
VAL 'L-peptide linking' y VALINE               ? 'C5 H11 N O2'    117.146 
# 
loop_
_pdbx_poly_seq_scheme.asym_id 
_pdbx_poly_seq_scheme.entity_id 
_pdbx_poly_seq_scheme.seq_id 
_pdbx_poly_seq_scheme.mon_id 
_pdbx_poly_seq_scheme.ndb_seq_num 
_pdbx_poly_seq_scheme.pdb_seq_num 
_pdbx_poly_seq_scheme.auth_seq_num 
_pdbx_poly_seq_scheme.pdb_mon_id 
_pdbx_poly_seq_scheme.auth_mon_id 
_pdbx_poly_seq_scheme.pdb_strand_id 
_pdbx_poly_seq_scheme.pdb_ins_code 
_pdbx_poly_seq_scheme.hetero 
A 1 1   MET 1   1   ?   ?   ?   A . n 
A 1 2   VAL 2   2   2   VAL VAL A . n 
A 1 3   ASN 3   3   3   ASN ASN A . n 
A 1 4   PHE 4   4   4   PHE PHE A . n 
A 1 5   ASN 5   5   5   ASN ASN A . n 
A 1 6   LEU 6   6   6   LEU LEU A . n 
A 1 7   LYS 7   7   7   LYS LYS A . n 
A 1 8   ALA 8   8   8   ALA ALA A . n 
A 1 9   ASN 9   9   9   ASN ASN A . n 
A 1 10  THR 10  10  10  THR THR A . n 
A 1 11  THR 11  11  11  THR THR A . n 
A 1 12  TYR 12  12  12  TYR TYR A . n 
A 1 13  LEU 13  13  13  LEU LEU A . n 
A 1 14  ARG 14  14  14  ARG ARG A . n 
A 1 15  LEU 15  15  15  LEU LEU A . n 
A 1 16  VAL 16  16  16  VAL VAL A . n 
A 1 17  GLU 17  17  17  GLU GLU A . n 
A 1 18  GLU 18  18  18  GLU GLU A . n 
A 1 19  ASN 19  19  19  ASN ASN A . n 
A 1 20  ASP 20  20  20  ASP ASP A . n 
A 1 21  ALA 21  21  21  ALA ALA A . n 
A 1 22  GLU 22  22  22  GLU GLU A . n 
A 1 23  PHE 23  23  23  PHE PHE A . n 
A 1 24  ILE 24  24  24  ILE ILE A . n 
A 1 25  CSX 25  25  25  CSX CSX A . n 
A 1 26  THR 26  26  26  THR THR A . n 
A 1 27  LEU 27  27  27  LEU LEU A . n 
A 1 28  ARG 28  28  28  ARG ARG A . n 
A 1 29  ASN 29  29  29  ASN ASN A . n 
A 1 30  ASN 30  30  30  ASN ASN A . n 
A 1 31  ASP 31  31  31  ASP ASP A . n 
A 1 32  LYS 32  32  32  LYS LYS A . n 
A 1 33  LEU 33  33  33  LEU LEU A . n 
A 1 34  ASN 34  34  34  ASN ASN A . n 
A 1 35  THR 35  35  35  THR THR A . n 
A 1 36  TYR 36  36  36  TYR TYR A . n 
A 1 37  ILE 37  37  37  ILE ILE A . n 
A 1 38  SER 38  38  38  SER SER A . n 
A 1 39  LYS 39  39  39  LYS ALA A . n 
A 1 40  SER 40  40  40  SER ALA A . n 
A 1 41  THR 41  41  41  THR ALA A . n 
A 1 42  GLY 42  42  42  GLY GLY A . n 
A 1 43  ASP 43  43  43  ASP ASP A . n 
A 1 44  ILE 44  44  44  ILE ILE A . n 
A 1 45  LYS 45  45  45  LYS LYS A . n 
A 1 46  SER 46  46  46  SER SER A . n 
A 1 47  GLN 47  47  47  GLN GLN A . n 
A 1 48  ALA 48  48  48  ALA ALA A . n 
A 1 49  GLU 49  49  49  GLU GLU A . n 
A 1 50  TRP 50  50  50  TRP TRP A . n 
A 1 51  ILE 51  51  51  ILE ILE A . n 
A 1 52  ARG 52  52  52  ARG ARG A . n 
A 1 53  ASN 53  53  53  ASN ASN A . n 
A 1 54  TYR 54  54  54  TYR TYR A . n 
A 1 55  LYS 55  55  55  LYS LYS A . n 
A 1 56  ASN 56  56  56  ASN ASN A . n 
A 1 57  ARG 57  57  57  ARG ARG A . n 
A 1 58  GLU 58  58  58  GLU GLU A . n 
A 1 59  ASN 59  59  59  ASN ASN A . n 
A 1 60  ASN 60  60  60  ASN ASN A . n 
A 1 61  GLY 61  61  61  GLY GLY A . n 
A 1 62  GLU 62  62  62  GLU GLU A . n 
A 1 63  GLU 63  63  63  GLU GLU A . n 
A 1 64  TYR 64  64  64  TYR TYR A . n 
A 1 65  TYR 65  65  65  TYR TYR A . n 
A 1 66  PHE 66  66  66  PHE PHE A . n 
A 1 67  ILE 67  67  67  ILE ILE A . n 
A 1 68  ILE 68  68  68  ILE ILE A . n 
A 1 69  PHE 69  69  69  PHE PHE A . n 
A 1 70  ARG 70  70  70  ARG ARG A . n 
A 1 71  SER 71  71  71  SER SER A . n 
A 1 72  ASP 72  72  72  ASP ASP A . n 
A 1 73  ASP 73  73  73  ASP ASP A . n 
A 1 74  GLN 74  74  74  GLN GLN A . n 
A 1 75  SER 75  75  75  SER SER A . n 
A 1 76  PRO 76  76  76  PRO PRO A . n 
A 1 77  ILE 77  77  77  ILE ILE A . n 
A 1 78  GLY 78  78  78  GLY GLY A . n 
A 1 79  THR 79  79  79  THR THR A . n 
A 1 80  VAL 80  80  80  VAL VAL A . n 
A 1 81  ARG 81  81  81  ARG ARG A . n 
A 1 82  LEU 82  82  82  LEU LEU A . n 
A 1 83  TYR 83  83  83  TYR TYR A . n 
A 1 84  ASP 84  84  84  ASP ASP A . n 
A 1 85  PHE 85  85  85  PHE PHE A . n 
A 1 86  HIS 86  86  86  HIS HIS A . n 
A 1 87  GLU 87  87  87  GLU GLU A . n 
A 1 88  ASN 88  88  88  ASN ASN A . n 
A 1 89  PRO 89  89  89  PRO PRO A . n 
A 1 90  LYS 90  90  90  LYS LYS A . n 
A 1 91  SER 91  91  91  SER SER A . n 
A 1 92  PHE 92  92  92  PHE PHE A . n 
A 1 93  CSX 93  93  93  CSX CSX A . n 
A 1 94  TRP 94  94  94  TRP TRP A . n 
A 1 95  GLY 95  95  95  GLY GLY A . n 
A 1 96  SER 96  96  96  SER SER A . n 
A 1 97  TRP 97  97  97  TRP TRP A . n 
A 1 98  ILE 98  98  98  ILE ILE A . n 
A 1 99  LEU 99  99  99  LEU LEU A . n 
A 1 100 ASN 100 100 100 ASN ASN A . n 
A 1 101 GLU 101 101 101 GLU GLU A . n 
A 1 102 HIS 102 102 102 HIS HIS A . n 
A 1 103 LYS 103 103 103 LYS LYS A . n 
A 1 104 THR 104 104 104 THR THR A . n 
A 1 105 LYS 105 105 105 LYS LYS A . n 
A 1 106 TYR 106 106 106 TYR TYR A . n 
A 1 107 ALA 107 107 107 ALA ALA A . n 
A 1 108 ALA 108 108 108 ALA ALA A . n 
A 1 109 VAL 109 109 109 VAL VAL A . n 
A 1 110 GLU 110 110 110 GLU GLU A . n 
A 1 111 SER 111 111 111 SER SER A . n 
A 1 112 ALA 112 112 112 ALA ALA A . n 
A 1 113 LEU 113 113 113 LEU LEU A . n 
A 1 114 LEU 114 114 114 LEU LEU A . n 
A 1 115 VAL 115 115 115 VAL VAL A . n 
A 1 116 TYR 116 116 116 TYR TYR A . n 
A 1 117 GLU 117 117 117 GLU GLU A . n 
A 1 118 ALA 118 118 118 ALA ALA A . n 
A 1 119 GLY 119 119 119 GLY GLY A . n 
A 1 120 PHE 120 120 120 PHE PHE A . n 
A 1 121 SER 121 121 121 SER SER A . n 
A 1 122 THR 122 122 122 THR THR A . n 
A 1 123 LEU 123 123 123 LEU LEU A . n 
A 1 124 GLY 124 124 124 GLY GLY A . n 
A 1 125 PHE 125 125 125 PHE PHE A . n 
A 1 126 GLU 126 126 126 GLU GLU A . n 
A 1 127 GLN 127 127 127 GLN GLN A . n 
A 1 128 SER 128 128 128 SER SER A . n 
A 1 129 HIS 129 129 129 HIS HIS A . n 
A 1 130 PHE 130 130 130 PHE PHE A . n 
A 1 131 GLU 131 131 131 GLU GLU A . n 
A 1 132 VAL 132 132 132 VAL VAL A . n 
A 1 133 MET 133 133 133 MET MET A . n 
A 1 134 LYS 134 134 134 LYS LYS A . n 
A 1 135 GLY 135 135 135 GLY GLY A . n 
A 1 136 ASN 136 136 136 ASN ASN A . n 
A 1 137 ASP 137 137 137 ASP ASP A . n 
A 1 138 LYS 138 138 138 LYS LYS A . n 
A 1 139 VAL 139 139 139 VAL VAL A . n 
A 1 140 HIS 140 140 140 HIS HIS A . n 
A 1 141 SER 141 141 141 SER SER A . n 
A 1 142 PHE 142 142 142 PHE PHE A . n 
A 1 143 HIS 143 143 143 HIS HIS A . n 
A 1 144 LEU 144 144 144 LEU LEU A . n 
A 1 145 LYS 145 145 145 LYS LYS A . n 
A 1 146 MET 146 146 146 MET MET A . n 
A 1 147 GLY 147 147 147 GLY GLY A . n 
A 1 148 ALA 148 148 148 ALA ALA A . n 
A 1 149 GLN 149 149 149 GLN GLN A . n 
A 1 150 LYS 150 150 150 LYS LYS A . n 
A 1 151 ILE 151 151 151 ILE ILE A . n 
A 1 152 SER 152 152 152 SER SER A . n 
A 1 153 GLU 153 153 153 GLU GLU A . n 
A 1 154 ASP 154 154 154 ASP ASP A . n 
A 1 155 ASP 155 155 155 ASP ASP A . n 
A 1 156 GLU 156 156 156 GLU GLU A . n 
A 1 157 ASN 157 157 157 ASN ASN A . n 
A 1 158 ILE 158 158 158 ILE ILE A . n 
A 1 159 TYR 159 159 159 TYR TYR A . n 
A 1 160 TYR 160 160 160 TYR TYR A . n 
A 1 161 ILE 161 161 161 ILE ILE A . n 
A 1 162 PHE 162 162 162 PHE PHE A . n 
A 1 163 PRO 163 163 163 PRO PRO A . n 
A 1 164 LYS 164 164 164 LYS LYS A . n 
A 1 165 SER 165 165 165 SER SER A . n 
A 1 166 LYS 166 166 166 LYS LYS A . n 
A 1 167 TYR 167 167 167 TYR TYR A . n 
A 1 168 LYS 168 168 168 LYS LYS A . n 
A 1 169 GLU 169 169 169 GLU GLU A . n 
A 1 170 ASN 170 170 170 ASN ASN A . n 
A 1 171 LYS 171 171 171 LYS LYS A . n 
A 1 172 ILE 172 172 172 ILE ILE A . n 
A 1 173 GLN 173 173 173 GLN GLN A . n 
A 1 174 TYR 174 174 174 TYR TYR A . n 
A 1 175 ALA 175 175 175 ALA ALA A . n 
A 1 176 ARG 176 176 176 ARG ARG A . n 
A 1 177 PHE 177 177 177 PHE PHE A . n 
A 1 178 LEU 178 178 178 LEU LEU A . n 
A 1 179 GLY 179 179 179 GLY GLY A . n 
A 1 180 LYS 180 180 ?   ?   ?   A . n 
A 1 181 LEU 181 181 ?   ?   ?   A . n 
A 1 182 GLU 182 182 ?   ?   ?   A . n 
A 1 183 HIS 183 183 ?   ?   ?   A . n 
A 1 184 HIS 184 184 ?   ?   ?   A . n 
A 1 185 HIS 185 185 ?   ?   ?   A . n 
A 1 186 HIS 186 186 ?   ?   ?   A . n 
A 1 187 HIS 187 187 ?   ?   ?   A . n 
A 1 188 HIS 188 188 ?   ?   ?   A . n 
# 
loop_
_pdbx_nonpoly_scheme.asym_id 
_pdbx_nonpoly_scheme.entity_id 
_pdbx_nonpoly_scheme.mon_id 
_pdbx_nonpoly_scheme.ndb_seq_num 
_pdbx_nonpoly_scheme.pdb_seq_num 
_pdbx_nonpoly_scheme.auth_seq_num 
_pdbx_nonpoly_scheme.pdb_mon_id 
_pdbx_nonpoly_scheme.auth_mon_id 
_pdbx_nonpoly_scheme.pdb_strand_id 
_pdbx_nonpoly_scheme.pdb_ins_code 
B 2 SO4 1  201 2   SO4 SO4 A . 
C 2 SO4 1  202 3   SO4 SO4 A . 
D 2 SO4 1  203 4   SO4 SO4 A . 
E 3 DMS 1  204 1   DMS DMS A . 
F 4 HOH 1  301 122 HOH HOH A . 
F 4 HOH 2  302 50  HOH HOH A . 
F 4 HOH 3  303 39  HOH HOH A . 
F 4 HOH 4  304 7   HOH HOH A . 
F 4 HOH 5  305 98  HOH HOH A . 
F 4 HOH 6  306 123 HOH HOH A . 
F 4 HOH 7  307 46  HOH HOH A . 
F 4 HOH 8  308 112 HOH HOH A . 
F 4 HOH 9  309 121 HOH HOH A . 
F 4 HOH 10 310 109 HOH HOH A . 
F 4 HOH 11 311 108 HOH HOH A . 
F 4 HOH 12 312 43  HOH HOH A . 
F 4 HOH 13 313 22  HOH HOH A . 
F 4 HOH 14 314 2   HOH HOH A . 
F 4 HOH 15 315 6   HOH HOH A . 
F 4 HOH 16 316 78  HOH HOH A . 
F 4 HOH 17 317 88  HOH HOH A . 
F 4 HOH 18 318 3   HOH HOH A . 
F 4 HOH 19 319 18  HOH HOH A . 
F 4 HOH 20 320 19  HOH HOH A . 
F 4 HOH 21 321 76  HOH HOH A . 
F 4 HOH 22 322 116 HOH HOH A . 
F 4 HOH 23 323 10  HOH HOH A . 
F 4 HOH 24 324 106 HOH HOH A . 
F 4 HOH 25 325 5   HOH HOH A . 
F 4 HOH 26 326 13  HOH HOH A . 
F 4 HOH 27 327 36  HOH HOH A . 
F 4 HOH 28 328 71  HOH HOH A . 
F 4 HOH 29 329 81  HOH HOH A . 
F 4 HOH 30 330 62  HOH HOH A . 
F 4 HOH 31 331 60  HOH HOH A . 
F 4 HOH 32 332 87  HOH HOH A . 
F 4 HOH 33 333 92  HOH HOH A . 
F 4 HOH 34 334 61  HOH HOH A . 
F 4 HOH 35 335 89  HOH HOH A . 
F 4 HOH 36 336 48  HOH HOH A . 
F 4 HOH 37 337 77  HOH HOH A . 
F 4 HOH 38 338 14  HOH HOH A . 
F 4 HOH 39 339 15  HOH HOH A . 
F 4 HOH 40 340 44  HOH HOH A . 
F 4 HOH 41 341 40  HOH HOH A . 
F 4 HOH 42 342 51  HOH HOH A . 
F 4 HOH 43 343 114 HOH HOH A . 
F 4 HOH 44 344 8   HOH HOH A . 
F 4 HOH 45 345 80  HOH HOH A . 
F 4 HOH 46 346 84  HOH HOH A . 
F 4 HOH 47 347 55  HOH HOH A . 
F 4 HOH 48 348 32  HOH HOH A . 
F 4 HOH 49 349 72  HOH HOH A . 
F 4 HOH 50 350 83  HOH HOH A . 
F 4 HOH 51 351 100 HOH HOH A . 
F 4 HOH 52 352 31  HOH HOH A . 
F 4 HOH 53 353 38  HOH HOH A . 
F 4 HOH 54 354 17  HOH HOH A . 
F 4 HOH 55 355 42  HOH HOH A . 
F 4 HOH 56 356 90  HOH HOH A . 
F 4 HOH 57 357 29  HOH HOH A . 
F 4 HOH 58 358 37  HOH HOH A . 
F 4 HOH 59 359 49  HOH HOH A . 
F 4 HOH 60 360 24  HOH HOH A . 
F 4 HOH 61 361 59  HOH HOH A . 
F 4 HOH 62 362 33  HOH HOH A . 
F 4 HOH 63 363 101 HOH HOH A . 
F 4 HOH 64 364 16  HOH HOH A . 
F 4 HOH 65 365 11  HOH HOH A . 
F 4 HOH 66 366 27  HOH HOH A . 
F 4 HOH 67 367 82  HOH HOH A . 
F 4 HOH 68 368 26  HOH HOH A . 
F 4 HOH 69 369 117 HOH HOH A . 
F 4 HOH 70 370 41  HOH HOH A . 
F 4 HOH 71 371 23  HOH HOH A . 
F 4 HOH 72 372 54  HOH HOH A . 
F 4 HOH 73 373 52  HOH HOH A . 
F 4 HOH 74 374 66  HOH HOH A . 
F 4 HOH 75 375 4   HOH HOH A . 
F 4 HOH 76 376 63  HOH HOH A . 
F 4 HOH 77 377 73  HOH HOH A . 
F 4 HOH 78 378 102 HOH HOH A . 
F 4 HOH 79 379 110 HOH HOH A . 
F 4 HOH 80 380 96  HOH HOH A . 
F 4 HOH 81 381 9   HOH HOH A . 
F 4 HOH 82 382 1   HOH HOH A . 
F 4 HOH 83 383 45  HOH HOH A . 
F 4 HOH 84 384 120 HOH HOH A . 
F 4 HOH 85 385 124 HOH HOH A . 
F 4 HOH 86 386 103 HOH HOH A . 
F 4 HOH 87 387 75  HOH HOH A . 
F 4 HOH 88 388 25  HOH HOH A . 
F 4 HOH 89 389 86  HOH HOH A . 
F 4 HOH 90 390 21  HOH HOH A . 
F 4 HOH 91 391 64  HOH HOH A . 
F 4 HOH 92 392 57  HOH HOH A . 
# 
loop_
_pdbx_unobs_or_zero_occ_atoms.id 
_pdbx_unobs_or_zero_occ_atoms.PDB_model_num 
_pdbx_unobs_or_zero_occ_atoms.polymer_flag 
_pdbx_unobs_or_zero_occ_atoms.occupancy_flag 
_pdbx_unobs_or_zero_occ_atoms.auth_asym_id 
_pdbx_unobs_or_zero_occ_atoms.auth_comp_id 
_pdbx_unobs_or_zero_occ_atoms.auth_seq_id 
_pdbx_unobs_or_zero_occ_atoms.PDB_ins_code 
_pdbx_unobs_or_zero_occ_atoms.auth_atom_id 
_pdbx_unobs_or_zero_occ_atoms.label_alt_id 
_pdbx_unobs_or_zero_occ_atoms.label_asym_id 
_pdbx_unobs_or_zero_occ_atoms.label_comp_id 
_pdbx_unobs_or_zero_occ_atoms.label_seq_id 
_pdbx_unobs_or_zero_occ_atoms.label_atom_id 
1 1 Y 1 A LYS 39 ? CG  ? A LYS 39 CG  
2 1 Y 1 A LYS 39 ? CD  ? A LYS 39 CD  
3 1 Y 1 A LYS 39 ? CE  ? A LYS 39 CE  
4 1 Y 1 A LYS 39 ? NZ  ? A LYS 39 NZ  
5 1 Y 1 A SER 40 ? OG  ? A SER 40 OG  
6 1 Y 1 A THR 41 ? OG1 ? A THR 41 OG1 
7 1 Y 1 A THR 41 ? CG2 ? A THR 41 CG2 
# 
loop_
_software.citation_id 
_software.classification 
_software.compiler_name 
_software.compiler_version 
_software.contact_author 
_software.contact_author_email 
_software.date 
_software.description 
_software.dependencies 
_software.hardware 
_software.language 
_software.location 
_software.mods 
_software.name 
_software.os 
_software.os_version 
_software.type 
_software.version 
_software.pdbx_ordinal 
? refinement       ? ? ? ? ? ? ? ? ? ? ? REFMAC ? ? ? 5.8.0135 1 
? 'data scaling'   ? ? ? ? ? ? ? ? ? ? ? SADABS ? ? ? 2005/1   2 
? 'data reduction' ? ? ? ? ? ? ? ? ? ? ? SAINT  ? ? ? 7.06A    3 
? phasing          ? ? ? ? ? ? ? ? ? ? ? PHASER ? ? ? .        4 
# 
_cell.angle_alpha                  90.00 
_cell.angle_alpha_esd              ? 
_cell.angle_beta                   90.00 
_cell.angle_beta_esd               ? 
_cell.angle_gamma                  120.00 
_cell.angle_gamma_esd              ? 
_cell.entry_id                     5KTA 
_cell.details                      ? 
_cell.formula_units_Z              ? 
_cell.length_a                     69.549 
_cell.length_a_esd                 ? 
_cell.length_b                     69.549 
_cell.length_b_esd                 ? 
_cell.length_c                     137.850 
_cell.length_c_esd                 ? 
_cell.volume                       ? 
_cell.volume_esd                   ? 
_cell.Z_PDB                        12 
_cell.reciprocal_angle_alpha       ? 
_cell.reciprocal_angle_beta        ? 
_cell.reciprocal_angle_gamma       ? 
_cell.reciprocal_angle_alpha_esd   ? 
_cell.reciprocal_angle_beta_esd    ? 
_cell.reciprocal_angle_gamma_esd   ? 
_cell.reciprocal_length_a          ? 
_cell.reciprocal_length_b          ? 
_cell.reciprocal_length_c          ? 
_cell.reciprocal_length_a_esd      ? 
_cell.reciprocal_length_b_esd      ? 
_cell.reciprocal_length_c_esd      ? 
_cell.pdbx_unique_axis             ? 
# 
_symmetry.entry_id                         5KTA 
_symmetry.cell_setting                     ? 
_symmetry.Int_Tables_number                182 
_symmetry.space_group_name_Hall            ? 
_symmetry.space_group_name_H-M             'P 63 2 2' 
_symmetry.pdbx_full_space_group_name_H-M   ? 
# 
_exptl.absorpt_coefficient_mu     ? 
_exptl.absorpt_correction_T_max   ? 
_exptl.absorpt_correction_T_min   ? 
_exptl.absorpt_correction_type    ? 
_exptl.absorpt_process_details    ? 
_exptl.entry_id                   5KTA 
_exptl.crystals_number            1 
_exptl.details                    ? 
_exptl.method                     'X-RAY DIFFRACTION' 
_exptl.method_details             ? 
# 
_exptl_crystal.colour                      ? 
_exptl_crystal.density_diffrn              ? 
_exptl_crystal.density_Matthews            2.29 
_exptl_crystal.density_method              ? 
_exptl_crystal.density_percent_sol         46.27 
_exptl_crystal.description                 ? 
_exptl_crystal.F_000                       ? 
_exptl_crystal.id                          1 
_exptl_crystal.preparation                 ? 
_exptl_crystal.size_max                    ? 
_exptl_crystal.size_mid                    ? 
_exptl_crystal.size_min                    ? 
_exptl_crystal.size_rad                    ? 
_exptl_crystal.colour_lustre               ? 
_exptl_crystal.colour_modifier             ? 
_exptl_crystal.colour_primary              ? 
_exptl_crystal.density_meas                ? 
_exptl_crystal.density_meas_esd            ? 
_exptl_crystal.density_meas_gt             ? 
_exptl_crystal.density_meas_lt             ? 
_exptl_crystal.density_meas_temp           ? 
_exptl_crystal.density_meas_temp_esd       ? 
_exptl_crystal.density_meas_temp_gt        ? 
_exptl_crystal.density_meas_temp_lt        ? 
_exptl_crystal.pdbx_crystal_image_url      ? 
_exptl_crystal.pdbx_crystal_image_format   ? 
_exptl_crystal.pdbx_mosaicity              ? 
_exptl_crystal.pdbx_mosaicity_esd          ? 
# 
_exptl_crystal_grow.apparatus       ? 
_exptl_crystal_grow.atmosphere      ? 
_exptl_crystal_grow.crystal_id      1 
_exptl_crystal_grow.details         ? 
_exptl_crystal_grow.method          'VAPOR DIFFUSION, HANGING DROP' 
_exptl_crystal_grow.method_ref      ? 
_exptl_crystal_grow.pH              8.5 
_exptl_crystal_grow.pressure        ? 
_exptl_crystal_grow.pressure_esd    ? 
_exptl_crystal_grow.seeding         ? 
_exptl_crystal_grow.seeding_ref     ? 
_exptl_crystal_grow.temp            293 
_exptl_crystal_grow.temp_details    ? 
_exptl_crystal_grow.temp_esd        ? 
_exptl_crystal_grow.time            ? 
_exptl_crystal_grow.pdbx_details    '2.5 M AmSo4, 2% DMSO, 100 mM HEPPS' 
_exptl_crystal_grow.pdbx_pH_range   ? 
# 
_diffrn.ambient_environment    ? 
_diffrn.ambient_temp           100 
_diffrn.ambient_temp_details   ? 
_diffrn.ambient_temp_esd       ? 
_diffrn.crystal_id             1 
_diffrn.crystal_support        ? 
_diffrn.crystal_treatment      ? 
_diffrn.details                ? 
_diffrn.id                     1 
_diffrn.ambient_pressure       ? 
_diffrn.ambient_pressure_esd   ? 
_diffrn.ambient_pressure_gt    ? 
_diffrn.ambient_pressure_lt    ? 
_diffrn.ambient_temp_gt        ? 
_diffrn.ambient_temp_lt        ? 
# 
_diffrn_detector.details                      ? 
_diffrn_detector.detector                     CCD 
_diffrn_detector.diffrn_id                    1 
_diffrn_detector.type                         'Bruker Platinum 135' 
_diffrn_detector.area_resol_mean              ? 
_diffrn_detector.dtime                        ? 
_diffrn_detector.pdbx_frames_total            ? 
_diffrn_detector.pdbx_collection_time_total   ? 
_diffrn_detector.pdbx_collection_date         2015-08-09 
# 
_diffrn_radiation.collimation                      ? 
_diffrn_radiation.diffrn_id                        1 
_diffrn_radiation.filter_edge                      ? 
_diffrn_radiation.inhomogeneity                    ? 
_diffrn_radiation.monochromator                    ? 
_diffrn_radiation.polarisn_norm                    ? 
_diffrn_radiation.polarisn_ratio                   ? 
_diffrn_radiation.probe                            ? 
_diffrn_radiation.type                             ? 
_diffrn_radiation.xray_symbol                      ? 
_diffrn_radiation.wavelength_id                    1 
_diffrn_radiation.pdbx_monochromatic_or_laue_m_l   M 
_diffrn_radiation.pdbx_wavelength_list             ? 
_diffrn_radiation.pdbx_wavelength                  ? 
_diffrn_radiation.pdbx_diffrn_protocol             'SINGLE WAVELENGTH' 
_diffrn_radiation.pdbx_analyzer                    ? 
_diffrn_radiation.pdbx_scattering_type             x-ray 
# 
_diffrn_radiation_wavelength.id           1 
_diffrn_radiation_wavelength.wavelength   1.5418 
_diffrn_radiation_wavelength.wt           1.0 
# 
_diffrn_source.current                     ? 
_diffrn_source.details                     ? 
_diffrn_source.diffrn_id                   1 
_diffrn_source.power                       ? 
_diffrn_source.size                        ? 
_diffrn_source.source                      'ROTATING ANODE' 
_diffrn_source.target                      ? 
_diffrn_source.type                        'RIGAKU RU200' 
_diffrn_source.voltage                     ? 
_diffrn_source.take-off_angle              ? 
_diffrn_source.pdbx_wavelength_list        1.5418 
_diffrn_source.pdbx_wavelength             ? 
_diffrn_source.pdbx_synchrotron_beamline   ? 
_diffrn_source.pdbx_synchrotron_site       ? 
# 
_reflns.B_iso_Wilson_estimate            ? 
_reflns.entry_id                         5KTA 
_reflns.data_reduction_details           ? 
_reflns.data_reduction_method            ? 
_reflns.d_resolution_high                1.89 
_reflns.d_resolution_low                 50.0 
_reflns.details                          ? 
_reflns.limit_h_max                      ? 
_reflns.limit_h_min                      ? 
_reflns.limit_k_max                      ? 
_reflns.limit_k_min                      ? 
_reflns.limit_l_max                      ? 
_reflns.limit_l_min                      ? 
_reflns.number_all                       ? 
_reflns.number_obs                       16130 
_reflns.observed_criterion               ? 
_reflns.observed_criterion_F_max         ? 
_reflns.observed_criterion_F_min         ? 
_reflns.observed_criterion_I_max         ? 
_reflns.observed_criterion_I_min         ? 
_reflns.observed_criterion_sigma_F       ? 
_reflns.observed_criterion_sigma_I       ? 
_reflns.percent_possible_obs             98.0 
_reflns.R_free_details                   ? 
_reflns.Rmerge_F_all                     ? 
_reflns.Rmerge_F_obs                     ? 
_reflns.Friedel_coverage                 ? 
_reflns.number_gt                        ? 
_reflns.threshold_expression             ? 
_reflns.pdbx_redundancy                  6.9 
_reflns.pdbx_Rmerge_I_obs                0.08 
_reflns.pdbx_Rmerge_I_all                ? 
_reflns.pdbx_Rsym_value                  ? 
_reflns.pdbx_netI_over_av_sigmaI         ? 
_reflns.pdbx_netI_over_sigmaI            17.1 
_reflns.pdbx_res_netI_over_av_sigmaI_2   ? 
_reflns.pdbx_res_netI_over_sigmaI_2      ? 
_reflns.pdbx_chi_squared                 ? 
_reflns.pdbx_scaling_rejects             ? 
_reflns.pdbx_d_res_high_opt              ? 
_reflns.pdbx_d_res_low_opt               ? 
_reflns.pdbx_d_res_opt_method            ? 
_reflns.phase_calculation_details        ? 
_reflns.pdbx_Rrim_I_all                  ? 
_reflns.pdbx_Rpim_I_all                  ? 
_reflns.pdbx_d_opt                       ? 
_reflns.pdbx_number_measured_all         ? 
_reflns.pdbx_diffrn_id                   1 
_reflns.pdbx_ordinal                     1 
_reflns.pdbx_CC_half                     ? 
_reflns.pdbx_R_split                     ? 
# 
_reflns_shell.d_res_high                  . 
_reflns_shell.d_res_low                   ? 
_reflns_shell.meanI_over_sigI_all         ? 
_reflns_shell.meanI_over_sigI_obs         ? 
_reflns_shell.number_measured_all         ? 
_reflns_shell.number_measured_obs         ? 
_reflns_shell.number_possible             ? 
_reflns_shell.number_unique_all           ? 
_reflns_shell.number_unique_obs           ? 
_reflns_shell.percent_possible_all        ? 
_reflns_shell.percent_possible_obs        ? 
_reflns_shell.Rmerge_F_all                ? 
_reflns_shell.Rmerge_F_obs                ? 
_reflns_shell.Rmerge_I_all                ? 
_reflns_shell.Rmerge_I_obs                ? 
_reflns_shell.meanI_over_sigI_gt          ? 
_reflns_shell.meanI_over_uI_all           ? 
_reflns_shell.meanI_over_uI_gt            ? 
_reflns_shell.number_measured_gt          ? 
_reflns_shell.number_unique_gt            ? 
_reflns_shell.percent_possible_gt         ? 
_reflns_shell.Rmerge_F_gt                 ? 
_reflns_shell.Rmerge_I_gt                 ? 
_reflns_shell.pdbx_redundancy             ? 
_reflns_shell.pdbx_Rsym_value             ? 
_reflns_shell.pdbx_chi_squared            ? 
_reflns_shell.pdbx_netI_over_sigmaI_all   ? 
_reflns_shell.pdbx_netI_over_sigmaI_obs   ? 
_reflns_shell.pdbx_Rrim_I_all             ? 
_reflns_shell.pdbx_Rpim_I_all             ? 
_reflns_shell.pdbx_rejects                ? 
_reflns_shell.pdbx_ordinal                1 
_reflns_shell.pdbx_diffrn_id              1 
_reflns_shell.pdbx_CC_half                ? 
_reflns_shell.pdbx_R_split                ? 
# 
_refine.aniso_B[1][1]                            0.25 
_refine.aniso_B[1][2]                            0.13 
_refine.aniso_B[1][3]                            0.00 
_refine.aniso_B[2][2]                            0.25 
_refine.aniso_B[2][3]                            0.00 
_refine.aniso_B[3][3]                            -0.81 
_refine.B_iso_max                                ? 
_refine.B_iso_mean                               24.496 
_refine.B_iso_min                                ? 
_refine.correlation_coeff_Fo_to_Fc               0.944 
_refine.correlation_coeff_Fo_to_Fc_free          0.914 
_refine.details                                  'HYDROGENS HAVE BEEN ADDED IN THE RIDING POSITIONS' 
_refine.diff_density_max                         ? 
_refine.diff_density_max_esd                     ? 
_refine.diff_density_min                         ? 
_refine.diff_density_min_esd                     ? 
_refine.diff_density_rms                         ? 
_refine.diff_density_rms_esd                     ? 
_refine.entry_id                                 5KTA 
_refine.pdbx_refine_id                           'X-RAY DIFFRACTION' 
_refine.ls_abs_structure_details                 ? 
_refine.ls_abs_structure_Flack                   ? 
_refine.ls_abs_structure_Flack_esd               ? 
_refine.ls_abs_structure_Rogers                  ? 
_refine.ls_abs_structure_Rogers_esd              ? 
_refine.ls_d_res_high                            1.89 
_refine.ls_d_res_low                             50.0 
_refine.ls_extinction_coef                       ? 
_refine.ls_extinction_coef_esd                   ? 
_refine.ls_extinction_expression                 ? 
_refine.ls_extinction_method                     ? 
_refine.ls_goodness_of_fit_all                   ? 
_refine.ls_goodness_of_fit_all_esd               ? 
_refine.ls_goodness_of_fit_obs                   ? 
_refine.ls_goodness_of_fit_obs_esd               ? 
_refine.ls_hydrogen_treatment                    ? 
_refine.ls_matrix_type                           ? 
_refine.ls_number_constraints                    ? 
_refine.ls_number_parameters                     ? 
_refine.ls_number_reflns_all                     ? 
_refine.ls_number_reflns_obs                     15290 
_refine.ls_number_reflns_R_free                  817 
_refine.ls_number_reflns_R_work                  ? 
_refine.ls_number_restraints                     ? 
_refine.ls_percent_reflns_obs                    98.01 
_refine.ls_percent_reflns_R_free                 5.1 
_refine.ls_R_factor_all                          ? 
_refine.ls_R_factor_obs                          0.19762 
_refine.ls_R_factor_R_free                       0.25810 
_refine.ls_R_factor_R_free_error                 ? 
_refine.ls_R_factor_R_free_error_details         ? 
_refine.ls_R_factor_R_work                       0.19460 
_refine.ls_R_Fsqd_factor_obs                     ? 
_refine.ls_R_I_factor_obs                        ? 
_refine.ls_redundancy_reflns_all                 ? 
_refine.ls_redundancy_reflns_obs                 ? 
_refine.ls_restrained_S_all                      ? 
_refine.ls_restrained_S_obs                      ? 
_refine.ls_shift_over_esd_max                    ? 
_refine.ls_shift_over_esd_mean                   ? 
_refine.ls_structure_factor_coef                 ? 
_refine.ls_weighting_details                     ? 
_refine.ls_weighting_scheme                      ? 
_refine.ls_wR_factor_all                         ? 
_refine.ls_wR_factor_obs                         ? 
_refine.ls_wR_factor_R_free                      ? 
_refine.ls_wR_factor_R_work                      ? 
_refine.occupancy_max                            ? 
_refine.occupancy_min                            ? 
_refine.solvent_model_details                    ? 
_refine.solvent_model_param_bsol                 ? 
_refine.solvent_model_param_ksol                 ? 
_refine.ls_R_factor_gt                           ? 
_refine.ls_goodness_of_fit_gt                    ? 
_refine.ls_goodness_of_fit_ref                   ? 
_refine.ls_shift_over_su_max                     ? 
_refine.ls_shift_over_su_max_lt                  ? 
_refine.ls_shift_over_su_mean                    ? 
_refine.ls_shift_over_su_mean_lt                 ? 
_refine.pdbx_ls_sigma_I                          ? 
_refine.pdbx_ls_sigma_F                          ? 
_refine.pdbx_ls_sigma_Fsqd                       ? 
_refine.pdbx_data_cutoff_high_absF               ? 
_refine.pdbx_data_cutoff_high_rms_absF           ? 
_refine.pdbx_data_cutoff_low_absF                ? 
_refine.pdbx_isotropic_thermal_model             ? 
_refine.pdbx_ls_cross_valid_method               THROUGHOUT 
_refine.pdbx_method_to_determine_struct          'MOLECULAR REPLACEMENT' 
_refine.pdbx_starting_model                      'Lab Model from SAD' 
_refine.pdbx_stereochemistry_target_values       ? 
_refine.pdbx_R_Free_selection_details            RANDOM 
_refine.pdbx_stereochem_target_val_spec_case     ? 
_refine.pdbx_overall_ESU_R                       0.160 
_refine.pdbx_overall_ESU_R_Free                  0.162 
_refine.pdbx_solvent_vdw_probe_radii             1.20 
_refine.pdbx_solvent_ion_probe_radii             0.80 
_refine.pdbx_solvent_shrinkage_radii             0.80 
_refine.pdbx_real_space_R                        ? 
_refine.pdbx_density_correlation                 ? 
_refine.pdbx_pd_number_of_powder_patterns        ? 
_refine.pdbx_pd_number_of_points                 ? 
_refine.pdbx_pd_meas_number_of_points            ? 
_refine.pdbx_pd_proc_ls_prof_R_factor            ? 
_refine.pdbx_pd_proc_ls_prof_wR_factor           ? 
_refine.pdbx_pd_Marquardt_correlation_coeff      ? 
_refine.pdbx_pd_Fsqrd_R_factor                   ? 
_refine.pdbx_pd_ls_matrix_band_width             ? 
_refine.pdbx_overall_phase_error                 ? 
_refine.pdbx_overall_SU_R_free_Cruickshank_DPI   ? 
_refine.pdbx_overall_SU_R_free_Blow_DPI          ? 
_refine.pdbx_overall_SU_R_Blow_DPI               ? 
_refine.pdbx_TLS_residual_ADP_flag               ? 
_refine.pdbx_diffrn_id                           1 
_refine.overall_SU_B                             3.541 
_refine.overall_SU_ML                            0.104 
_refine.overall_SU_R_Cruickshank_DPI             ? 
_refine.overall_SU_R_free                        ? 
_refine.overall_FOM_free_R_set                   ? 
_refine.overall_FOM_work_R_set                   ? 
_refine.pdbx_average_fsc_overall                 ? 
_refine.pdbx_average_fsc_work                    ? 
_refine.pdbx_average_fsc_free                    ? 
# 
_refine_hist.pdbx_refine_id                   'X-RAY DIFFRACTION' 
_refine_hist.cycle_id                         1 
_refine_hist.pdbx_number_atoms_protein        1478 
_refine_hist.pdbx_number_atoms_nucleic_acid   0 
_refine_hist.pdbx_number_atoms_ligand         19 
_refine_hist.number_atoms_solvent             92 
_refine_hist.number_atoms_total               1589 
_refine_hist.d_res_high                       1.89 
_refine_hist.d_res_low                        50.0 
# 
loop_
_refine_ls_restr.pdbx_refine_id 
_refine_ls_restr.criterion 
_refine_ls_restr.dev_ideal 
_refine_ls_restr.dev_ideal_target 
_refine_ls_restr.number 
_refine_ls_restr.rejects 
_refine_ls_restr.type 
_refine_ls_restr.weight 
_refine_ls_restr.pdbx_restraint_function 
'X-RAY DIFFRACTION' ? 0.018  0.019  1540 ? r_bond_refined_d             ? ? 
'X-RAY DIFFRACTION' ? 0.002  0.020  1397 ? r_bond_other_d               ? ? 
'X-RAY DIFFRACTION' ? 1.846  1.935  2079 ? r_angle_refined_deg          ? ? 
'X-RAY DIFFRACTION' ? 1.064  3.000  3211 ? r_angle_other_deg            ? ? 
'X-RAY DIFFRACTION' ? 6.321  5.000  181  ? r_dihedral_angle_1_deg       ? ? 
'X-RAY DIFFRACTION' ? 36.478 24.651 86   ? r_dihedral_angle_2_deg       ? ? 
'X-RAY DIFFRACTION' ? 16.626 15.000 262  ? r_dihedral_angle_3_deg       ? ? 
'X-RAY DIFFRACTION' ? 20.337 15.000 7    ? r_dihedral_angle_4_deg       ? ? 
'X-RAY DIFFRACTION' ? 0.128  0.200  213  ? r_chiral_restr               ? ? 
'X-RAY DIFFRACTION' ? 0.009  0.020  1759 ? r_gen_planes_refined         ? ? 
'X-RAY DIFFRACTION' ? 0.002  0.020  394  ? r_gen_planes_other           ? ? 
'X-RAY DIFFRACTION' ? ?      ?      ?    ? r_nbd_refined                ? ? 
'X-RAY DIFFRACTION' ? ?      ?      ?    ? r_nbd_other                  ? ? 
'X-RAY DIFFRACTION' ? ?      ?      ?    ? r_nbtor_refined              ? ? 
'X-RAY DIFFRACTION' ? ?      ?      ?    ? r_nbtor_other                ? ? 
'X-RAY DIFFRACTION' ? ?      ?      ?    ? r_xyhbond_nbd_refined        ? ? 
'X-RAY DIFFRACTION' ? ?      ?      ?    ? r_xyhbond_nbd_other          ? ? 
'X-RAY DIFFRACTION' ? ?      ?      ?    ? r_metal_ion_refined          ? ? 
'X-RAY DIFFRACTION' ? ?      ?      ?    ? r_metal_ion_other            ? ? 
'X-RAY DIFFRACTION' ? ?      ?      ?    ? r_symmetry_vdw_refined       ? ? 
'X-RAY DIFFRACTION' ? ?      ?      ?    ? r_symmetry_vdw_other         ? ? 
'X-RAY DIFFRACTION' ? ?      ?      ?    ? r_symmetry_hbond_refined     ? ? 
'X-RAY DIFFRACTION' ? ?      ?      ?    ? r_symmetry_hbond_other       ? ? 
'X-RAY DIFFRACTION' ? ?      ?      ?    ? r_symmetry_metal_ion_refined ? ? 
'X-RAY DIFFRACTION' ? ?      ?      ?    ? r_symmetry_metal_ion_other   ? ? 
'X-RAY DIFFRACTION' ? 2.252  2.209  715  ? r_mcbond_it                  ? ? 
'X-RAY DIFFRACTION' ? 2.217  2.205  714  ? r_mcbond_other               ? ? 
'X-RAY DIFFRACTION' ? 3.343  3.293  893  ? r_mcangle_it                 ? ? 
'X-RAY DIFFRACTION' ? 3.342  3.295  894  ? r_mcangle_other              ? ? 
'X-RAY DIFFRACTION' ? 3.144  2.514  825  ? r_scbond_it                  ? ? 
'X-RAY DIFFRACTION' ? 3.142  2.515  826  ? r_scbond_other               ? ? 
'X-RAY DIFFRACTION' ? ?      ?      ?    ? r_scangle_it                 ? ? 
'X-RAY DIFFRACTION' ? 4.841  3.622  1185 ? r_scangle_other              ? ? 
'X-RAY DIFFRACTION' ? 6.370  17.657 1797 ? r_long_range_B_refined       ? ? 
'X-RAY DIFFRACTION' ? 6.369  17.667 1798 ? r_long_range_B_other         ? ? 
'X-RAY DIFFRACTION' ? ?      ?      ?    ? r_rigid_bond_restr           ? ? 
'X-RAY DIFFRACTION' ? ?      ?      ?    ? r_sphericity_free            ? ? 
'X-RAY DIFFRACTION' ? ?      ?      ?    ? r_sphericity_bonded          ? ? 
# 
_refine_ls_shell.pdbx_refine_id                   'X-RAY DIFFRACTION' 
_refine_ls_shell.d_res_high                       1.894 
_refine_ls_shell.d_res_low                        1.943 
_refine_ls_shell.number_reflns_all                ? 
_refine_ls_shell.number_reflns_obs                ? 
_refine_ls_shell.number_reflns_R_free             75 
_refine_ls_shell.number_reflns_R_work             1021 
_refine_ls_shell.percent_reflns_obs               92.33 
_refine_ls_shell.percent_reflns_R_free            ? 
_refine_ls_shell.R_factor_all                     ? 
_refine_ls_shell.R_factor_obs                     ? 
_refine_ls_shell.R_factor_R_free                  0.370 
_refine_ls_shell.R_factor_R_free_error            ? 
_refine_ls_shell.R_factor_R_work                  0.253 
_refine_ls_shell.redundancy_reflns_all            ? 
_refine_ls_shell.redundancy_reflns_obs            ? 
_refine_ls_shell.wR_factor_all                    ? 
_refine_ls_shell.wR_factor_obs                    ? 
_refine_ls_shell.wR_factor_R_free                 ? 
_refine_ls_shell.wR_factor_R_work                 ? 
_refine_ls_shell.pdbx_total_number_of_bins_used   20 
_refine_ls_shell.pdbx_phase_error                 ? 
_refine_ls_shell.pdbx_fsc_work                    ? 
_refine_ls_shell.pdbx_fsc_free                    ? 
# 
_struct.entry_id                     5KTA 
_struct.title                        'Apo FdhC- a nucleotide-linked sugar GNAT' 
_struct.pdbx_model_details           ? 
_struct.pdbx_formula_weight          ? 
_struct.pdbx_formula_weight_method   ? 
_struct.pdbx_model_type_details      ? 
_struct.pdbx_CASP_flag               N 
# 
_struct_keywords.entry_id        5KTA 
_struct_keywords.text            'GNAT, sugar, O-antigen, TRANSFERASE' 
_struct_keywords.pdbx_keywords   TRANSFERASE 
# 
loop_
_struct_asym.id 
_struct_asym.pdbx_blank_PDB_chainid_flag 
_struct_asym.pdbx_modified 
_struct_asym.entity_id 
_struct_asym.details 
A N N 1 ? 
B N N 2 ? 
C N N 2 ? 
D N N 2 ? 
E N N 3 ? 
F N N 4 ? 
# 
_struct_ref.id                         1 
_struct_ref.db_name                    UNP 
_struct_ref.db_code                    V5RDR9_9GAMM 
_struct_ref.pdbx_db_accession          V5RDR9 
_struct_ref.pdbx_db_isoform            ? 
_struct_ref.entity_id                  1 
_struct_ref.pdbx_seq_one_letter_code   
;MVNFNLKANTTYLRLVEENDAEFICTLRNNDKLNTYISKSTGDIKSQAEWIRNYKNRENNGEEYYFIIFRSDDQSPIGTV
RLYDFHENPKSFCWGSWILNEHKTKYAAVESALLVYEAGFSTLGFEQSHFEVMKGNDKVHSFHLKMGAQKISEDDENIYY
IFPKSKYKENKIQYARFLGK
;
_struct_ref.pdbx_align_begin           1 
# 
_struct_ref_seq.align_id                      1 
_struct_ref_seq.ref_id                        1 
_struct_ref_seq.pdbx_PDB_id_code              5KTA 
_struct_ref_seq.pdbx_strand_id                A 
_struct_ref_seq.seq_align_beg                 1 
_struct_ref_seq.pdbx_seq_align_beg_ins_code   ? 
_struct_ref_seq.seq_align_end                 180 
_struct_ref_seq.pdbx_seq_align_end_ins_code   ? 
_struct_ref_seq.pdbx_db_accession             V5RDR9 
_struct_ref_seq.db_align_beg                  1 
_struct_ref_seq.pdbx_db_align_beg_ins_code    ? 
_struct_ref_seq.db_align_end                  180 
_struct_ref_seq.pdbx_db_align_end_ins_code    ? 
_struct_ref_seq.pdbx_auth_seq_align_beg       1 
_struct_ref_seq.pdbx_auth_seq_align_end       180 
# 
loop_
_struct_ref_seq_dif.align_id 
_struct_ref_seq_dif.pdbx_pdb_id_code 
_struct_ref_seq_dif.mon_id 
_struct_ref_seq_dif.pdbx_pdb_strand_id 
_struct_ref_seq_dif.seq_num 
_struct_ref_seq_dif.pdbx_pdb_ins_code 
_struct_ref_seq_dif.pdbx_seq_db_name 
_struct_ref_seq_dif.pdbx_seq_db_accession_code 
_struct_ref_seq_dif.db_mon_id 
_struct_ref_seq_dif.pdbx_seq_db_seq_num 
_struct_ref_seq_dif.details 
_struct_ref_seq_dif.pdbx_auth_seq_num 
_struct_ref_seq_dif.pdbx_ordinal 
1 5KTA LEU A 181 ? UNP V5RDR9 ? ? 'expression tag' 181 1 
1 5KTA GLU A 182 ? UNP V5RDR9 ? ? 'expression tag' 182 2 
1 5KTA HIS A 183 ? UNP V5RDR9 ? ? 'expression tag' 183 3 
1 5KTA HIS A 184 ? UNP V5RDR9 ? ? 'expression tag' 184 4 
1 5KTA HIS A 185 ? UNP V5RDR9 ? ? 'expression tag' 185 5 
1 5KTA HIS A 186 ? UNP V5RDR9 ? ? 'expression tag' 186 6 
1 5KTA HIS A 187 ? UNP V5RDR9 ? ? 'expression tag' 187 7 
1 5KTA HIS A 188 ? UNP V5RDR9 ? ? 'expression tag' 188 8 
# 
_pdbx_struct_assembly.id                   1 
_pdbx_struct_assembly.details              author_and_software_defined_assembly 
_pdbx_struct_assembly.method_details       PISA 
_pdbx_struct_assembly.oligomeric_details   monomeric 
_pdbx_struct_assembly.oligomeric_count     1 
# 
_pdbx_struct_assembly_gen.assembly_id       1 
_pdbx_struct_assembly_gen.oper_expression   1 
_pdbx_struct_assembly_gen.asym_id_list      A,B,C,D,E,F 
# 
_pdbx_struct_oper_list.id                   1 
_pdbx_struct_oper_list.type                 'identity operation' 
_pdbx_struct_oper_list.name                 1_555 
_pdbx_struct_oper_list.symmetry_operation   x,y,z 
_pdbx_struct_oper_list.matrix[1][1]         1.0000000000 
_pdbx_struct_oper_list.matrix[1][2]         0.0000000000 
_pdbx_struct_oper_list.matrix[1][3]         0.0000000000 
_pdbx_struct_oper_list.vector[1]            0.0000000000 
_pdbx_struct_oper_list.matrix[2][1]         0.0000000000 
_pdbx_struct_oper_list.matrix[2][2]         1.0000000000 
_pdbx_struct_oper_list.matrix[2][3]         0.0000000000 
_pdbx_struct_oper_list.vector[2]            0.0000000000 
_pdbx_struct_oper_list.matrix[3][1]         0.0000000000 
_pdbx_struct_oper_list.matrix[3][2]         0.0000000000 
_pdbx_struct_oper_list.matrix[3][3]         1.0000000000 
_pdbx_struct_oper_list.vector[3]            0.0000000000 
# 
loop_
_struct_conf.conf_type_id 
_struct_conf.id 
_struct_conf.pdbx_PDB_helix_id 
_struct_conf.beg_label_comp_id 
_struct_conf.beg_label_asym_id 
_struct_conf.beg_label_seq_id 
_struct_conf.pdbx_beg_PDB_ins_code 
_struct_conf.end_label_comp_id 
_struct_conf.end_label_asym_id 
_struct_conf.end_label_seq_id 
_struct_conf.pdbx_end_PDB_ins_code 
_struct_conf.beg_auth_comp_id 
_struct_conf.beg_auth_asym_id 
_struct_conf.beg_auth_seq_id 
_struct_conf.end_auth_comp_id 
_struct_conf.end_auth_asym_id 
_struct_conf.end_auth_seq_id 
_struct_conf.pdbx_PDB_helix_class 
_struct_conf.details 
_struct_conf.pdbx_PDB_helix_length 
HELX_P HELX_P1 AA1 GLU A 17  ? ASN A 19  ? GLU A 17  ASN A 19  5 ? 3  
HELX_P HELX_P2 AA2 ASP A 20  ? LEU A 33  ? ASP A 20  LEU A 33  1 ? 14 
HELX_P HELX_P3 AA3 ASP A 43  ? ASN A 60  ? ASP A 43  ASN A 60  1 ? 18 
HELX_P HELX_P4 AA4 TYR A 106 ? SER A 121 ? TYR A 106 SER A 121 1 ? 16 
HELX_P HELX_P5 AA5 ASN A 136 ? GLY A 147 ? ASN A 136 GLY A 147 1 ? 12 
HELX_P HELX_P6 AA6 LYS A 164 ? TYR A 174 ? LYS A 164 TYR A 174 1 ? 11 
HELX_P HELX_P7 AA7 TYR A 174 ? GLY A 179 ? TYR A 174 GLY A 179 1 ? 6  
# 
_struct_conf_type.id          HELX_P 
_struct_conf_type.criteria    ? 
_struct_conf_type.reference   ? 
# 
loop_
_struct_conn.id 
_struct_conn.conn_type_id 
_struct_conn.pdbx_leaving_atom_flag 
_struct_conn.pdbx_PDB_id 
_struct_conn.ptnr1_label_asym_id 
_struct_conn.ptnr1_label_comp_id 
_struct_conn.ptnr1_label_seq_id 
_struct_conn.ptnr1_label_atom_id 
_struct_conn.pdbx_ptnr1_label_alt_id 
_struct_conn.pdbx_ptnr1_PDB_ins_code 
_struct_conn.pdbx_ptnr1_standard_comp_id 
_struct_conn.ptnr1_symmetry 
_struct_conn.ptnr2_label_asym_id 
_struct_conn.ptnr2_label_comp_id 
_struct_conn.ptnr2_label_seq_id 
_struct_conn.ptnr2_label_atom_id 
_struct_conn.pdbx_ptnr2_label_alt_id 
_struct_conn.pdbx_ptnr2_PDB_ins_code 
_struct_conn.ptnr1_auth_asym_id 
_struct_conn.ptnr1_auth_comp_id 
_struct_conn.ptnr1_auth_seq_id 
_struct_conn.ptnr2_auth_asym_id 
_struct_conn.ptnr2_auth_comp_id 
_struct_conn.ptnr2_auth_seq_id 
_struct_conn.ptnr2_symmetry 
_struct_conn.pdbx_ptnr3_label_atom_id 
_struct_conn.pdbx_ptnr3_label_seq_id 
_struct_conn.pdbx_ptnr3_label_comp_id 
_struct_conn.pdbx_ptnr3_label_asym_id 
_struct_conn.pdbx_ptnr3_label_alt_id 
_struct_conn.pdbx_ptnr3_PDB_ins_code 
_struct_conn.details 
_struct_conn.pdbx_dist_value 
_struct_conn.pdbx_value_order 
_struct_conn.pdbx_role 
covale1 covale both ? A ILE 24 C ? ? ? 1_555 A CSX 25 N ? ? A ILE 24 A CSX 25 1_555 ? ? ? ? ? ? ? 1.333 ? ? 
covale2 covale both ? A CSX 25 C ? ? ? 1_555 A THR 26 N ? ? A CSX 25 A THR 26 1_555 ? ? ? ? ? ? ? 1.314 ? ? 
covale3 covale both ? A PHE 92 C ? ? ? 1_555 A CSX 93 N ? ? A PHE 92 A CSX 93 1_555 ? ? ? ? ? ? ? 1.326 ? ? 
covale4 covale both ? A CSX 93 C ? ? ? 1_555 A TRP 94 N ? ? A CSX 93 A TRP 94 1_555 ? ? ? ? ? ? ? 1.307 ? ? 
# 
_struct_conn_type.id          covale 
_struct_conn_type.criteria    ? 
_struct_conn_type.reference   ? 
# 
_struct_mon_prot_cis.pdbx_id                1 
_struct_mon_prot_cis.label_comp_id          ASN 
_struct_mon_prot_cis.label_seq_id           88 
_struct_mon_prot_cis.label_asym_id          A 
_struct_mon_prot_cis.label_alt_id           . 
_struct_mon_prot_cis.pdbx_PDB_ins_code      ? 
_struct_mon_prot_cis.auth_comp_id           ASN 
_struct_mon_prot_cis.auth_seq_id            88 
_struct_mon_prot_cis.auth_asym_id           A 
_struct_mon_prot_cis.pdbx_label_comp_id_2   PRO 
_struct_mon_prot_cis.pdbx_label_seq_id_2    89 
_struct_mon_prot_cis.pdbx_label_asym_id_2   A 
_struct_mon_prot_cis.pdbx_PDB_ins_code_2    ? 
_struct_mon_prot_cis.pdbx_auth_comp_id_2    PRO 
_struct_mon_prot_cis.pdbx_auth_seq_id_2     89 
_struct_mon_prot_cis.pdbx_auth_asym_id_2    A 
_struct_mon_prot_cis.pdbx_PDB_model_num     1 
_struct_mon_prot_cis.pdbx_omega_angle       3.84 
# 
_struct_sheet.id               AA1 
_struct_sheet.type             ? 
_struct_sheet.number_strands   8 
_struct_sheet.details          ? 
# 
loop_
_struct_sheet_order.sheet_id 
_struct_sheet_order.range_id_1 
_struct_sheet_order.range_id_2 
_struct_sheet_order.offset 
_struct_sheet_order.sense 
AA1 1 2 ? anti-parallel 
AA1 2 3 ? anti-parallel 
AA1 3 4 ? anti-parallel 
AA1 4 5 ? anti-parallel 
AA1 5 6 ? parallel      
AA1 6 7 ? anti-parallel 
AA1 7 8 ? anti-parallel 
# 
loop_
_struct_sheet_range.sheet_id 
_struct_sheet_range.id 
_struct_sheet_range.beg_label_comp_id 
_struct_sheet_range.beg_label_asym_id 
_struct_sheet_range.beg_label_seq_id 
_struct_sheet_range.pdbx_beg_PDB_ins_code 
_struct_sheet_range.end_label_comp_id 
_struct_sheet_range.end_label_asym_id 
_struct_sheet_range.end_label_seq_id 
_struct_sheet_range.pdbx_end_PDB_ins_code 
_struct_sheet_range.beg_auth_comp_id 
_struct_sheet_range.beg_auth_asym_id 
_struct_sheet_range.beg_auth_seq_id 
_struct_sheet_range.end_auth_comp_id 
_struct_sheet_range.end_auth_asym_id 
_struct_sheet_range.end_auth_seq_id 
AA1 1 LEU A 6   ? LYS A 7   ? LEU A 6   LYS A 7   
AA1 2 THR A 11  ? LEU A 15  ? THR A 11  LEU A 15  
AA1 3 TYR A 64  ? ARG A 70  ? TYR A 64  ARG A 70  
AA1 4 PRO A 76  ? HIS A 86  ? PRO A 76  HIS A 86  
AA1 5 SER A 91  ? LEU A 99  ? SER A 91  LEU A 99  
AA1 6 GLN A 127 ? MET A 133 ? GLN A 127 MET A 133 
AA1 7 ASN A 157 ? PRO A 163 ? ASN A 157 PRO A 163 
AA1 8 GLN A 149 ? GLU A 153 ? GLN A 149 GLU A 153 
# 
loop_
_pdbx_struct_sheet_hbond.sheet_id 
_pdbx_struct_sheet_hbond.range_id_1 
_pdbx_struct_sheet_hbond.range_id_2 
_pdbx_struct_sheet_hbond.range_1_label_atom_id 
_pdbx_struct_sheet_hbond.range_1_label_comp_id 
_pdbx_struct_sheet_hbond.range_1_label_asym_id 
_pdbx_struct_sheet_hbond.range_1_label_seq_id 
_pdbx_struct_sheet_hbond.range_1_PDB_ins_code 
_pdbx_struct_sheet_hbond.range_1_auth_atom_id 
_pdbx_struct_sheet_hbond.range_1_auth_comp_id 
_pdbx_struct_sheet_hbond.range_1_auth_asym_id 
_pdbx_struct_sheet_hbond.range_1_auth_seq_id 
_pdbx_struct_sheet_hbond.range_2_label_atom_id 
_pdbx_struct_sheet_hbond.range_2_label_comp_id 
_pdbx_struct_sheet_hbond.range_2_label_asym_id 
_pdbx_struct_sheet_hbond.range_2_label_seq_id 
_pdbx_struct_sheet_hbond.range_2_PDB_ins_code 
_pdbx_struct_sheet_hbond.range_2_auth_atom_id 
_pdbx_struct_sheet_hbond.range_2_auth_comp_id 
_pdbx_struct_sheet_hbond.range_2_auth_asym_id 
_pdbx_struct_sheet_hbond.range_2_auth_seq_id 
AA1 1 2 N LEU A 6   ? N LEU A 6   O LEU A 13  ? O LEU A 13  
AA1 2 3 N TYR A 12  ? N TYR A 12  O PHE A 69  ? O PHE A 69  
AA1 3 4 N ILE A 68  ? N ILE A 68  O ILE A 77  ? O ILE A 77  
AA1 4 5 N TYR A 83  ? N TYR A 83  O CSX A 93  ? O CSX A 93  
AA1 5 6 N PHE A 92  ? N PHE A 92  O HIS A 129 ? O HIS A 129 
AA1 6 7 N PHE A 130 ? N PHE A 130 O TYR A 160 ? O TYR A 160 
AA1 7 8 O TYR A 159 ? O TYR A 159 N ILE A 151 ? N ILE A 151 
# 
loop_
_struct_site.id 
_struct_site.pdbx_evidence_code 
_struct_site.pdbx_auth_asym_id 
_struct_site.pdbx_auth_comp_id 
_struct_site.pdbx_auth_seq_id 
_struct_site.pdbx_auth_ins_code 
_struct_site.pdbx_num_residues 
_struct_site.details 
AC1 Software A SO4 201 ? 7  'binding site for residue SO4 A 201' 
AC2 Software A SO4 202 ? 3  'binding site for residue SO4 A 202' 
AC3 Software A SO4 203 ? 10 'binding site for residue SO4 A 203' 
AC4 Software A DMS 204 ? 4  'binding site for residue DMS A 204' 
# 
loop_
_struct_site_gen.id 
_struct_site_gen.site_id 
_struct_site_gen.pdbx_num_res 
_struct_site_gen.label_comp_id 
_struct_site_gen.label_asym_id 
_struct_site_gen.label_seq_id 
_struct_site_gen.pdbx_auth_ins_code 
_struct_site_gen.auth_comp_id 
_struct_site_gen.auth_asym_id 
_struct_site_gen.auth_seq_id 
_struct_site_gen.label_atom_id 
_struct_site_gen.label_alt_id 
_struct_site_gen.symmetry 
_struct_site_gen.details 
1  AC1 7  TRP A 94  ? TRP A 94  . ? 1_555  ? 
2  AC1 7  TRP A 97  ? TRP A 97  . ? 1_555  ? 
3  AC1 7  PHE A 130 ? PHE A 130 . ? 1_555  ? 
4  AC1 7  GLU A 131 ? GLU A 131 . ? 1_555  ? 
5  AC1 7  VAL A 139 ? VAL A 139 . ? 1_555  ? 
6  AC1 7  HIS A 143 ? HIS A 143 . ? 1_555  ? 
7  AC1 7  HOH F .   ? HOH A 346 . ? 1_555  ? 
8  AC2 3  ARG A 28  ? ARG A 28  . ? 1_555  ? 
9  AC2 3  SER A 96  ? SER A 96  . ? 1_555  ? 
10 AC2 3  HOH F .   ? HOH A 350 . ? 1_555  ? 
11 AC3 10 ARG A 70  ? ARG A 70  . ? 1_555  ? 
12 AC3 10 ARG A 70  ? ARG A 70  . ? 12_565 ? 
13 AC3 10 LYS A 103 ? LYS A 103 . ? 1_555  ? 
14 AC3 10 LYS A 103 ? LYS A 103 . ? 12_565 ? 
15 AC3 10 THR A 104 ? THR A 104 . ? 12_565 ? 
16 AC3 10 THR A 104 ? THR A 104 . ? 1_555  ? 
17 AC3 10 LYS A 105 ? LYS A 105 . ? 12_565 ? 
18 AC3 10 LYS A 105 ? LYS A 105 . ? 1_555  ? 
19 AC3 10 HOH F .   ? HOH A 305 . ? 12_565 ? 
20 AC3 10 HOH F .   ? HOH A 305 . ? 1_555  ? 
21 AC4 4  GLN A 47  ? GLN A 47  . ? 1_555  ? 
22 AC4 4  TRP A 50  ? TRP A 50  . ? 1_555  ? 
23 AC4 4  TYR A 65  ? TYR A 65  . ? 1_555  ? 
24 AC4 4  SER A 96  ? SER A 96  . ? 1_555  ? 
# 
loop_
_pdbx_validate_rmsd_angle.id 
_pdbx_validate_rmsd_angle.PDB_model_num 
_pdbx_validate_rmsd_angle.auth_atom_id_1 
_pdbx_validate_rmsd_angle.auth_asym_id_1 
_pdbx_validate_rmsd_angle.auth_comp_id_1 
_pdbx_validate_rmsd_angle.auth_seq_id_1 
_pdbx_validate_rmsd_angle.PDB_ins_code_1 
_pdbx_validate_rmsd_angle.label_alt_id_1 
_pdbx_validate_rmsd_angle.auth_atom_id_2 
_pdbx_validate_rmsd_angle.auth_asym_id_2 
_pdbx_validate_rmsd_angle.auth_comp_id_2 
_pdbx_validate_rmsd_angle.auth_seq_id_2 
_pdbx_validate_rmsd_angle.PDB_ins_code_2 
_pdbx_validate_rmsd_angle.label_alt_id_2 
_pdbx_validate_rmsd_angle.auth_atom_id_3 
_pdbx_validate_rmsd_angle.auth_asym_id_3 
_pdbx_validate_rmsd_angle.auth_comp_id_3 
_pdbx_validate_rmsd_angle.auth_seq_id_3 
_pdbx_validate_rmsd_angle.PDB_ins_code_3 
_pdbx_validate_rmsd_angle.label_alt_id_3 
_pdbx_validate_rmsd_angle.angle_value 
_pdbx_validate_rmsd_angle.angle_target_value 
_pdbx_validate_rmsd_angle.angle_deviation 
_pdbx_validate_rmsd_angle.angle_standard_deviation 
_pdbx_validate_rmsd_angle.linker_flag 
1 1 NE A ARG 28  ? ? CZ A ARG 28  ? ? NH1 A ARG 28  ? ? 123.31 120.30 3.01  0.50 N 
2 1 NE A ARG 52  ? ? CZ A ARG 52  ? ? NH2 A ARG 52  ? ? 117.16 120.30 -3.14 0.50 N 
3 1 CB A ASP 154 ? ? CG A ASP 154 ? ? OD2 A ASP 154 ? ? 124.89 118.30 6.59  0.90 N 
# 
loop_
_pdbx_validate_torsion.id 
_pdbx_validate_torsion.PDB_model_num 
_pdbx_validate_torsion.auth_comp_id 
_pdbx_validate_torsion.auth_asym_id 
_pdbx_validate_torsion.auth_seq_id 
_pdbx_validate_torsion.PDB_ins_code 
_pdbx_validate_torsion.label_alt_id 
_pdbx_validate_torsion.phi 
_pdbx_validate_torsion.psi 
1 1 ALA A 8  ? ? -117.48 -162.17 
2 1 LEU A 33 ? ? -44.98  87.50   
3 1 SER A 38 ? ? -129.42 -160.77 
# 
loop_
_pdbx_struct_mod_residue.id 
_pdbx_struct_mod_residue.label_asym_id 
_pdbx_struct_mod_residue.label_comp_id 
_pdbx_struct_mod_residue.label_seq_id 
_pdbx_struct_mod_residue.auth_asym_id 
_pdbx_struct_mod_residue.auth_comp_id 
_pdbx_struct_mod_residue.auth_seq_id 
_pdbx_struct_mod_residue.PDB_ins_code 
_pdbx_struct_mod_residue.parent_comp_id 
_pdbx_struct_mod_residue.details 
1 A CSX 25 A CSX 25 ? CYS 'modified residue' 
2 A CSX 93 A CSX 93 ? CYS 'modified residue' 
# 
_pdbx_struct_special_symmetry.id              1 
_pdbx_struct_special_symmetry.PDB_model_num   1 
_pdbx_struct_special_symmetry.auth_asym_id    A 
_pdbx_struct_special_symmetry.auth_comp_id    SO4 
_pdbx_struct_special_symmetry.auth_seq_id     203 
_pdbx_struct_special_symmetry.PDB_ins_code    ? 
_pdbx_struct_special_symmetry.label_asym_id   D 
_pdbx_struct_special_symmetry.label_comp_id   SO4 
_pdbx_struct_special_symmetry.label_seq_id    . 
# 
loop_
_pdbx_unobs_or_zero_occ_residues.id 
_pdbx_unobs_or_zero_occ_residues.PDB_model_num 
_pdbx_unobs_or_zero_occ_residues.polymer_flag 
_pdbx_unobs_or_zero_occ_residues.occupancy_flag 
_pdbx_unobs_or_zero_occ_residues.auth_asym_id 
_pdbx_unobs_or_zero_occ_residues.auth_comp_id 
_pdbx_unobs_or_zero_occ_residues.auth_seq_id 
_pdbx_unobs_or_zero_occ_residues.PDB_ins_code 
_pdbx_unobs_or_zero_occ_residues.label_asym_id 
_pdbx_unobs_or_zero_occ_residues.label_comp_id 
_pdbx_unobs_or_zero_occ_residues.label_seq_id 
1  1 Y 1 A MET 1   ? A MET 1   
2  1 Y 1 A LYS 180 ? A LYS 180 
3  1 Y 1 A LEU 181 ? A LEU 181 
4  1 Y 1 A GLU 182 ? A GLU 182 
5  1 Y 1 A HIS 183 ? A HIS 183 
6  1 Y 1 A HIS 184 ? A HIS 184 
7  1 Y 1 A HIS 185 ? A HIS 185 
8  1 Y 1 A HIS 186 ? A HIS 186 
9  1 Y 1 A HIS 187 ? A HIS 187 
10 1 Y 1 A HIS 188 ? A HIS 188 
# 
loop_
_chem_comp_atom.comp_id 
_chem_comp_atom.atom_id 
_chem_comp_atom.type_symbol 
_chem_comp_atom.pdbx_aromatic_flag 
_chem_comp_atom.pdbx_stereo_config 
_chem_comp_atom.pdbx_ordinal 
ALA N    N N N 1   
ALA CA   C N S 2   
ALA C    C N N 3   
ALA O    O N N 4   
ALA CB   C N N 5   
ALA OXT  O N N 6   
ALA H    H N N 7   
ALA H2   H N N 8   
ALA HA   H N N 9   
ALA HB1  H N N 10  
ALA HB2  H N N 11  
ALA HB3  H N N 12  
ALA HXT  H N N 13  
ARG N    N N N 14  
ARG CA   C N S 15  
ARG C    C N N 16  
ARG O    O N N 17  
ARG CB   C N N 18  
ARG CG   C N N 19  
ARG CD   C N N 20  
ARG NE   N N N 21  
ARG CZ   C N N 22  
ARG NH1  N N N 23  
ARG NH2  N N N 24  
ARG OXT  O N N 25  
ARG H    H N N 26  
ARG H2   H N N 27  
ARG HA   H N N 28  
ARG HB2  H N N 29  
ARG HB3  H N N 30  
ARG HG2  H N N 31  
ARG HG3  H N N 32  
ARG HD2  H N N 33  
ARG HD3  H N N 34  
ARG HE   H N N 35  
ARG HH11 H N N 36  
ARG HH12 H N N 37  
ARG HH21 H N N 38  
ARG HH22 H N N 39  
ARG HXT  H N N 40  
ASN N    N N N 41  
ASN CA   C N S 42  
ASN C    C N N 43  
ASN O    O N N 44  
ASN CB   C N N 45  
ASN CG   C N N 46  
ASN OD1  O N N 47  
ASN ND2  N N N 48  
ASN OXT  O N N 49  
ASN H    H N N 50  
ASN H2   H N N 51  
ASN HA   H N N 52  
ASN HB2  H N N 53  
ASN HB3  H N N 54  
ASN HD21 H N N 55  
ASN HD22 H N N 56  
ASN HXT  H N N 57  
ASP N    N N N 58  
ASP CA   C N S 59  
ASP C    C N N 60  
ASP O    O N N 61  
ASP CB   C N N 62  
ASP CG   C N N 63  
ASP OD1  O N N 64  
ASP OD2  O N N 65  
ASP OXT  O N N 66  
ASP H    H N N 67  
ASP H2   H N N 68  
ASP HA   H N N 69  
ASP HB2  H N N 70  
ASP HB3  H N N 71  
ASP HD2  H N N 72  
ASP HXT  H N N 73  
CSX N    N N N 74  
CSX CA   C N R 75  
CSX CB   C N N 76  
CSX SG   S N S 77  
CSX C    C N N 78  
CSX O    O N N 79  
CSX OXT  O N N 80  
CSX OD   O N N 81  
CSX H    H N N 82  
CSX H2   H N N 83  
CSX HA   H N N 84  
CSX HB2  H N N 85  
CSX HB3  H N N 86  
CSX HG   H N N 87  
CSX HXT  H N N 88  
DMS S    S N N 89  
DMS O    O N N 90  
DMS C1   C N N 91  
DMS C2   C N N 92  
DMS H11  H N N 93  
DMS H12  H N N 94  
DMS H13  H N N 95  
DMS H21  H N N 96  
DMS H22  H N N 97  
DMS H23  H N N 98  
GLN N    N N N 99  
GLN CA   C N S 100 
GLN C    C N N 101 
GLN O    O N N 102 
GLN CB   C N N 103 
GLN CG   C N N 104 
GLN CD   C N N 105 
GLN OE1  O N N 106 
GLN NE2  N N N 107 
GLN OXT  O N N 108 
GLN H    H N N 109 
GLN H2   H N N 110 
GLN HA   H N N 111 
GLN HB2  H N N 112 
GLN HB3  H N N 113 
GLN HG2  H N N 114 
GLN HG3  H N N 115 
GLN HE21 H N N 116 
GLN HE22 H N N 117 
GLN HXT  H N N 118 
GLU N    N N N 119 
GLU CA   C N S 120 
GLU C    C N N 121 
GLU O    O N N 122 
GLU CB   C N N 123 
GLU CG   C N N 124 
GLU CD   C N N 125 
GLU OE1  O N N 126 
GLU OE2  O N N 127 
GLU OXT  O N N 128 
GLU H    H N N 129 
GLU H2   H N N 130 
GLU HA   H N N 131 
GLU HB2  H N N 132 
GLU HB3  H N N 133 
GLU HG2  H N N 134 
GLU HG3  H N N 135 
GLU HE2  H N N 136 
GLU HXT  H N N 137 
GLY N    N N N 138 
GLY CA   C N N 139 
GLY C    C N N 140 
GLY O    O N N 141 
GLY OXT  O N N 142 
GLY H    H N N 143 
GLY H2   H N N 144 
GLY HA2  H N N 145 
GLY HA3  H N N 146 
GLY HXT  H N N 147 
HIS N    N N N 148 
HIS CA   C N S 149 
HIS C    C N N 150 
HIS O    O N N 151 
HIS CB   C N N 152 
HIS CG   C Y N 153 
HIS ND1  N Y N 154 
HIS CD2  C Y N 155 
HIS CE1  C Y N 156 
HIS NE2  N Y N 157 
HIS OXT  O N N 158 
HIS H    H N N 159 
HIS H2   H N N 160 
HIS HA   H N N 161 
HIS HB2  H N N 162 
HIS HB3  H N N 163 
HIS HD1  H N N 164 
HIS HD2  H N N 165 
HIS HE1  H N N 166 
HIS HE2  H N N 167 
HIS HXT  H N N 168 
HOH O    O N N 169 
HOH H1   H N N 170 
HOH H2   H N N 171 
ILE N    N N N 172 
ILE CA   C N S 173 
ILE C    C N N 174 
ILE O    O N N 175 
ILE CB   C N S 176 
ILE CG1  C N N 177 
ILE CG2  C N N 178 
ILE CD1  C N N 179 
ILE OXT  O N N 180 
ILE H    H N N 181 
ILE H2   H N N 182 
ILE HA   H N N 183 
ILE HB   H N N 184 
ILE HG12 H N N 185 
ILE HG13 H N N 186 
ILE HG21 H N N 187 
ILE HG22 H N N 188 
ILE HG23 H N N 189 
ILE HD11 H N N 190 
ILE HD12 H N N 191 
ILE HD13 H N N 192 
ILE HXT  H N N 193 
LEU N    N N N 194 
LEU CA   C N S 195 
LEU C    C N N 196 
LEU O    O N N 197 
LEU CB   C N N 198 
LEU CG   C N N 199 
LEU CD1  C N N 200 
LEU CD2  C N N 201 
LEU OXT  O N N 202 
LEU H    H N N 203 
LEU H2   H N N 204 
LEU HA   H N N 205 
LEU HB2  H N N 206 
LEU HB3  H N N 207 
LEU HG   H N N 208 
LEU HD11 H N N 209 
LEU HD12 H N N 210 
LEU HD13 H N N 211 
LEU HD21 H N N 212 
LEU HD22 H N N 213 
LEU HD23 H N N 214 
LEU HXT  H N N 215 
LYS N    N N N 216 
LYS CA   C N S 217 
LYS C    C N N 218 
LYS O    O N N 219 
LYS CB   C N N 220 
LYS CG   C N N 221 
LYS CD   C N N 222 
LYS CE   C N N 223 
LYS NZ   N N N 224 
LYS OXT  O N N 225 
LYS H    H N N 226 
LYS H2   H N N 227 
LYS HA   H N N 228 
LYS HB2  H N N 229 
LYS HB3  H N N 230 
LYS HG2  H N N 231 
LYS HG3  H N N 232 
LYS HD2  H N N 233 
LYS HD3  H N N 234 
LYS HE2  H N N 235 
LYS HE3  H N N 236 
LYS HZ1  H N N 237 
LYS HZ2  H N N 238 
LYS HZ3  H N N 239 
LYS HXT  H N N 240 
MET N    N N N 241 
MET CA   C N S 242 
MET C    C N N 243 
MET O    O N N 244 
MET CB   C N N 245 
MET CG   C N N 246 
MET SD   S N N 247 
MET CE   C N N 248 
MET OXT  O N N 249 
MET H    H N N 250 
MET H2   H N N 251 
MET HA   H N N 252 
MET HB2  H N N 253 
MET HB3  H N N 254 
MET HG2  H N N 255 
MET HG3  H N N 256 
MET HE1  H N N 257 
MET HE2  H N N 258 
MET HE3  H N N 259 
MET HXT  H N N 260 
PHE N    N N N 261 
PHE CA   C N S 262 
PHE C    C N N 263 
PHE O    O N N 264 
PHE CB   C N N 265 
PHE CG   C Y N 266 
PHE CD1  C Y N 267 
PHE CD2  C Y N 268 
PHE CE1  C Y N 269 
PHE CE2  C Y N 270 
PHE CZ   C Y N 271 
PHE OXT  O N N 272 
PHE H    H N N 273 
PHE H2   H N N 274 
PHE HA   H N N 275 
PHE HB2  H N N 276 
PHE HB3  H N N 277 
PHE HD1  H N N 278 
PHE HD2  H N N 279 
PHE HE1  H N N 280 
PHE HE2  H N N 281 
PHE HZ   H N N 282 
PHE HXT  H N N 283 
PRO N    N N N 284 
PRO CA   C N S 285 
PRO C    C N N 286 
PRO O    O N N 287 
PRO CB   C N N 288 
PRO CG   C N N 289 
PRO CD   C N N 290 
PRO OXT  O N N 291 
PRO H    H N N 292 
PRO HA   H N N 293 
PRO HB2  H N N 294 
PRO HB3  H N N 295 
PRO HG2  H N N 296 
PRO HG3  H N N 297 
PRO HD2  H N N 298 
PRO HD3  H N N 299 
PRO HXT  H N N 300 
SER N    N N N 301 
SER CA   C N S 302 
SER C    C N N 303 
SER O    O N N 304 
SER CB   C N N 305 
SER OG   O N N 306 
SER OXT  O N N 307 
SER H    H N N 308 
SER H2   H N N 309 
SER HA   H N N 310 
SER HB2  H N N 311 
SER HB3  H N N 312 
SER HG   H N N 313 
SER HXT  H N N 314 
SO4 S    S N N 315 
SO4 O1   O N N 316 
SO4 O2   O N N 317 
SO4 O3   O N N 318 
SO4 O4   O N N 319 
THR N    N N N 320 
THR CA   C N S 321 
THR C    C N N 322 
THR O    O N N 323 
THR CB   C N R 324 
THR OG1  O N N 325 
THR CG2  C N N 326 
THR OXT  O N N 327 
THR H    H N N 328 
THR H2   H N N 329 
THR HA   H N N 330 
THR HB   H N N 331 
THR HG1  H N N 332 
THR HG21 H N N 333 
THR HG22 H N N 334 
THR HG23 H N N 335 
THR HXT  H N N 336 
TRP N    N N N 337 
TRP CA   C N S 338 
TRP C    C N N 339 
TRP O    O N N 340 
TRP CB   C N N 341 
TRP CG   C Y N 342 
TRP CD1  C Y N 343 
TRP CD2  C Y N 344 
TRP NE1  N Y N 345 
TRP CE2  C Y N 346 
TRP CE3  C Y N 347 
TRP CZ2  C Y N 348 
TRP CZ3  C Y N 349 
TRP CH2  C Y N 350 
TRP OXT  O N N 351 
TRP H    H N N 352 
TRP H2   H N N 353 
TRP HA   H N N 354 
TRP HB2  H N N 355 
TRP HB3  H N N 356 
TRP HD1  H N N 357 
TRP HE1  H N N 358 
TRP HE3  H N N 359 
TRP HZ2  H N N 360 
TRP HZ3  H N N 361 
TRP HH2  H N N 362 
TRP HXT  H N N 363 
TYR N    N N N 364 
TYR CA   C N S 365 
TYR C    C N N 366 
TYR O    O N N 367 
TYR CB   C N N 368 
TYR CG   C Y N 369 
TYR CD1  C Y N 370 
TYR CD2  C Y N 371 
TYR CE1  C Y N 372 
TYR CE2  C Y N 373 
TYR CZ   C Y N 374 
TYR OH   O N N 375 
TYR OXT  O N N 376 
TYR H    H N N 377 
TYR H2   H N N 378 
TYR HA   H N N 379 
TYR HB2  H N N 380 
TYR HB3  H N N 381 
TYR HD1  H N N 382 
TYR HD2  H N N 383 
TYR HE1  H N N 384 
TYR HE2  H N N 385 
TYR HH   H N N 386 
TYR HXT  H N N 387 
VAL N    N N N 388 
VAL CA   C N S 389 
VAL C    C N N 390 
VAL O    O N N 391 
VAL CB   C N N 392 
VAL CG1  C N N 393 
VAL CG2  C N N 394 
VAL OXT  O N N 395 
VAL H    H N N 396 
VAL H2   H N N 397 
VAL HA   H N N 398 
VAL HB   H N N 399 
VAL HG11 H N N 400 
VAL HG12 H N N 401 
VAL HG13 H N N 402 
VAL HG21 H N N 403 
VAL HG22 H N N 404 
VAL HG23 H N N 405 
VAL HXT  H N N 406 
# 
loop_
_chem_comp_bond.comp_id 
_chem_comp_bond.atom_id_1 
_chem_comp_bond.atom_id_2 
_chem_comp_bond.value_order 
_chem_comp_bond.pdbx_aromatic_flag 
_chem_comp_bond.pdbx_stereo_config 
_chem_comp_bond.pdbx_ordinal 
ALA N   CA   sing N N 1   
ALA N   H    sing N N 2   
ALA N   H2   sing N N 3   
ALA CA  C    sing N N 4   
ALA CA  CB   sing N N 5   
ALA CA  HA   sing N N 6   
ALA C   O    doub N N 7   
ALA C   OXT  sing N N 8   
ALA CB  HB1  sing N N 9   
ALA CB  HB2  sing N N 10  
ALA CB  HB3  sing N N 11  
ALA OXT HXT  sing N N 12  
ARG N   CA   sing N N 13  
ARG N   H    sing N N 14  
ARG N   H2   sing N N 15  
ARG CA  C    sing N N 16  
ARG CA  CB   sing N N 17  
ARG CA  HA   sing N N 18  
ARG C   O    doub N N 19  
ARG C   OXT  sing N N 20  
ARG CB  CG   sing N N 21  
ARG CB  HB2  sing N N 22  
ARG CB  HB3  sing N N 23  
ARG CG  CD   sing N N 24  
ARG CG  HG2  sing N N 25  
ARG CG  HG3  sing N N 26  
ARG CD  NE   sing N N 27  
ARG CD  HD2  sing N N 28  
ARG CD  HD3  sing N N 29  
ARG NE  CZ   sing N N 30  
ARG NE  HE   sing N N 31  
ARG CZ  NH1  sing N N 32  
ARG CZ  NH2  doub N N 33  
ARG NH1 HH11 sing N N 34  
ARG NH1 HH12 sing N N 35  
ARG NH2 HH21 sing N N 36  
ARG NH2 HH22 sing N N 37  
ARG OXT HXT  sing N N 38  
ASN N   CA   sing N N 39  
ASN N   H    sing N N 40  
ASN N   H2   sing N N 41  
ASN CA  C    sing N N 42  
ASN CA  CB   sing N N 43  
ASN CA  HA   sing N N 44  
ASN C   O    doub N N 45  
ASN C   OXT  sing N N 46  
ASN CB  CG   sing N N 47  
ASN CB  HB2  sing N N 48  
ASN CB  HB3  sing N N 49  
ASN CG  OD1  doub N N 50  
ASN CG  ND2  sing N N 51  
ASN ND2 HD21 sing N N 52  
ASN ND2 HD22 sing N N 53  
ASN OXT HXT  sing N N 54  
ASP N   CA   sing N N 55  
ASP N   H    sing N N 56  
ASP N   H2   sing N N 57  
ASP CA  C    sing N N 58  
ASP CA  CB   sing N N 59  
ASP CA  HA   sing N N 60  
ASP C   O    doub N N 61  
ASP C   OXT  sing N N 62  
ASP CB  CG   sing N N 63  
ASP CB  HB2  sing N N 64  
ASP CB  HB3  sing N N 65  
ASP CG  OD1  doub N N 66  
ASP CG  OD2  sing N N 67  
ASP OD2 HD2  sing N N 68  
ASP OXT HXT  sing N N 69  
CSX N   CA   sing N N 70  
CSX N   H    sing N N 71  
CSX N   H2   sing N N 72  
CSX CA  CB   sing N N 73  
CSX CA  C    sing N N 74  
CSX CA  HA   sing N N 75  
CSX CB  SG   sing N N 76  
CSX CB  HB2  sing N N 77  
CSX CB  HB3  sing N N 78  
CSX SG  OD   doub N N 79  
CSX SG  HG   sing N N 80  
CSX C   O    doub N N 81  
CSX C   OXT  sing N N 82  
CSX OXT HXT  sing N N 83  
DMS S   O    doub N N 84  
DMS S   C1   sing N N 85  
DMS S   C2   sing N N 86  
DMS C1  H11  sing N N 87  
DMS C1  H12  sing N N 88  
DMS C1  H13  sing N N 89  
DMS C2  H21  sing N N 90  
DMS C2  H22  sing N N 91  
DMS C2  H23  sing N N 92  
GLN N   CA   sing N N 93  
GLN N   H    sing N N 94  
GLN N   H2   sing N N 95  
GLN CA  C    sing N N 96  
GLN CA  CB   sing N N 97  
GLN CA  HA   sing N N 98  
GLN C   O    doub N N 99  
GLN C   OXT  sing N N 100 
GLN CB  CG   sing N N 101 
GLN CB  HB2  sing N N 102 
GLN CB  HB3  sing N N 103 
GLN CG  CD   sing N N 104 
GLN CG  HG2  sing N N 105 
GLN CG  HG3  sing N N 106 
GLN CD  OE1  doub N N 107 
GLN CD  NE2  sing N N 108 
GLN NE2 HE21 sing N N 109 
GLN NE2 HE22 sing N N 110 
GLN OXT HXT  sing N N 111 
GLU N   CA   sing N N 112 
GLU N   H    sing N N 113 
GLU N   H2   sing N N 114 
GLU CA  C    sing N N 115 
GLU CA  CB   sing N N 116 
GLU CA  HA   sing N N 117 
GLU C   O    doub N N 118 
GLU C   OXT  sing N N 119 
GLU CB  CG   sing N N 120 
GLU CB  HB2  sing N N 121 
GLU CB  HB3  sing N N 122 
GLU CG  CD   sing N N 123 
GLU CG  HG2  sing N N 124 
GLU CG  HG3  sing N N 125 
GLU CD  OE1  doub N N 126 
GLU CD  OE2  sing N N 127 
GLU OE2 HE2  sing N N 128 
GLU OXT HXT  sing N N 129 
GLY N   CA   sing N N 130 
GLY N   H    sing N N 131 
GLY N   H2   sing N N 132 
GLY CA  C    sing N N 133 
GLY CA  HA2  sing N N 134 
GLY CA  HA3  sing N N 135 
GLY C   O    doub N N 136 
GLY C   OXT  sing N N 137 
GLY OXT HXT  sing N N 138 
HIS N   CA   sing N N 139 
HIS N   H    sing N N 140 
HIS N   H2   sing N N 141 
HIS CA  C    sing N N 142 
HIS CA  CB   sing N N 143 
HIS CA  HA   sing N N 144 
HIS C   O    doub N N 145 
HIS C   OXT  sing N N 146 
HIS CB  CG   sing N N 147 
HIS CB  HB2  sing N N 148 
HIS CB  HB3  sing N N 149 
HIS CG  ND1  sing Y N 150 
HIS CG  CD2  doub Y N 151 
HIS ND1 CE1  doub Y N 152 
HIS ND1 HD1  sing N N 153 
HIS CD2 NE2  sing Y N 154 
HIS CD2 HD2  sing N N 155 
HIS CE1 NE2  sing Y N 156 
HIS CE1 HE1  sing N N 157 
HIS NE2 HE2  sing N N 158 
HIS OXT HXT  sing N N 159 
HOH O   H1   sing N N 160 
HOH O   H2   sing N N 161 
ILE N   CA   sing N N 162 
ILE N   H    sing N N 163 
ILE N   H2   sing N N 164 
ILE CA  C    sing N N 165 
ILE CA  CB   sing N N 166 
ILE CA  HA   sing N N 167 
ILE C   O    doub N N 168 
ILE C   OXT  sing N N 169 
ILE CB  CG1  sing N N 170 
ILE CB  CG2  sing N N 171 
ILE CB  HB   sing N N 172 
ILE CG1 CD1  sing N N 173 
ILE CG1 HG12 sing N N 174 
ILE CG1 HG13 sing N N 175 
ILE CG2 HG21 sing N N 176 
ILE CG2 HG22 sing N N 177 
ILE CG2 HG23 sing N N 178 
ILE CD1 HD11 sing N N 179 
ILE CD1 HD12 sing N N 180 
ILE CD1 HD13 sing N N 181 
ILE OXT HXT  sing N N 182 
LEU N   CA   sing N N 183 
LEU N   H    sing N N 184 
LEU N   H2   sing N N 185 
LEU CA  C    sing N N 186 
LEU CA  CB   sing N N 187 
LEU CA  HA   sing N N 188 
LEU C   O    doub N N 189 
LEU C   OXT  sing N N 190 
LEU CB  CG   sing N N 191 
LEU CB  HB2  sing N N 192 
LEU CB  HB3  sing N N 193 
LEU CG  CD1  sing N N 194 
LEU CG  CD2  sing N N 195 
LEU CG  HG   sing N N 196 
LEU CD1 HD11 sing N N 197 
LEU CD1 HD12 sing N N 198 
LEU CD1 HD13 sing N N 199 
LEU CD2 HD21 sing N N 200 
LEU CD2 HD22 sing N N 201 
LEU CD2 HD23 sing N N 202 
LEU OXT HXT  sing N N 203 
LYS N   CA   sing N N 204 
LYS N   H    sing N N 205 
LYS N   H2   sing N N 206 
LYS CA  C    sing N N 207 
LYS CA  CB   sing N N 208 
LYS CA  HA   sing N N 209 
LYS C   O    doub N N 210 
LYS C   OXT  sing N N 211 
LYS CB  CG   sing N N 212 
LYS CB  HB2  sing N N 213 
LYS CB  HB3  sing N N 214 
LYS CG  CD   sing N N 215 
LYS CG  HG2  sing N N 216 
LYS CG  HG3  sing N N 217 
LYS CD  CE   sing N N 218 
LYS CD  HD2  sing N N 219 
LYS CD  HD3  sing N N 220 
LYS CE  NZ   sing N N 221 
LYS CE  HE2  sing N N 222 
LYS CE  HE3  sing N N 223 
LYS NZ  HZ1  sing N N 224 
LYS NZ  HZ2  sing N N 225 
LYS NZ  HZ3  sing N N 226 
LYS OXT HXT  sing N N 227 
MET N   CA   sing N N 228 
MET N   H    sing N N 229 
MET N   H2   sing N N 230 
MET CA  C    sing N N 231 
MET CA  CB   sing N N 232 
MET CA  HA   sing N N 233 
MET C   O    doub N N 234 
MET C   OXT  sing N N 235 
MET CB  CG   sing N N 236 
MET CB  HB2  sing N N 237 
MET CB  HB3  sing N N 238 
MET CG  SD   sing N N 239 
MET CG  HG2  sing N N 240 
MET CG  HG3  sing N N 241 
MET SD  CE   sing N N 242 
MET CE  HE1  sing N N 243 
MET CE  HE2  sing N N 244 
MET CE  HE3  sing N N 245 
MET OXT HXT  sing N N 246 
PHE N   CA   sing N N 247 
PHE N   H    sing N N 248 
PHE N   H2   sing N N 249 
PHE CA  C    sing N N 250 
PHE CA  CB   sing N N 251 
PHE CA  HA   sing N N 252 
PHE C   O    doub N N 253 
PHE C   OXT  sing N N 254 
PHE CB  CG   sing N N 255 
PHE CB  HB2  sing N N 256 
PHE CB  HB3  sing N N 257 
PHE CG  CD1  doub Y N 258 
PHE CG  CD2  sing Y N 259 
PHE CD1 CE1  sing Y N 260 
PHE CD1 HD1  sing N N 261 
PHE CD2 CE2  doub Y N 262 
PHE CD2 HD2  sing N N 263 
PHE CE1 CZ   doub Y N 264 
PHE CE1 HE1  sing N N 265 
PHE CE2 CZ   sing Y N 266 
PHE CE2 HE2  sing N N 267 
PHE CZ  HZ   sing N N 268 
PHE OXT HXT  sing N N 269 
PRO N   CA   sing N N 270 
PRO N   CD   sing N N 271 
PRO N   H    sing N N 272 
PRO CA  C    sing N N 273 
PRO CA  CB   sing N N 274 
PRO CA  HA   sing N N 275 
PRO C   O    doub N N 276 
PRO C   OXT  sing N N 277 
PRO CB  CG   sing N N 278 
PRO CB  HB2  sing N N 279 
PRO CB  HB3  sing N N 280 
PRO CG  CD   sing N N 281 
PRO CG  HG2  sing N N 282 
PRO CG  HG3  sing N N 283 
PRO CD  HD2  sing N N 284 
PRO CD  HD3  sing N N 285 
PRO OXT HXT  sing N N 286 
SER N   CA   sing N N 287 
SER N   H    sing N N 288 
SER N   H2   sing N N 289 
SER CA  C    sing N N 290 
SER CA  CB   sing N N 291 
SER CA  HA   sing N N 292 
SER C   O    doub N N 293 
SER C   OXT  sing N N 294 
SER CB  OG   sing N N 295 
SER CB  HB2  sing N N 296 
SER CB  HB3  sing N N 297 
SER OG  HG   sing N N 298 
SER OXT HXT  sing N N 299 
SO4 S   O1   doub N N 300 
SO4 S   O2   doub N N 301 
SO4 S   O3   sing N N 302 
SO4 S   O4   sing N N 303 
THR N   CA   sing N N 304 
THR N   H    sing N N 305 
THR N   H2   sing N N 306 
THR CA  C    sing N N 307 
THR CA  CB   sing N N 308 
THR CA  HA   sing N N 309 
THR C   O    doub N N 310 
THR C   OXT  sing N N 311 
THR CB  OG1  sing N N 312 
THR CB  CG2  sing N N 313 
THR CB  HB   sing N N 314 
THR OG1 HG1  sing N N 315 
THR CG2 HG21 sing N N 316 
THR CG2 HG22 sing N N 317 
THR CG2 HG23 sing N N 318 
THR OXT HXT  sing N N 319 
TRP N   CA   sing N N 320 
TRP N   H    sing N N 321 
TRP N   H2   sing N N 322 
TRP CA  C    sing N N 323 
TRP CA  CB   sing N N 324 
TRP CA  HA   sing N N 325 
TRP C   O    doub N N 326 
TRP C   OXT  sing N N 327 
TRP CB  CG   sing N N 328 
TRP CB  HB2  sing N N 329 
TRP CB  HB3  sing N N 330 
TRP CG  CD1  doub Y N 331 
TRP CG  CD2  sing Y N 332 
TRP CD1 NE1  sing Y N 333 
TRP CD1 HD1  sing N N 334 
TRP CD2 CE2  doub Y N 335 
TRP CD2 CE3  sing Y N 336 
TRP NE1 CE2  sing Y N 337 
TRP NE1 HE1  sing N N 338 
TRP CE2 CZ2  sing Y N 339 
TRP CE3 CZ3  doub Y N 340 
TRP CE3 HE3  sing N N 341 
TRP CZ2 CH2  doub Y N 342 
TRP CZ2 HZ2  sing N N 343 
TRP CZ3 CH2  sing Y N 344 
TRP CZ3 HZ3  sing N N 345 
TRP CH2 HH2  sing N N 346 
TRP OXT HXT  sing N N 347 
TYR N   CA   sing N N 348 
TYR N   H    sing N N 349 
TYR N   H2   sing N N 350 
TYR CA  C    sing N N 351 
TYR CA  CB   sing N N 352 
TYR CA  HA   sing N N 353 
TYR C   O    doub N N 354 
TYR C   OXT  sing N N 355 
TYR CB  CG   sing N N 356 
TYR CB  HB2  sing N N 357 
TYR CB  HB3  sing N N 358 
TYR CG  CD1  doub Y N 359 
TYR CG  CD2  sing Y N 360 
TYR CD1 CE1  sing Y N 361 
TYR CD1 HD1  sing N N 362 
TYR CD2 CE2  doub Y N 363 
TYR CD2 HD2  sing N N 364 
TYR CE1 CZ   doub Y N 365 
TYR CE1 HE1  sing N N 366 
TYR CE2 CZ   sing Y N 367 
TYR CE2 HE2  sing N N 368 
TYR CZ  OH   sing N N 369 
TYR OH  HH   sing N N 370 
TYR OXT HXT  sing N N 371 
VAL N   CA   sing N N 372 
VAL N   H    sing N N 373 
VAL N   H2   sing N N 374 
VAL CA  C    sing N N 375 
VAL CA  CB   sing N N 376 
VAL CA  HA   sing N N 377 
VAL C   O    doub N N 378 
VAL C   OXT  sing N N 379 
VAL CB  CG1  sing N N 380 
VAL CB  CG2  sing N N 381 
VAL CB  HB   sing N N 382 
VAL CG1 HG11 sing N N 383 
VAL CG1 HG12 sing N N 384 
VAL CG1 HG13 sing N N 385 
VAL CG2 HG21 sing N N 386 
VAL CG2 HG22 sing N N 387 
VAL CG2 HG23 sing N N 388 
VAL OXT HXT  sing N N 389 
# 
_pdbx_audit_support.funding_organization   
'National Institutes of Health/National Institute of General Medical Sciences (NIH/NIGMS)' 
_pdbx_audit_support.country                'United States' 
_pdbx_audit_support.grant_number           GM115921 
_pdbx_audit_support.ordinal                1 
# 
_pdbx_initial_refinement_model.accession_code   ? 
_pdbx_initial_refinement_model.id               1 
_pdbx_initial_refinement_model.entity_id_list   ? 
_pdbx_initial_refinement_model.type             'experimental model' 
_pdbx_initial_refinement_model.source_name      Other 
_pdbx_initial_refinement_model.details          'Lab Model from SAD' 
# 
_atom_sites.entry_id                    5KTA 
_atom_sites.fract_transf_matrix[1][1]   0.01150365 
_atom_sites.fract_transf_matrix[1][2]   0.01115606 
_atom_sites.fract_transf_matrix[1][3]   -0.00434073 
_atom_sites.fract_transf_matrix[2][1]   -0.00177188 
_atom_sites.fract_transf_matrix[2][2]   0.00872933 
_atom_sites.fract_transf_matrix[2][3]   -0.01401138 
_atom_sites.fract_transf_matrix[3][1]   -0.00359847 
_atom_sites.fract_transf_matrix[3][2]   0.00513161 
_atom_sites.fract_transf_matrix[3][3]   0.00365214 
_atom_sites.fract_transf_vector[1]      -0.021616 
_atom_sites.fract_transf_vector[2]      0.336973 
_atom_sites.fract_transf_vector[3]      0.131607 
# 
loop_
_atom_type.symbol 
C 
N 
O 
S 
# 
loop_
_atom_site.group_PDB 
_atom_site.id 
_atom_site.type_symbol 
_atom_site.label_atom_id 
_atom_site.label_alt_id 
_atom_site.label_comp_id 
_atom_site.label_asym_id 
_atom_site.label_entity_id 
_atom_site.label_seq_id 
_atom_site.pdbx_PDB_ins_code 
_atom_site.Cartn_x 
_atom_site.Cartn_y 
_atom_site.Cartn_z 
_atom_site.occupancy 
_atom_site.B_iso_or_equiv 
_atom_site.pdbx_formal_charge 
_atom_site.auth_seq_id 
_atom_site.auth_comp_id 
_atom_site.auth_asym_id 
_atom_site.auth_atom_id 
_atom_site.pdbx_PDB_model_num 
ATOM   1    N N   . VAL A 1 2   ? 16.004  7.829   4.093   1.00 40.65 ? 2   VAL A N   1 
ATOM   2    C CA  . VAL A 1 2   ? 15.034  8.192   3.026   1.00 38.26 ? 2   VAL A CA  1 
ATOM   3    C C   . VAL A 1 2   ? 13.891  9.003   3.629   1.00 34.52 ? 2   VAL A C   1 
ATOM   4    O O   . VAL A 1 2   ? 13.271  8.587   4.592   1.00 40.97 ? 2   VAL A O   1 
ATOM   5    C CB  . VAL A 1 2   ? 14.419  6.948   2.328   1.00 35.14 ? 2   VAL A CB  1 
ATOM   6    C CG1 . VAL A 1 2   ? 13.451  7.374   1.236   1.00 34.21 ? 2   VAL A CG1 1 
ATOM   7    C CG2 . VAL A 1 2   ? 15.500  6.072   1.722   1.00 39.25 ? 2   VAL A CG2 1 
ATOM   8    N N   . ASN A 1 3   ? 13.589  10.134  3.040   1.00 33.67 ? 3   ASN A N   1 
ATOM   9    C CA  . ASN A 1 3   ? 12.426  10.879  3.461   1.00 35.79 ? 3   ASN A CA  1 
ATOM   10   C C   . ASN A 1 3   ? 11.455  10.870  2.310   1.00 33.98 ? 3   ASN A C   1 
ATOM   11   O O   . ASN A 1 3   ? 11.842  10.931  1.142   1.00 34.64 ? 3   ASN A O   1 
ATOM   12   C CB  . ASN A 1 3   ? 12.789  12.296  3.860   1.00 42.36 ? 3   ASN A CB  1 
ATOM   13   C CG  . ASN A 1 3   ? 13.696  12.326  5.086   1.00 49.20 ? 3   ASN A CG  1 
ATOM   14   O OD1 . ASN A 1 3   ? 13.369  11.764  6.156   1.00 48.45 ? 3   ASN A OD1 1 
ATOM   15   N ND2 . ASN A 1 3   ? 14.853  12.953  4.931   1.00 51.01 ? 3   ASN A ND2 1 
ATOM   16   N N   . PHE A 1 4   ? 10.190  10.750  2.649   1.00 23.34 ? 4   PHE A N   1 
ATOM   17   C CA  . PHE A 1 4   ? 9.198   10.668  1.637   1.00 19.29 ? 4   PHE A CA  1 
ATOM   18   C C   . PHE A 1 4   ? 8.420   11.947  1.696   1.00 21.83 ? 4   PHE A C   1 
ATOM   19   O O   . PHE A 1 4   ? 8.281   12.564  2.745   1.00 21.76 ? 4   PHE A O   1 
ATOM   20   C CB  . PHE A 1 4   ? 8.299   9.485   1.961   1.00 17.45 ? 4   PHE A CB  1 
ATOM   21   C CG  . PHE A 1 4   ? 8.992   8.162   1.799   1.00 15.24 ? 4   PHE A CG  1 
ATOM   22   C CD1 . PHE A 1 4   ? 9.563   7.520   2.908   1.00 15.24 ? 4   PHE A CD1 1 
ATOM   23   C CD2 . PHE A 1 4   ? 9.131   7.579   0.555   1.00 12.98 ? 4   PHE A CD2 1 
ATOM   24   C CE1 . PHE A 1 4   ? 10.246  6.330   2.761   1.00 14.00 ? 4   PHE A CE1 1 
ATOM   25   C CE2 . PHE A 1 4   ? 9.791   6.370   0.410   1.00 13.09 ? 4   PHE A CE2 1 
ATOM   26   C CZ  . PHE A 1 4   ? 10.338  5.721   1.523   1.00 14.24 ? 4   PHE A CZ  1 
ATOM   27   N N   . ASN A 1 5   ? 7.874   12.347  0.569   1.00 21.33 ? 5   ASN A N   1 
ATOM   28   C CA  A ASN A 1 5   ? 6.997   13.514  0.552   0.50 23.50 ? 5   ASN A CA  1 
ATOM   29   C CA  B ASN A 1 5   ? 6.991   13.529  0.539   0.50 23.48 ? 5   ASN A CA  1 
ATOM   30   C C   . ASN A 1 5   ? 5.896   13.120  -0.415  1.00 23.36 ? 5   ASN A C   1 
ATOM   31   O O   . ASN A 1 5   ? 5.888   13.516  -1.560  1.00 24.65 ? 5   ASN A O   1 
ATOM   32   C CB  A ASN A 1 5   ? 7.754   14.786  0.114   0.50 25.34 ? 5   ASN A CB  1 
ATOM   33   C CB  B ASN A 1 5   ? 7.748   14.792  0.062   0.50 25.24 ? 5   ASN A CB  1 
ATOM   34   C CG  A ASN A 1 5   ? 9.062   14.990  0.872   0.50 24.85 ? 5   ASN A CG  1 
ATOM   35   C CG  B ASN A 1 5   ? 6.932   16.091  0.205   0.50 25.11 ? 5   ASN A CG  1 
ATOM   36   O OD1 A ASN A 1 5   ? 9.086   15.429  2.027   0.50 28.20 ? 5   ASN A OD1 1 
ATOM   37   O OD1 B ASN A 1 5   ? 5.748   16.087  0.520   0.50 26.83 ? 5   ASN A OD1 1 
ATOM   38   N ND2 A ASN A 1 5   ? 10.157  14.636  0.224   0.50 26.01 ? 5   ASN A ND2 1 
ATOM   39   N ND2 B ASN A 1 5   ? 7.593   17.218  -0.037  0.50 25.49 ? 5   ASN A ND2 1 
ATOM   40   N N   . LEU A 1 6   ? 5.012   12.266  0.064   1.00 18.95 ? 6   LEU A N   1 
ATOM   41   C CA  . LEU A 1 6   ? 4.017   11.642  -0.804  1.00 18.02 ? 6   LEU A CA  1 
ATOM   42   C C   . LEU A 1 6   ? 2.669   12.303  -0.622  1.00 16.59 ? 6   LEU A C   1 
ATOM   43   O O   . LEU A 1 6   ? 2.023   12.133  0.383   1.00 13.54 ? 6   LEU A O   1 
ATOM   44   C CB  . LEU A 1 6   ? 3.967   10.146  -0.489  1.00 17.74 ? 6   LEU A CB  1 
ATOM   45   C CG  . LEU A 1 6   ? 5.310   9.460   -0.760  1.00 17.26 ? 6   LEU A CG  1 
ATOM   46   C CD1 . LEU A 1 6   ? 5.289   8.105   -0.044  1.00 16.48 ? 6   LEU A CD1 1 
ATOM   47   C CD2 . LEU A 1 6   ? 5.592   9.232   -2.218  1.00 17.86 ? 6   LEU A CD2 1 
ATOM   48   N N   . LYS A 1 7   ? 2.240   13.093  -1.618  1.00 14.80 ? 7   LYS A N   1 
ATOM   49   C CA  . LYS A 1 7   ? 0.981   13.832  -1.515  1.00 17.13 ? 7   LYS A CA  1 
ATOM   50   C C   . LYS A 1 7   ? 0.294   13.759  -2.864  1.00 14.66 ? 7   LYS A C   1 
ATOM   51   O O   . LYS A 1 7   ? 0.933   14.009  -3.852  1.00 13.99 ? 7   LYS A O   1 
ATOM   52   C CB  . LYS A 1 7   ? 1.387   15.270  -1.195  1.00 21.75 ? 7   LYS A CB  1 
ATOM   53   C CG  . LYS A 1 7   ? 0.317   16.325  -1.223  1.00 28.35 ? 7   LYS A CG  1 
ATOM   54   C CD  . LYS A 1 7   ? -0.348  16.479  0.129   1.00 35.90 ? 7   LYS A CD  1 
ATOM   55   C CE  . LYS A 1 7   ? -1.807  16.939  0.028   1.00 41.26 ? 7   LYS A CE  1 
ATOM   56   N NZ  . LYS A 1 7   ? -1.837  18.391  -0.209  1.00 42.24 ? 7   LYS A NZ  1 
ATOM   57   N N   . ALA A 1 8   ? -0.967  13.424  -2.897  1.00 13.53 ? 8   ALA A N   1 
ATOM   58   C CA  . ALA A 1 8   ? -1.736  13.290  -4.131  1.00 14.12 ? 8   ALA A CA  1 
ATOM   59   C C   . ALA A 1 8   ? -2.872  14.361  -4.062  1.00 14.80 ? 8   ALA A C   1 
ATOM   60   O O   . ALA A 1 8   ? -2.824  15.296  -3.242  1.00 14.13 ? 8   ALA A O   1 
ATOM   61   C CB  . ALA A 1 8   ? -2.271  11.860  -4.299  1.00 13.58 ? 8   ALA A CB  1 
ATOM   62   N N   . ASN A 1 9   ? -3.906  14.224  -4.862  1.00 16.34 ? 9   ASN A N   1 
ATOM   63   C CA  . ASN A 1 9   ? -4.917  15.284  -4.940  1.00 17.24 ? 9   ASN A CA  1 
ATOM   64   C C   . ASN A 1 9   ? -5.734  15.507  -3.672  1.00 16.04 ? 9   ASN A C   1 
ATOM   65   O O   . ASN A 1 9   ? -5.992  16.684  -3.274  1.00 14.30 ? 9   ASN A O   1 
ATOM   66   C CB  . ASN A 1 9   ? -5.818  15.018  -6.151  1.00 17.62 ? 9   ASN A CB  1 
ATOM   67   C CG  . ASN A 1 9   ? -6.621  16.274  -6.586  1.00 19.05 ? 9   ASN A CG  1 
ATOM   68   O OD1 . ASN A 1 9   ? -6.162  17.382  -6.518  1.00 21.83 ? 9   ASN A OD1 1 
ATOM   69   N ND2 . ASN A 1 9   ? -7.788  16.054  -7.053  1.00 20.15 ? 9   ASN A ND2 1 
ATOM   70   N N   . THR A 1 10  ? -6.099  14.418  -2.977  1.00 12.64 ? 10  THR A N   1 
ATOM   71   C CA  . THR A 1 10  ? -6.944  14.520  -1.798  1.00 11.93 ? 10  THR A CA  1 
ATOM   72   C C   . THR A 1 10  ? -6.453  13.678  -0.635  1.00 12.63 ? 10  THR A C   1 
ATOM   73   O O   . THR A 1 10  ? -7.189  13.480  0.296   1.00 10.61 ? 10  THR A O   1 
ATOM   74   C CB  . THR A 1 10  ? -8.368  14.074  -2.131  1.00 12.03 ? 10  THR A CB  1 
ATOM   75   O OG1 . THR A 1 10  ? -8.398  12.651  -2.446  1.00 12.10 ? 10  THR A OG1 1 
ATOM   76   C CG2 . THR A 1 10  ? -8.958  14.882  -3.373  1.00 11.91 ? 10  THR A CG2 1 
ATOM   77   N N   . THR A 1 11  ? -5.274  13.060  -0.779  1.00 12.93 ? 11  THR A N   1 
ATOM   78   C CA  . THR A 1 11  ? -4.743  12.140  0.208   1.00 13.14 ? 11  THR A CA  1 
ATOM   79   C C   . THR A 1 11  ? -3.218  12.330  0.268   1.00 12.76 ? 11  THR A C   1 
ATOM   80   O O   . THR A 1 11  ? -2.574  12.979  -0.584  1.00 13.85 ? 11  THR A O   1 
ATOM   81   C CB  . THR A 1 11  ? -5.055  10.668  -0.143  1.00 13.74 ? 11  THR A CB  1 
ATOM   82   O OG1 . THR A 1 11  ? -4.371  10.304  -1.359  1.00 12.75 ? 11  THR A OG1 1 
ATOM   83   C CG2 . THR A 1 11  ? -6.530  10.434  -0.298  1.00 14.27 ? 11  THR A CG2 1 
ATOM   84   N N   . TYR A 1 12  ? -2.632  11.838  1.322   1.00 13.50 ? 12  TYR A N   1 
ATOM   85   C CA  . TYR A 1 12  ? -1.173  11.835  1.446   1.00 14.51 ? 12  TYR A CA  1 
ATOM   86   C C   . TYR A 1 12  ? -0.767  10.698  2.354   1.00 13.45 ? 12  TYR A C   1 
ATOM   87   O O   . TYR A 1 12  ? -1.649  10.109  3.053   1.00 13.19 ? 12  TYR A O   1 
ATOM   88   C CB  . TYR A 1 12  ? -0.625  13.181  1.961   1.00 15.37 ? 12  TYR A CB  1 
ATOM   89   C CG  . TYR A 1 12  ? -1.028  13.565  3.391   1.00 16.61 ? 12  TYR A CG  1 
ATOM   90   C CD1 . TYR A 1 12  ? -0.215  13.241  4.481   1.00 16.23 ? 12  TYR A CD1 1 
ATOM   91   C CD2 . TYR A 1 12  ? -2.195  14.325  3.640   1.00 16.69 ? 12  TYR A CD2 1 
ATOM   92   C CE1 . TYR A 1 12  ? -0.564  13.588  5.770   1.00 17.42 ? 12  TYR A CE1 1 
ATOM   93   C CE2 . TYR A 1 12  ? -2.556  14.666  4.942   1.00 16.56 ? 12  TYR A CE2 1 
ATOM   94   C CZ  . TYR A 1 12  ? -1.718  14.329  5.985   1.00 18.96 ? 12  TYR A CZ  1 
ATOM   95   O OH  . TYR A 1 12  ? -2.080  14.621  7.244   1.00 18.63 ? 12  TYR A OH  1 
ATOM   96   N N   . LEU A 1 13  ? 0.531   10.368  2.302   1.00 11.83 ? 13  LEU A N   1 
ATOM   97   C CA  . LEU A 1 13  ? 1.056   9.274   3.130   1.00 12.04 ? 13  LEU A CA  1 
ATOM   98   C C   . LEU A 1 13  ? 2.094   9.776   4.073   1.00 12.05 ? 13  LEU A C   1 
ATOM   99   O O   . LEU A 1 13  ? 2.815   10.734  3.759   1.00 11.57 ? 13  LEU A O   1 
ATOM   100  C CB  . LEU A 1 13  ? 1.724   8.183   2.276   1.00 13.09 ? 13  LEU A CB  1 
ATOM   101  C CG  . LEU A 1 13  ? 0.985   7.579   1.115   1.00 14.82 ? 13  LEU A CG  1 
ATOM   102  C CD1 . LEU A 1 13  ? 1.661   6.373   0.512   1.00 15.36 ? 13  LEU A CD1 1 
ATOM   103  C CD2 . LEU A 1 13  ? -0.434  7.300   1.416   1.00 15.27 ? 13  LEU A CD2 1 
ATOM   104  N N   . ARG A 1 14  ? 2.225   9.115   5.238   1.00 12.16 ? 14  ARG A N   1 
ATOM   105  C CA  . ARG A 1 14  ? 3.423   9.334   6.052   1.00 13.92 ? 14  ARG A CA  1 
ATOM   106  C C   . ARG A 1 14  ? 3.782   8.011   6.692   1.00 11.99 ? 14  ARG A C   1 
ATOM   107  O O   . ARG A 1 14  ? 2.927   7.171   6.869   1.00 9.82  ? 14  ARG A O   1 
ATOM   108  C CB  . ARG A 1 14  ? 3.292   10.402  7.150   1.00 17.51 ? 14  ARG A CB  1 
ATOM   109  C CG  . ARG A 1 14  ? 2.342   10.223  8.275   1.00 21.99 ? 14  ARG A CG  1 
ATOM   110  C CD  . ARG A 1 14  ? 2.809   10.844  9.636   1.00 26.11 ? 14  ARG A CD  1 
ATOM   111  N NE  . ARG A 1 14  ? 1.810   10.615  10.702  1.00 26.94 ? 14  ARG A NE  1 
ATOM   112  C CZ  . ARG A 1 14  ? 1.527   9.425   11.268  1.00 27.21 ? 14  ARG A CZ  1 
ATOM   113  N NH1 . ARG A 1 14  ? 2.213   8.294   10.985  1.00 21.17 ? 14  ARG A NH1 1 
ATOM   114  N NH2 . ARG A 1 14  ? 0.530   9.358   12.160  1.00 31.75 ? 14  ARG A NH2 1 
ATOM   115  N N   . LEU A 1 15  ? 5.056   7.837   6.996   1.00 11.71 ? 15  LEU A N   1 
ATOM   116  C CA  . LEU A 1 15  ? 5.475   6.552   7.556   1.00 11.36 ? 15  LEU A CA  1 
ATOM   117  C C   . LEU A 1 15  ? 4.767   6.276   8.847   1.00 11.69 ? 15  LEU A C   1 
ATOM   118  O O   . LEU A 1 15  ? 4.528   7.176   9.658   1.00 12.01 ? 15  LEU A O   1 
ATOM   119  C CB  . LEU A 1 15  ? 6.995   6.548   7.739   1.00 12.17 ? 15  LEU A CB  1 
ATOM   120  C CG  . LEU A 1 15  ? 7.801   6.499   6.461   1.00 12.32 ? 15  LEU A CG  1 
ATOM   121  C CD1 . LEU A 1 15  ? 9.281   6.779   6.745   1.00 13.33 ? 15  LEU A CD1 1 
ATOM   122  C CD2 . LEU A 1 15  ? 7.654   5.191   5.702   1.00 11.98 ? 15  LEU A CD2 1 
ATOM   123  N N   . VAL A 1 16  ? 4.459   4.993   9.073   1.00 12.44 ? 16  VAL A N   1 
ATOM   124  C CA  . VAL A 1 16  ? 3.881   4.527   10.295  1.00 12.75 ? 16  VAL A CA  1 
ATOM   125  C C   . VAL A 1 16  ? 4.820   4.824   11.487  1.00 14.33 ? 16  VAL A C   1 
ATOM   126  O O   . VAL A 1 16  ? 6.038   4.803   11.343  1.00 12.98 ? 16  VAL A O   1 
ATOM   127  C CB  . VAL A 1 16  ? 3.586   2.987   10.212  1.00 14.72 ? 16  VAL A CB  1 
ATOM   128  C CG1 . VAL A 1 16  ? 3.278   2.374   11.554  1.00 16.27 ? 16  VAL A CG1 1 
ATOM   129  C CG2 . VAL A 1 16  ? 2.392   2.767   9.299   1.00 14.58 ? 16  VAL A CG2 1 
ATOM   130  N N   . GLU A 1 17  ? 4.211   5.136   12.629  1.00 13.10 ? 17  GLU A N   1 
ATOM   131  C CA  . GLU A 1 17  ? 4.912   5.300   13.903  1.00 14.91 ? 17  GLU A CA  1 
ATOM   132  C C   . GLU A 1 17  ? 4.270   4.397   14.942  1.00 15.68 ? 17  GLU A C   1 
ATOM   133  O O   . GLU A 1 17  ? 3.142   3.951   14.796  1.00 15.21 ? 17  GLU A O   1 
ATOM   134  C CB  . GLU A 1 17  ? 4.880   6.784   14.355  1.00 15.23 ? 17  GLU A CB  1 
ATOM   135  C CG  . GLU A 1 17  ? 5.546   7.740   13.378  1.00 16.32 ? 17  GLU A CG  1 
ATOM   136  C CD  . GLU A 1 17  ? 7.088   7.552   13.161  1.00 19.88 ? 17  GLU A CD  1 
ATOM   137  O OE1 . GLU A 1 17  ? 7.605   8.089   12.143  1.00 22.43 ? 17  GLU A OE1 1 
ATOM   138  O OE2 . GLU A 1 17  ? 7.808   6.868   13.965  1.00 20.26 ? 17  GLU A OE2 1 
ATOM   139  N N   . GLU A 1 18  ? 5.001   4.130   16.010  1.00 14.84 ? 18  GLU A N   1 
ATOM   140  C CA  . GLU A 1 18  ? 4.475   3.212   17.048  1.00 18.94 ? 18  GLU A CA  1 
ATOM   141  C C   . GLU A 1 18  ? 3.122   3.608   17.645  1.00 16.69 ? 18  GLU A C   1 
ATOM   142  O O   . GLU A 1 18  ? 2.276   2.739   17.877  1.00 17.06 ? 18  GLU A O   1 
ATOM   143  C CB  . GLU A 1 18  ? 5.502   3.087   18.163  1.00 23.21 ? 18  GLU A CB  1 
ATOM   144  C CG  . GLU A 1 18  ? 5.393   1.787   18.890  1.00 28.16 ? 18  GLU A CG  1 
ATOM   145  C CD  . GLU A 1 18  ? 6.683   1.445   19.657  1.00 31.88 ? 18  GLU A CD  1 
ATOM   146  O OE1 . GLU A 1 18  ? 6.524   1.034   20.832  1.00 33.91 ? 18  GLU A OE1 1 
ATOM   147  O OE2 . GLU A 1 18  ? 7.790   1.562   19.047  1.00 31.71 ? 18  GLU A OE2 1 
ATOM   148  N N   . ASN A 1 19  ? 2.901   4.910   17.778  1.00 18.74 ? 19  ASN A N   1 
ATOM   149  C CA  . ASN A 1 19  ? 1.616   5.434   18.254  1.00 19.82 ? 19  ASN A CA  1 
ATOM   150  C C   . ASN A 1 19  ? 0.473   5.313   17.275  1.00 19.07 ? 19  ASN A C   1 
ATOM   151  O O   . ASN A 1 19  ? -0.662  5.663   17.592  1.00 19.74 ? 19  ASN A O   1 
ATOM   152  C CB  . ASN A 1 19  ? 1.661   6.863   18.838  1.00 24.79 ? 19  ASN A CB  1 
ATOM   153  C CG  . ASN A 1 19  ? 2.462   7.867   18.034  1.00 32.36 ? 19  ASN A CG  1 
ATOM   154  O OD1 . ASN A 1 19  ? 3.267   8.589   18.619  1.00 47.53 ? 19  ASN A OD1 1 
ATOM   155  N ND2 . ASN A 1 19  ? 2.236   7.969   16.716  1.00 37.95 ? 19  ASN A ND2 1 
ATOM   156  N N   . ASP A 1 20  ? 0.747   4.881   16.049  1.00 16.25 ? 20  ASP A N   1 
ATOM   157  C CA  . ASP A 1 20  ? -0.332  4.507   15.128  1.00 14.31 ? 20  ASP A CA  1 
ATOM   158  C C   . ASP A 1 20  ? -0.888  3.104   15.419  1.00 13.79 ? 20  ASP A C   1 
ATOM   159  O O   . ASP A 1 20  ? -1.775  2.642   14.707  1.00 14.22 ? 20  ASP A O   1 
ATOM   160  C CB  . ASP A 1 20  ? 0.185   4.563   13.671  1.00 13.05 ? 20  ASP A CB  1 
ATOM   161  C CG  . ASP A 1 20  ? 0.558   5.932   13.240  1.00 13.79 ? 20  ASP A CG  1 
ATOM   162  O OD1 . ASP A 1 20  ? -0.192  6.893   13.552  1.00 13.28 ? 20  ASP A OD1 1 
ATOM   163  O OD2 . ASP A 1 20  ? 1.570   6.091   12.513  1.00 13.19 ? 20  ASP A OD2 1 
ATOM   164  N N   . ALA A 1 21  ? -0.369  2.396   16.419  1.00 14.66 ? 21  ALA A N   1 
ATOM   165  C CA  . ALA A 1 21  ? -0.780  1.005   16.661  1.00 15.38 ? 21  ALA A CA  1 
ATOM   166  C C   . ALA A 1 21  ? -2.284  0.861   16.839  1.00 15.57 ? 21  ALA A C   1 
ATOM   167  O O   . ALA A 1 21  ? -2.862  -0.008  16.293  1.00 14.24 ? 21  ALA A O   1 
ATOM   168  C CB  . ALA A 1 21  ? -0.035  0.400   17.836  1.00 17.52 ? 21  ALA A CB  1 
ATOM   169  N N   . GLU A 1 22  ? -2.915  1.739   17.584  1.00 16.26 ? 22  GLU A N   1 
ATOM   170  C CA  . GLU A 1 22  ? -4.335  1.601   17.849  1.00 15.71 ? 22  GLU A CA  1 
ATOM   171  C C   . GLU A 1 22  ? -5.159  1.843   16.558  1.00 14.19 ? 22  GLU A C   1 
ATOM   172  O O   . GLU A 1 22  ? -6.086  1.116   16.293  1.00 14.34 ? 22  GLU A O   1 
ATOM   173  C CB  . GLU A 1 22  ? -4.786  2.564   18.965  1.00 15.82 ? 22  GLU A CB  1 
ATOM   174  C CG  . GLU A 1 22  ? -6.298  2.603   19.121  1.00 17.58 ? 22  GLU A CG  1 
ATOM   175  C CD  . GLU A 1 22  ? -6.795  3.333   20.401  1.00 19.71 ? 22  GLU A CD  1 
ATOM   176  O OE1 . GLU A 1 22  ? -8.024  3.544   20.518  1.00 22.56 ? 22  GLU A OE1 1 
ATOM   177  O OE2 . GLU A 1 22  ? -5.993  3.661   21.275  1.00 20.00 ? 22  GLU A OE2 1 
ATOM   178  N N   . PHE A 1 23  ? -4.793  2.843   15.778  1.00 15.06 ? 23  PHE A N   1 
ATOM   179  C CA  . PHE A 1 23  ? -5.482  3.114   14.501  1.00 13.67 ? 23  PHE A CA  1 
ATOM   180  C C   . PHE A 1 23  ? -5.329  1.902   13.610  1.00 13.20 ? 23  PHE A C   1 
ATOM   181  O O   . PHE A 1 23  ? -6.297  1.430   13.015  1.00 11.84 ? 23  PHE A O   1 
ATOM   182  C CB  . PHE A 1 23  ? -4.917  4.340   13.788  1.00 15.03 ? 23  PHE A CB  1 
ATOM   183  C CG  . PHE A 1 23  ? -5.423  4.466   12.413  1.00 14.02 ? 23  PHE A CG  1 
ATOM   184  C CD1 . PHE A 1 23  ? -6.720  4.884   12.199  1.00 14.26 ? 23  PHE A CD1 1 
ATOM   185  C CD2 . PHE A 1 23  ? -4.658  4.094   11.328  1.00 15.04 ? 23  PHE A CD2 1 
ATOM   186  C CE1 . PHE A 1 23  ? -7.250  4.949   10.918  1.00 16.28 ? 23  PHE A CE1 1 
ATOM   187  C CE2 . PHE A 1 23  ? -5.176  4.163   10.034  1.00 14.72 ? 23  PHE A CE2 1 
ATOM   188  C CZ  . PHE A 1 23  ? -6.488  4.561   9.838   1.00 16.20 ? 23  PHE A CZ  1 
ATOM   189  N N   . ILE A 1 24  ? -4.125  1.321   13.597  1.00 13.19 ? 24  ILE A N   1 
ATOM   190  C CA  . ILE A 1 24  ? -3.928  0.203   12.678  1.00 14.34 ? 24  ILE A CA  1 
ATOM   191  C C   . ILE A 1 24  ? -4.691  -0.989  13.131  1.00 14.79 ? 24  ILE A C   1 
ATOM   192  O O   . ILE A 1 24  ? -5.366  -1.614  12.331  1.00 14.15 ? 24  ILE A O   1 
ATOM   193  C CB  . ILE A 1 24  ? -2.458  -0.179  12.430  1.00 14.19 ? 24  ILE A CB  1 
ATOM   194  C CG1 . ILE A 1 24  ? -1.795  0.958   11.713  1.00 13.70 ? 24  ILE A CG1 1 
ATOM   195  C CG2 . ILE A 1 24  ? -2.387  -1.458  11.561  1.00 14.91 ? 24  ILE A CG2 1 
ATOM   196  C CD1 . ILE A 1 24  ? -0.263  0.911   11.673  1.00 13.98 ? 24  ILE A CD1 1 
HETATM 197  N N   . CSX A 1 25  ? -4.597  -1.278  14.429  1.00 17.05 ? 25  CSX A N   1 
HETATM 198  C CA  . CSX A 1 25  ? -5.326  -2.440  15.011  1.00 22.19 ? 25  CSX A CA  1 
HETATM 199  C CB  . CSX A 1 25  ? -4.850  -2.676  16.466  1.00 26.14 ? 25  CSX A CB  1 
HETATM 200  S SG  . CSX A 1 25  ? -5.316  -4.227  16.973  1.00 38.65 ? 25  CSX A SG  1 
HETATM 201  C C   . CSX A 1 25  ? -6.818  -2.296  14.789  1.00 19.09 ? 25  CSX A C   1 
HETATM 202  O O   . CSX A 1 25  ? -7.475  -3.213  14.289  1.00 19.77 ? 25  CSX A O   1 
HETATM 203  O OD  . CSX A 1 25  ? -4.394  -5.379  16.334  1.00 28.84 ? 25  CSX A OD  1 
ATOM   204  N N   . THR A 1 26  ? -7.358  -1.115  14.986  1.00 18.22 ? 26  THR A N   1 
ATOM   205  C CA  . THR A 1 26  ? -8.763  -0.888  14.687  1.00 19.67 ? 26  THR A CA  1 
ATOM   206  C C   . THR A 1 26  ? -9.112  -1.003  13.206  1.00 21.34 ? 26  THR A C   1 
ATOM   207  O O   . THR A 1 26  ? -10.168 -1.488  12.829  1.00 23.41 ? 26  THR A O   1 
ATOM   208  C CB  . THR A 1 26  ? -9.078  0.499   15.183  1.00 23.35 ? 26  THR A CB  1 
ATOM   209  O OG1 . THR A 1 26  ? -8.704  0.556   16.572  1.00 25.76 ? 26  THR A OG1 1 
ATOM   210  C CG2 . THR A 1 26  ? -10.521 0.896   14.923  1.00 25.97 ? 26  THR A CG2 1 
ATOM   211  N N   . LEU A 1 27  ? -8.228  -0.477  12.363  1.00 20.89 ? 27  LEU A N   1 
ATOM   212  C CA  . LEU A 1 27  ? -8.411  -0.503  10.943  1.00 20.38 ? 27  LEU A CA  1 
ATOM   213  C C   . LEU A 1 27  ? -8.446  -1.939  10.456  1.00 22.51 ? 27  LEU A C   1 
ATOM   214  O O   . LEU A 1 27  ? -9.239  -2.278  9.624   1.00 22.77 ? 27  LEU A O   1 
ATOM   215  C CB  . LEU A 1 27  ? -7.253  0.295   10.286  1.00 18.88 ? 27  LEU A CB  1 
ATOM   216  C CG  . LEU A 1 27  ? -7.228  0.247   8.811   1.00 16.21 ? 27  LEU A CG  1 
ATOM   217  C CD1 . LEU A 1 27  ? -8.266  1.223   8.266   1.00 16.37 ? 27  LEU A CD1 1 
ATOM   218  C CD2 . LEU A 1 27  ? -5.829  0.591   8.319   1.00 15.81 ? 27  LEU A CD2 1 
ATOM   219  N N   . ARG A 1 28  ? -7.584  -2.792  11.004  1.00 25.02 ? 28  ARG A N   1 
ATOM   220  C CA  . ARG A 1 28  ? -7.418  -4.140  10.528  1.00 25.56 ? 28  ARG A CA  1 
ATOM   221  C C   . ARG A 1 28  ? -8.521  -5.007  11.114  1.00 29.49 ? 28  ARG A C   1 
ATOM   222  O O   . ARG A 1 28  ? -8.905  -5.988  10.512  1.00 29.00 ? 28  ARG A O   1 
ATOM   223  C CB  . ARG A 1 28  ? -6.025  -4.733  10.906  1.00 26.77 ? 28  ARG A CB  1 
ATOM   224  C CG  . ARG A 1 28  ? -4.821  -4.150  10.107  1.00 27.65 ? 28  ARG A CG  1 
ATOM   225  C CD  . ARG A 1 28  ? -3.517  -4.822  10.523  1.00 27.44 ? 28  ARG A CD  1 
ATOM   226  N NE  . ARG A 1 28  ? -3.438  -6.149  9.951   1.00 30.21 ? 28  ARG A NE  1 
ATOM   227  C CZ  . ARG A 1 28  ? -3.119  -6.409  8.666   1.00 36.80 ? 28  ARG A CZ  1 
ATOM   228  N NH1 . ARG A 1 28  ? -2.766  -5.428  7.758   1.00 30.82 ? 28  ARG A NH1 1 
ATOM   229  N NH2 . ARG A 1 28  ? -3.144  -7.681  8.273   1.00 36.82 ? 28  ARG A NH2 1 
ATOM   230  N N   . ASN A 1 29  ? -8.959  -4.695  12.330  1.00 30.41 ? 29  ASN A N   1 
ATOM   231  C CA  . ASN A 1 29  ? -10.102 -5.371  12.869  1.00 32.57 ? 29  ASN A CA  1 
ATOM   232  C C   . ASN A 1 29  ? -11.310 -4.996  12.022  1.00 34.55 ? 29  ASN A C   1 
ATOM   233  O O   . ASN A 1 29  ? -11.903 -5.870  11.422  1.00 36.42 ? 29  ASN A O   1 
ATOM   234  C CB  . ASN A 1 29  ? -10.277 -5.043  14.343  1.00 33.85 ? 29  ASN A CB  1 
ATOM   235  C CG  . ASN A 1 29  ? -9.300  -5.816  15.225  1.00 39.77 ? 29  ASN A CG  1 
ATOM   236  O OD1 . ASN A 1 29  ? -8.689  -6.815  14.795  1.00 39.68 ? 29  ASN A OD1 1 
ATOM   237  N ND2 . ASN A 1 29  ? -9.140  -5.360  16.466  1.00 38.70 ? 29  ASN A ND2 1 
ATOM   238  N N   . ASN A 1 30  ? -11.602 -3.697  11.890  1.00 32.42 ? 30  ASN A N   1 
ATOM   239  C CA  . ASN A 1 30  ? -12.792 -3.265  11.122  1.00 33.97 ? 30  ASN A CA  1 
ATOM   240  C C   . ASN A 1 30  ? -12.892 -3.743  9.701   1.00 34.53 ? 30  ASN A C   1 
ATOM   241  O O   . ASN A 1 30  ? -13.998 -3.993  9.197   1.00 32.59 ? 30  ASN A O   1 
ATOM   242  C CB  . ASN A 1 30  ? -12.954 -1.730  11.115  1.00 34.24 ? 30  ASN A CB  1 
ATOM   243  C CG  . ASN A 1 30  ? -13.280 -1.193  12.479  1.00 36.16 ? 30  ASN A CG  1 
ATOM   244  O OD1 . ASN A 1 30  ? -13.584 -1.959  13.392  1.00 40.89 ? 30  ASN A OD1 1 
ATOM   245  N ND2 . ASN A 1 30  ? -13.191 0.133   12.642  1.00 37.03 ? 30  ASN A ND2 1 
ATOM   246  N N   . ASP A 1 31  ? -11.751 -3.813  9.039   1.00 36.44 ? 31  ASP A N   1 
ATOM   247  C CA  . ASP A 1 31  ? -11.677 -4.369  7.667   1.00 42.77 ? 31  ASP A CA  1 
ATOM   248  C C   . ASP A 1 31  ? -12.123 -5.858  7.568   1.00 43.56 ? 31  ASP A C   1 
ATOM   249  O O   . ASP A 1 31  ? -12.795 -6.244  6.609   1.00 43.35 ? 31  ASP A O   1 
ATOM   250  C CB  . ASP A 1 31  ? -10.251 -4.225  7.146   1.00 40.74 ? 31  ASP A CB  1 
ATOM   251  C CG  . ASP A 1 31  ? -10.110 -4.667  5.709   1.00 42.09 ? 31  ASP A CG  1 
ATOM   252  O OD1 . ASP A 1 31  ? -10.748 -4.046  4.820   1.00 38.35 ? 31  ASP A OD1 1 
ATOM   253  O OD2 . ASP A 1 31  ? -9.342  -5.616  5.496   1.00 37.28 ? 31  ASP A OD2 1 
ATOM   254  N N   . LYS A 1 32  ? -11.718 -6.667  8.544   1.00 46.20 ? 32  LYS A N   1 
ATOM   255  C CA  . LYS A 1 32  ? -12.122 -8.084  8.628   1.00 50.68 ? 32  LYS A CA  1 
ATOM   256  C C   . LYS A 1 32  ? -13.612 -8.206  9.030   1.00 52.84 ? 32  LYS A C   1 
ATOM   257  O O   . LYS A 1 32  ? -14.282 -9.139  8.607   1.00 49.69 ? 32  LYS A O   1 
ATOM   258  C CB  . LYS A 1 32  ? -11.210 -8.854  9.609   1.00 52.92 ? 32  LYS A CB  1 
ATOM   259  C CG  . LYS A 1 32  ? -9.745  -8.952  9.162   1.00 54.48 ? 32  LYS A CG  1 
ATOM   260  C CD  . LYS A 1 32  ? -8.889  -9.803  10.105  1.00 59.94 ? 32  LYS A CD  1 
ATOM   261  C CE  . LYS A 1 32  ? -7.388  -9.514  9.969   1.00 63.85 ? 32  LYS A CE  1 
ATOM   262  N NZ  . LYS A 1 32  ? -6.518  -10.617 10.480  1.00 64.63 ? 32  LYS A NZ  1 
ATOM   263  N N   . LEU A 1 33  ? -14.109 -7.222  9.796   1.00 51.54 ? 33  LEU A N   1 
ATOM   264  C CA  . LEU A 1 33  ? -15.506 -7.146  10.313  1.00 51.54 ? 33  LEU A CA  1 
ATOM   265  C C   . LEU A 1 33  ? -16.621 -7.473  9.285   1.00 52.28 ? 33  LEU A C   1 
ATOM   266  O O   . LEU A 1 33  ? -17.159 -6.583  8.606   1.00 49.65 ? 33  LEU A O   1 
ATOM   267  C CB  . LEU A 1 33  ? -15.743 -5.747  10.946  1.00 51.42 ? 33  LEU A CB  1 
ATOM   268  C CG  . LEU A 1 33  ? -16.757 -5.553  12.074  1.00 55.19 ? 33  LEU A CG  1 
ATOM   269  C CD1 . LEU A 1 33  ? -16.064 -4.899  13.256  1.00 56.43 ? 33  LEU A CD1 1 
ATOM   270  C CD2 . LEU A 1 33  ? -17.937 -4.689  11.644  1.00 55.27 ? 33  LEU A CD2 1 
ATOM   271  N N   . ASN A 1 34  ? -16.951 -8.764  9.175   1.00 46.95 ? 34  ASN A N   1 
ATOM   272  C CA  . ASN A 1 34  ? -18.098 -9.220  8.380   1.00 45.86 ? 34  ASN A CA  1 
ATOM   273  C C   . ASN A 1 34  ? -18.837 -10.377 9.097   1.00 45.96 ? 34  ASN A C   1 
ATOM   274  O O   . ASN A 1 34  ? -18.454 -10.773 10.215  1.00 36.86 ? 34  ASN A O   1 
ATOM   275  C CB  . ASN A 1 34  ? -17.661 -9.561  6.932   1.00 47.36 ? 34  ASN A CB  1 
ATOM   276  C CG  . ASN A 1 34  ? -17.065 -10.976 6.776   1.00 50.20 ? 34  ASN A CG  1 
ATOM   277  O OD1 . ASN A 1 34  ? -16.405 -11.511 7.670   1.00 42.64 ? 34  ASN A OD1 1 
ATOM   278  N ND2 . ASN A 1 34  ? -17.315 -11.587 5.621   1.00 54.52 ? 34  ASN A ND2 1 
ATOM   279  N N   . THR A 1 35  ? -19.890 -10.916 8.485   1.00 46.44 ? 35  THR A N   1 
ATOM   280  C CA  . THR A 1 35  ? -20.592 -12.099 9.060   1.00 46.94 ? 35  THR A CA  1 
ATOM   281  C C   . THR A 1 35  ? -19.597 -13.127 9.690   1.00 47.62 ? 35  THR A C   1 
ATOM   282  O O   . THR A 1 35  ? -19.812 -13.604 10.815  1.00 38.88 ? 35  THR A O   1 
ATOM   283  C CB  . THR A 1 35  ? -21.525 -12.746 8.001   1.00 50.06 ? 35  THR A CB  1 
ATOM   284  O OG1 . THR A 1 35  ? -22.473 -11.760 7.570   1.00 49.39 ? 35  THR A OG1 1 
ATOM   285  C CG2 . THR A 1 35  ? -22.297 -13.978 8.565   1.00 47.31 ? 35  THR A CG2 1 
ATOM   286  N N   . TYR A 1 36  ? -18.462 -13.361 9.012   1.00 46.33 ? 36  TYR A N   1 
ATOM   287  C CA  . TYR A 1 36  ? -17.514 -14.421 9.349   1.00 47.90 ? 36  TYR A CA  1 
ATOM   288  C C   . TYR A 1 36  ? -16.355 -14.060 10.352  1.00 48.52 ? 36  TYR A C   1 
ATOM   289  O O   . TYR A 1 36  ? -15.332 -14.766 10.387  1.00 49.98 ? 36  TYR A O   1 
ATOM   290  C CB  . TYR A 1 36  ? -17.053 -15.065 8.001   1.00 53.36 ? 36  TYR A CB  1 
ATOM   291  C CG  . TYR A 1 36  ? -18.297 -15.559 7.245   1.00 54.53 ? 36  TYR A CG  1 
ATOM   292  C CD1 . TYR A 1 36  ? -18.990 -16.694 7.694   1.00 59.97 ? 36  TYR A CD1 1 
ATOM   293  C CD2 . TYR A 1 36  ? -18.847 -14.842 6.178   1.00 55.75 ? 36  TYR A CD2 1 
ATOM   294  C CE1 . TYR A 1 36  ? -20.165 -17.123 7.085   1.00 58.72 ? 36  TYR A CE1 1 
ATOM   295  C CE2 . TYR A 1 36  ? -20.022 -15.264 5.555   1.00 56.95 ? 36  TYR A CE2 1 
ATOM   296  C CZ  . TYR A 1 36  ? -20.684 -16.409 6.019   1.00 64.33 ? 36  TYR A CZ  1 
ATOM   297  O OH  . TYR A 1 36  ? -21.861 -16.874 5.452   1.00 61.32 ? 36  TYR A OH  1 
ATOM   298  N N   . ILE A 1 37  ? -16.560 -13.050 11.216  1.00 43.84 ? 37  ILE A N   1 
ATOM   299  C CA  . ILE A 1 37  ? -15.527 -12.615 12.180  1.00 45.98 ? 37  ILE A CA  1 
ATOM   300  C C   . ILE A 1 37  ? -15.157 -13.781 13.064  1.00 48.56 ? 37  ILE A C   1 
ATOM   301  O O   . ILE A 1 37  ? -16.036 -14.526 13.529  1.00 42.01 ? 37  ILE A O   1 
ATOM   302  C CB  . ILE A 1 37  ? -15.892 -11.451 13.167  1.00 54.20 ? 37  ILE A CB  1 
ATOM   303  C CG1 . ILE A 1 37  ? -16.764 -10.370 12.519  1.00 62.66 ? 37  ILE A CG1 1 
ATOM   304  C CG2 . ILE A 1 37  ? -14.599 -10.829 13.745  1.00 52.74 ? 37  ILE A CG2 1 
ATOM   305  C CD1 . ILE A 1 37  ? -16.929 -9.076  13.308  1.00 65.64 ? 37  ILE A CD1 1 
ATOM   306  N N   . SER A 1 38  ? -13.855 -13.895 13.330  1.00 45.58 ? 38  SER A N   1 
ATOM   307  C CA  . SER A 1 38  ? -13.321 -14.990 14.080  1.00 48.83 ? 38  SER A CA  1 
ATOM   308  C C   . SER A 1 38  ? -12.423 -14.461 15.213  1.00 49.85 ? 38  SER A C   1 
ATOM   309  O O   . SER A 1 38  ? -12.586 -13.301 15.639  1.00 49.72 ? 38  SER A O   1 
ATOM   310  C CB  . SER A 1 38  ? -12.613 -15.949 13.127  1.00 50.56 ? 38  SER A CB  1 
ATOM   311  O OG  . SER A 1 38  ? -12.848 -17.267 13.560  1.00 48.40 ? 38  SER A OG  1 
ATOM   312  N N   . LYS A 1 39  ? -11.550 -15.324 15.747  1.00 53.36 ? 39  LYS A N   1 
ATOM   313  C CA  . LYS A 1 39  ? -10.622 -14.962 16.842  1.00 57.83 ? 39  LYS A CA  1 
ATOM   314  C C   . LYS A 1 39  ? -9.851  -13.675 16.490  1.00 59.44 ? 39  LYS A C   1 
ATOM   315  O O   . LYS A 1 39  ? -9.330  -13.566 15.373  1.00 60.20 ? 39  LYS A O   1 
ATOM   316  C CB  . LYS A 1 39  ? -9.653  -16.116 17.120  1.00 56.13 ? 39  LYS A CB  1 
ATOM   317  N N   . SER A 1 40  ? -9.831  -12.699 17.411  1.00 63.85 ? 40  SER A N   1 
ATOM   318  C CA  . SER A 1 40  ? -9.013  -11.481 17.256  1.00 61.72 ? 40  SER A CA  1 
ATOM   319  C C   . SER A 1 40  ? -7.538  -11.889 16.997  1.00 62.01 ? 40  SER A C   1 
ATOM   320  O O   . SER A 1 40  ? -6.917  -12.567 17.835  1.00 55.30 ? 40  SER A O   1 
ATOM   321  C CB  . SER A 1 40  ? -9.143  -10.578 18.485  1.00 58.53 ? 40  SER A CB  1 
ATOM   322  N N   . THR A 1 41  ? -7.025  -11.519 15.811  1.00 60.61 ? 41  THR A N   1 
ATOM   323  C CA  . THR A 1 41  ? -5.656  -11.871 15.344  1.00 56.03 ? 41  THR A CA  1 
ATOM   324  C C   . THR A 1 41  ? -4.494  -11.150 16.111  1.00 56.55 ? 41  THR A C   1 
ATOM   325  O O   . THR A 1 41  ? -3.329  -11.526 15.940  1.00 49.99 ? 41  THR A O   1 
ATOM   326  C CB  . THR A 1 41  ? -5.541  -11.642 13.832  1.00 54.73 ? 41  THR A CB  1 
ATOM   327  N N   . GLY A 1 42  ? -4.822  -10.118 16.914  1.00 52.41 ? 42  GLY A N   1 
ATOM   328  C CA  . GLY A 1 42  ? -3.931  -9.501  17.949  1.00 46.98 ? 42  GLY A CA  1 
ATOM   329  C C   . GLY A 1 42  ? -4.611  -8.312  18.670  1.00 42.69 ? 42  GLY A C   1 
ATOM   330  O O   . GLY A 1 42  ? -5.840  -8.186  18.640  1.00 38.16 ? 42  GLY A O   1 
ATOM   331  N N   . ASP A 1 43  ? -3.801  -7.419  19.258  1.00 35.80 ? 43  ASP A N   1 
ATOM   332  C CA  . ASP A 1 43  ? -4.257  -6.262  20.053  1.00 30.33 ? 43  ASP A CA  1 
ATOM   333  C C   . ASP A 1 43  ? -3.288  -5.048  19.868  1.00 26.90 ? 43  ASP A C   1 
ATOM   334  O O   . ASP A 1 43  ? -2.279  -5.162  19.164  1.00 23.91 ? 43  ASP A O   1 
ATOM   335  C CB  . ASP A 1 43  ? -4.350  -6.666  21.535  1.00 31.76 ? 43  ASP A CB  1 
ATOM   336  C CG  . ASP A 1 43  ? -3.071  -7.262  22.065  1.00 35.11 ? 43  ASP A CG  1 
ATOM   337  O OD1 . ASP A 1 43  ? -3.117  -8.428  22.512  1.00 48.07 ? 43  ASP A OD1 1 
ATOM   338  O OD2 . ASP A 1 43  ? -2.019  -6.586  22.085  1.00 34.02 ? 43  ASP A OD2 1 
ATOM   339  N N   . ILE A 1 44  ? -3.582  -3.927  20.516  1.00 22.46 ? 44  ILE A N   1 
ATOM   340  C CA  . ILE A 1 44  ? -2.818  -2.694  20.351  1.00 22.12 ? 44  ILE A CA  1 
ATOM   341  C C   . ILE A 1 44  ? -1.364  -2.961  20.711  1.00 23.00 ? 44  ILE A C   1 
ATOM   342  O O   . ILE A 1 44  ? -0.515  -2.673  19.899  1.00 18.88 ? 44  ILE A O   1 
ATOM   343  C CB  . ILE A 1 44  ? -3.386  -1.534  21.161  1.00 22.01 ? 44  ILE A CB  1 
ATOM   344  C CG1 . ILE A 1 44  ? -4.857  -1.264  20.755  1.00 24.46 ? 44  ILE A CG1 1 
ATOM   345  C CG2 . ILE A 1 44  ? -2.496  -0.298  21.080  1.00 21.26 ? 44  ILE A CG2 1 
ATOM   346  C CD1 . ILE A 1 44  ? -5.550  -0.194  21.627  1.00 25.19 ? 44  ILE A CD1 1 
ATOM   347  N N   . LYS A 1 45  ? -1.065  -3.612  21.863  1.00 20.75 ? 45  LYS A N   1 
ATOM   348  C CA  . LYS A 1 45  ? 0.356   -3.872  22.197  1.00 20.83 ? 45  LYS A CA  1 
ATOM   349  C C   . LYS A 1 45  ? 1.075   -4.767  21.205  1.00 18.87 ? 45  LYS A C   1 
ATOM   350  O O   . LYS A 1 45  ? 2.227   -4.520  20.893  1.00 19.38 ? 45  LYS A O   1 
ATOM   351  C CB  . LYS A 1 45  ? 0.531   -4.389  23.633  1.00 22.99 ? 45  LYS A CB  1 
ATOM   352  C CG  . LYS A 1 45  ? 0.395   -3.240  24.608  1.00 27.74 ? 45  LYS A CG  1 
ATOM   353  C CD  . LYS A 1 45  ? 0.489   -3.674  26.069  1.00 33.77 ? 45  LYS A CD  1 
ATOM   354  C CE  . LYS A 1 45  ? -0.117  -2.631  27.000  1.00 37.31 ? 45  LYS A CE  1 
ATOM   355  N NZ  . LYS A 1 45  ? -1.350  -3.218  27.599  1.00 43.32 ? 45  LYS A NZ  1 
ATOM   356  N N   . SER A 1 46  ? 0.434   -5.806  20.707  1.00 18.18 ? 46  SER A N   1 
ATOM   357  C CA  . SER A 1 46  ? 1.115   -6.654  19.723  1.00 18.79 ? 46  SER A CA  1 
ATOM   358  C C   . SER A 1 46  ? 1.357   -5.886  18.401  1.00 18.61 ? 46  SER A C   1 
ATOM   359  O O   . SER A 1 46  ? 2.359   -6.104  17.730  1.00 16.71 ? 46  SER A O   1 
ATOM   360  C CB  . SER A 1 46  ? 0.402   -7.963  19.514  1.00 19.17 ? 46  SER A CB  1 
ATOM   361  O OG  . SER A 1 46  ? -0.848  -7.836  18.920  1.00 23.19 ? 46  SER A OG  1 
ATOM   362  N N   . GLN A 1 47  ? 0.420   -5.019  18.041  1.00 18.45 ? 47  GLN A N   1 
ATOM   363  C CA  . GLN A 1 47  ? 0.591   -4.154  16.850  1.00 18.34 ? 47  GLN A CA  1 
ATOM   364  C C   . GLN A 1 47  ? 1.793   -3.208  17.049  1.00 18.07 ? 47  GLN A C   1 
ATOM   365  O O   . GLN A 1 47  ? 2.637   -3.061  16.134  1.00 16.22 ? 47  GLN A O   1 
ATOM   366  C CB  . GLN A 1 47  ? -0.704  -3.372  16.599  1.00 20.78 ? 47  GLN A CB  1 
ATOM   367  C CG  . GLN A 1 47  ? -0.732  -2.582  15.288  1.00 20.23 ? 47  GLN A CG  1 
ATOM   368  C CD  . GLN A 1 47  ? -0.536  -3.455  14.060  1.00 22.13 ? 47  GLN A CD  1 
ATOM   369  O OE1 . GLN A 1 47  ? -1.454  -4.112  13.629  1.00 24.93 ? 47  GLN A OE1 1 
ATOM   370  N NE2 . GLN A 1 47  ? 0.637   -3.343  13.405  1.00 21.42 ? 47  GLN A NE2 1 
ATOM   371  N N   . ALA A 1 48  ? 1.875   -2.603  18.244  1.00 15.83 ? 48  ALA A N   1 
ATOM   372  C CA  . ALA A 1 48  ? 2.972   -1.715  18.601  1.00 17.87 ? 48  ALA A CA  1 
ATOM   373  C C   . ALA A 1 48  ? 4.226   -2.506  18.528  1.00 16.30 ? 48  ALA A C   1 
ATOM   374  O O   . ALA A 1 48  ? 5.203   -2.030  17.990  1.00 15.75 ? 48  ALA A O   1 
ATOM   375  C CB  . ALA A 1 48  ? 2.801   -1.060  19.981  1.00 19.13 ? 48  ALA A CB  1 
ATOM   376  N N   . GLU A 1 49  ? 4.197   -3.755  19.018  1.00 17.29 ? 49  GLU A N   1 
ATOM   377  C CA  . GLU A 1 49  ? 5.415   -4.567  18.990  1.00 19.35 ? 49  GLU A CA  1 
ATOM   378  C C   . GLU A 1 49  ? 5.838   -4.878  17.539  1.00 18.64 ? 49  GLU A C   1 
ATOM   379  O O   . GLU A 1 49  ? 7.041   -4.899  17.203  1.00 20.46 ? 49  GLU A O   1 
ATOM   380  C CB  . GLU A 1 49  ? 5.234   -5.870  19.789  1.00 20.21 ? 49  GLU A CB  1 
ATOM   381  C CG  . GLU A 1 49  ? 5.177   -5.623  21.316  1.00 20.63 ? 49  GLU A CG  1 
ATOM   382  C CD  . GLU A 1 49  ? 4.311   -6.652  22.096  1.00 21.65 ? 49  GLU A CD  1 
ATOM   383  O OE1 . GLU A 1 49  ? 3.972   -7.717  21.523  1.00 22.51 ? 49  GLU A OE1 1 
ATOM   384  O OE2 . GLU A 1 49  ? 3.953   -6.382  23.264  1.00 20.32 ? 49  GLU A OE2 1 
ATOM   385  N N   . TRP A 1 50  ? 4.858   -5.127  16.696  1.00 16.72 ? 50  TRP A N   1 
ATOM   386  C CA  . TRP A 1 50  ? 5.131   -5.442  15.291  1.00 16.96 ? 50  TRP A CA  1 
ATOM   387  C C   . TRP A 1 50  ? 5.813   -4.208  14.668  1.00 13.98 ? 50  TRP A C   1 
ATOM   388  O O   . TRP A 1 50  ? 6.779   -4.350  13.911  1.00 15.88 ? 50  TRP A O   1 
ATOM   389  C CB  . TRP A 1 50  ? 3.844   -5.865  14.551  1.00 15.80 ? 50  TRP A CB  1 
ATOM   390  C CG  . TRP A 1 50  ? 4.088   -6.386  13.160  1.00 15.63 ? 50  TRP A CG  1 
ATOM   391  C CD1 . TRP A 1 50  ? 4.156   -7.714  12.745  1.00 16.37 ? 50  TRP A CD1 1 
ATOM   392  C CD2 . TRP A 1 50  ? 4.309   -5.598  12.002  1.00 14.46 ? 50  TRP A CD2 1 
ATOM   393  N NE1 . TRP A 1 50  ? 4.420   -7.756  11.398  1.00 15.93 ? 50  TRP A NE1 1 
ATOM   394  C CE2 . TRP A 1 50  ? 4.528   -6.476  10.926  1.00 15.03 ? 50  TRP A CE2 1 
ATOM   395  C CE3 . TRP A 1 50  ? 4.326   -4.228  11.766  1.00 13.44 ? 50  TRP A CE3 1 
ATOM   396  C CZ2 . TRP A 1 50  ? 4.810   -6.019  9.635   1.00 14.95 ? 50  TRP A CZ2 1 
ATOM   397  C CZ3 . TRP A 1 50  ? 4.635   -3.793  10.468  1.00 13.80 ? 50  TRP A CZ3 1 
ATOM   398  C CH2 . TRP A 1 50  ? 4.847   -4.676  9.436   1.00 13.70 ? 50  TRP A CH2 1 
ATOM   399  N N   . ILE A 1 51  ? 5.284   -3.029  14.973  1.00 13.45 ? 51  ILE A N   1 
ATOM   400  C CA  . ILE A 1 51  ? 5.788   -1.747  14.428  1.00 13.27 ? 51  ILE A CA  1 
ATOM   401  C C   . ILE A 1 51  ? 7.226   -1.529  14.891  1.00 15.77 ? 51  ILE A C   1 
ATOM   402  O O   . ILE A 1 51  ? 8.082   -1.169  14.113  1.00 13.56 ? 51  ILE A O   1 
ATOM   403  C CB  . ILE A 1 51  ? 4.896   -0.554  14.807  1.00 12.80 ? 51  ILE A CB  1 
ATOM   404  C CG1 . ILE A 1 51  ? 3.547   -0.686  14.061  1.00 12.34 ? 51  ILE A CG1 1 
ATOM   405  C CG2 . ILE A 1 51  ? 5.511   0.786   14.424  1.00 12.67 ? 51  ILE A CG2 1 
ATOM   406  C CD1 . ILE A 1 51  ? 2.552   0.310   14.587  1.00 12.38 ? 51  ILE A CD1 1 
ATOM   407  N N   . ARG A 1 52  ? 7.513   -1.774  16.166  1.00 18.69 ? 52  ARG A N   1 
ATOM   408  C CA  . ARG A 1 52  ? 8.867   -1.518  16.602  1.00 22.13 ? 52  ARG A CA  1 
ATOM   409  C C   . ARG A 1 52  ? 9.838   -2.444  15.923  1.00 21.99 ? 52  ARG A C   1 
ATOM   410  O O   . ARG A 1 52  ? 10.906  -2.023  15.545  1.00 21.55 ? 52  ARG A O   1 
ATOM   411  C CB  . ARG A 1 52  ? 9.009   -1.510  18.116  1.00 28.60 ? 52  ARG A CB  1 
ATOM   412  C CG  . ARG A 1 52  ? 8.897   -2.798  18.821  1.00 32.22 ? 52  ARG A CG  1 
ATOM   413  C CD  . ARG A 1 52  ? 9.293   -2.590  20.290  1.00 34.47 ? 52  ARG A CD  1 
ATOM   414  N NE  . ARG A 1 52  ? 8.229   -1.906  21.020  1.00 31.97 ? 52  ARG A NE  1 
ATOM   415  C CZ  . ARG A 1 52  ? 7.558   -2.379  22.075  1.00 35.44 ? 52  ARG A CZ  1 
ATOM   416  N NH1 . ARG A 1 52  ? 7.798   -3.597  22.608  1.00 33.37 ? 52  ARG A NH1 1 
ATOM   417  N NH2 . ARG A 1 52  ? 6.624   -1.588  22.609  1.00 35.94 ? 52  ARG A NH2 1 
ATOM   418  N N   . ASN A 1 53  ? 9.428   -3.664  15.646  1.00 23.07 ? 53  ASN A N   1 
ATOM   419  C CA  . ASN A 1 53  ? 10.262  -4.577  14.910  1.00 20.94 ? 53  ASN A CA  1 
ATOM   420  C C   . ASN A 1 53  ? 10.419  -4.116  13.471  1.00 21.28 ? 53  ASN A C   1 
ATOM   421  O O   . ASN A 1 53  ? 11.495  -4.199  12.885  1.00 20.27 ? 53  ASN A O   1 
ATOM   422  C CB  . ASN A 1 53  ? 9.609   -5.948  14.919  1.00 25.89 ? 53  ASN A CB  1 
ATOM   423  C CG  . ASN A 1 53  ? 10.576  -7.033  15.175  1.00 32.63 ? 53  ASN A CG  1 
ATOM   424  O OD1 . ASN A 1 53  ? 11.543  -6.836  15.906  1.00 29.80 ? 53  ASN A OD1 1 
ATOM   425  N ND2 . ASN A 1 53  ? 10.324  -8.204  14.603  1.00 37.10 ? 53  ASN A ND2 1 
ATOM   426  N N   . TYR A 1 54  ? 9.305   -3.666  12.867  1.00 16.86 ? 54  TYR A N   1 
ATOM   427  C CA  . TYR A 1 54  ? 9.280   -3.118  11.505  1.00 13.98 ? 54  TYR A CA  1 
ATOM   428  C C   . TYR A 1 54  ? 10.268  -1.938  11.395  1.00 13.83 ? 54  TYR A C   1 
ATOM   429  O O   . TYR A 1 54  ? 10.934  -1.782  10.417  1.00 12.60 ? 54  TYR A O   1 
ATOM   430  C CB  . TYR A 1 54  ? 7.828   -2.691  11.073  1.00 12.86 ? 54  TYR A CB  1 
ATOM   431  C CG  . TYR A 1 54  ? 7.841   -1.533  10.110  1.00 11.98 ? 54  TYR A CG  1 
ATOM   432  C CD1 . TYR A 1 54  ? 7.770   -0.238  10.587  1.00 11.51 ? 54  TYR A CD1 1 
ATOM   433  C CD2 . TYR A 1 54  ? 8.102   -1.705  8.723   1.00 11.12 ? 54  TYR A CD2 1 
ATOM   434  C CE1 . TYR A 1 54  ? 7.862   0.819   9.759   1.00 10.26 ? 54  TYR A CE1 1 
ATOM   435  C CE2 . TYR A 1 54  ? 8.224   -0.599  7.867   1.00 10.17 ? 54  TYR A CE2 1 
ATOM   436  C CZ  . TYR A 1 54  ? 8.079   0.653   8.412   1.00 9.89  ? 54  TYR A CZ  1 
ATOM   437  O OH  . TYR A 1 54  ? 8.222   1.774   7.661   1.00 9.10  ? 54  TYR A OH  1 
ATOM   438  N N   . LYS A 1 55  ? 10.390  -1.127  12.428  1.00 12.83 ? 55  LYS A N   1 
ATOM   439  C CA  . LYS A 1 55  ? 11.303  -0.022  12.360  1.00 13.11 ? 55  LYS A CA  1 
ATOM   440  C C   . LYS A 1 55  ? 12.766  -0.420  12.103  1.00 14.83 ? 55  LYS A C   1 
ATOM   441  O O   . LYS A 1 55  ? 13.495  0.295   11.412  1.00 12.73 ? 55  LYS A O   1 
ATOM   442  C CB  . LYS A 1 55  ? 11.180  0.822   13.627  1.00 12.96 ? 55  LYS A CB  1 
ATOM   443  C CG  . LYS A 1 55  ? 9.892   1.677   13.625  1.00 13.08 ? 55  LYS A CG  1 
ATOM   444  C CD  . LYS A 1 55  ? 9.964   2.847   12.626  1.00 13.29 ? 55  LYS A CD  1 
ATOM   445  C CE  . LYS A 1 55  ? 8.653   3.556   12.524  1.00 12.67 ? 55  LYS A CE  1 
ATOM   446  N NZ  . LYS A 1 55  ? 8.758   4.672   11.534  1.00 12.84 ? 55  LYS A NZ  1 
ATOM   447  N N   . ASN A 1 56  ? 13.143  -1.596  12.551  1.00 16.50 ? 56  ASN A N   1 
ATOM   448  C CA  . ASN A 1 56  ? 14.493  -2.115  12.230  1.00 18.29 ? 56  ASN A CA  1 
ATOM   449  C C   . ASN A 1 56  ? 14.671  -2.262  10.714  1.00 15.78 ? 56  ASN A C   1 
ATOM   450  O O   . ASN A 1 56  ? 15.731  -1.866  10.122  1.00 14.37 ? 56  ASN A O   1 
ATOM   451  C CB  . ASN A 1 56  ? 14.704  -3.459  12.896  1.00 20.63 ? 56  ASN A CB  1 
ATOM   452  C CG  . ASN A 1 56  ? 14.761  -3.352  14.411  1.00 24.85 ? 56  ASN A CG  1 
ATOM   453  O OD1 . ASN A 1 56  ? 15.423  -2.499  14.922  1.00 25.63 ? 56  ASN A OD1 1 
ATOM   454  N ND2 . ASN A 1 56  ? 13.989  -4.214  15.128  1.00 29.92 ? 56  ASN A ND2 1 
ATOM   455  N N   . ARG A 1 57  ? 13.620  -2.818  10.111  1.00 14.20 ? 57  ARG A N   1 
ATOM   456  C CA  . ARG A 1 57  ? 13.566  -3.012  8.678   1.00 14.84 ? 57  ARG A CA  1 
ATOM   457  C C   . ARG A 1 57  ? 13.558  -1.675  7.913   1.00 15.13 ? 57  ARG A C   1 
ATOM   458  O O   . ARG A 1 57  ? 14.301  -1.520  6.902   1.00 15.43 ? 57  ARG A O   1 
ATOM   459  C CB  . ARG A 1 57  ? 12.396  -3.957  8.278   1.00 15.18 ? 57  ARG A CB  1 
ATOM   460  C CG  . ARG A 1 57  ? 12.528  -5.331  8.920   1.00 15.84 ? 57  ARG A CG  1 
ATOM   461  C CD  . ARG A 1 57  ? 11.679  -6.424  8.289   1.00 16.24 ? 57  ARG A CD  1 
ATOM   462  N NE  . ARG A 1 57  ? 10.246  -6.156  8.311   1.00 16.57 ? 57  ARG A NE  1 
ATOM   463  C CZ  . ARG A 1 57  ? 9.478   -6.208  9.407   1.00 15.68 ? 57  ARG A CZ  1 
ATOM   464  N NH1 . ARG A 1 57  ? 9.980   -6.518  10.610  1.00 15.95 ? 57  ARG A NH1 1 
ATOM   465  N NH2 . ARG A 1 57  ? 8.181   -5.951  9.271   1.00 16.06 ? 57  ARG A NH2 1 
ATOM   466  N N   . GLU A 1 58  ? 12.778  -0.706  8.391   1.00 14.08 ? 58  GLU A N   1 
ATOM   467  C CA  . GLU A 1 58  ? 12.758  0.613   7.786   1.00 14.32 ? 58  GLU A CA  1 
ATOM   468  C C   . GLU A 1 58  ? 14.121  1.274   7.828   1.00 14.39 ? 58  GLU A C   1 
ATOM   469  O O   . GLU A 1 58  ? 14.593  1.809   6.822   1.00 13.88 ? 58  GLU A O   1 
ATOM   470  C CB  . GLU A 1 58  ? 11.732  1.482   8.523   1.00 15.10 ? 58  GLU A CB  1 
ATOM   471  C CG  . GLU A 1 58  ? 11.471  2.840   7.921   1.00 14.31 ? 58  GLU A CG  1 
ATOM   472  C CD  . GLU A 1 58  ? 10.696  3.731   8.833   1.00 14.06 ? 58  GLU A CD  1 
ATOM   473  O OE1 . GLU A 1 58  ? 11.311  4.698   9.327   1.00 13.94 ? 58  GLU A OE1 1 
ATOM   474  O OE2 . GLU A 1 58  ? 9.488   3.504   9.034   1.00 12.88 ? 58  GLU A OE2 1 
ATOM   475  N N   . ASN A 1 59  ? 14.750  1.251   8.996   1.00 13.93 ? 59  ASN A N   1 
ATOM   476  C CA  . ASN A 1 59  ? 16.062  1.847   9.143   1.00 15.58 ? 59  ASN A CA  1 
ATOM   477  C C   . ASN A 1 59  ? 17.156  1.127   8.339   1.00 15.97 ? 59  ASN A C   1 
ATOM   478  O O   . ASN A 1 59  ? 18.132  1.761   7.983   1.00 16.31 ? 59  ASN A O   1 
ATOM   479  C CB  . ASN A 1 59  ? 16.486  1.974   10.596  1.00 17.25 ? 59  ASN A CB  1 
ATOM   480  C CG  . ASN A 1 59  ? 15.641  2.981   11.391  1.00 17.40 ? 59  ASN A CG  1 
ATOM   481  O OD1 . ASN A 1 59  ? 15.381  4.091   10.964  1.00 17.64 ? 59  ASN A OD1 1 
ATOM   482  N ND2 . ASN A 1 59  ? 15.204  2.553   12.574  1.00 17.31 ? 59  ASN A ND2 1 
ATOM   483  N N   . ASN A 1 60  ? 16.964  -0.135  7.992   1.00 15.31 ? 60  ASN A N   1 
ATOM   484  C CA  . ASN A 1 60  ? 17.837  -0.848  7.102   1.00 18.14 ? 60  ASN A CA  1 
ATOM   485  C C   . ASN A 1 60  ? 17.476  -0.703  5.643   1.00 19.32 ? 60  ASN A C   1 
ATOM   486  O O   . ASN A 1 60  ? 18.115  -1.320  4.809   1.00 18.06 ? 60  ASN A O   1 
ATOM   487  C CB  . ASN A 1 60  ? 17.914  -2.327  7.473   1.00 22.30 ? 60  ASN A CB  1 
ATOM   488  C CG  . ASN A 1 60  ? 18.701  -2.573  8.740   1.00 23.64 ? 60  ASN A CG  1 
ATOM   489  O OD1 . ASN A 1 60  ? 19.631  -1.819  9.046   1.00 28.91 ? 60  ASN A OD1 1 
ATOM   490  N ND2 . ASN A 1 60  ? 18.371  -3.635  9.459   1.00 23.69 ? 60  ASN A ND2 1 
ATOM   491  N N   . GLY A 1 61  ? 16.453  0.096   5.320   1.00 17.14 ? 61  GLY A N   1 
ATOM   492  C CA  . GLY A 1 61  ? 16.015  0.207   3.937   1.00 17.43 ? 61  GLY A CA  1 
ATOM   493  C C   . GLY A 1 61  ? 15.372  -0.985  3.324   1.00 16.36 ? 61  GLY A C   1 
ATOM   494  O O   . GLY A 1 61  ? 15.410  -1.154  2.101   1.00 14.98 ? 61  GLY A O   1 
ATOM   495  N N   . GLU A 1 62  ? 14.737  -1.809  4.139   1.00 14.08 ? 62  GLU A N   1 
ATOM   496  C CA  . GLU A 1 62  ? 14.219  -3.040  3.679   1.00 15.12 ? 62  GLU A CA  1 
ATOM   497  C C   . GLU A 1 62  ? 12.678  -3.089  3.647   1.00 13.96 ? 62  GLU A C   1 
ATOM   498  O O   . GLU A 1 62  ? 12.143  -4.065  3.151   1.00 14.00 ? 62  GLU A O   1 
ATOM   499  C CB  . GLU A 1 62  ? 14.690  -4.146  4.595   1.00 19.70 ? 62  GLU A CB  1 
ATOM   500  C CG  . GLU A 1 62  ? 16.199  -4.261  4.626   1.00 25.31 ? 62  GLU A CG  1 
ATOM   501  C CD  . GLU A 1 62  ? 16.694  -5.285  5.652   1.00 31.36 ? 62  GLU A CD  1 
ATOM   502  O OE1 . GLU A 1 62  ? 15.997  -5.600  6.679   1.00 34.18 ? 62  GLU A OE1 1 
ATOM   503  O OE2 . GLU A 1 62  ? 17.829  -5.762  5.410   1.00 41.62 ? 62  GLU A OE2 1 
ATOM   504  N N   . GLU A 1 63  ? 12.001  -2.044  4.141   1.00 11.82 ? 63  GLU A N   1 
ATOM   505  C CA  . GLU A 1 63  ? 10.528  -2.033  4.209   1.00 11.56 ? 63  GLU A CA  1 
ATOM   506  C C   . GLU A 1 63  ? 10.040  -0.635  4.550   1.00 11.15 ? 63  GLU A C   1 
ATOM   507  O O   . GLU A 1 63  ? 10.724  0.075   5.266   1.00 10.23 ? 63  GLU A O   1 
ATOM   508  C CB  . GLU A 1 63  ? 10.082  -3.009  5.270   1.00 12.17 ? 63  GLU A CB  1 
ATOM   509  C CG  . GLU A 1 63  ? 8.595   -3.278  5.305   1.00 12.05 ? 63  GLU A CG  1 
ATOM   510  C CD  . GLU A 1 63  ? 8.274   -4.545  6.079   1.00 12.74 ? 63  GLU A CD  1 
ATOM   511  O OE1 . GLU A 1 63  ? 7.356   -4.568  6.908   1.00 11.71 ? 63  GLU A OE1 1 
ATOM   512  O OE2 . GLU A 1 63  ? 8.946   -5.534  5.853   1.00 13.02 ? 63  GLU A OE2 1 
ATOM   513  N N   . TYR A 1 64  ? 8.903   -0.218  3.999   1.00 9.94  ? 64  TYR A N   1 
ATOM   514  C CA  . TYR A 1 64  ? 8.316   1.118   4.337   1.00 10.92 ? 64  TYR A CA  1 
ATOM   515  C C   . TYR A 1 64  ? 6.815   0.963   4.414   1.00 10.26 ? 64  TYR A C   1 
ATOM   516  O O   . TYR A 1 64  ? 6.188   0.452   3.493   1.00 10.57 ? 64  TYR A O   1 
ATOM   517  C CB  . TYR A 1 64  ? 8.697   2.132   3.281   1.00 11.95 ? 64  TYR A CB  1 
ATOM   518  C CG  . TYR A 1 64  ? 10.198  2.373   3.195   1.00 13.61 ? 64  TYR A CG  1 
ATOM   519  C CD1 . TYR A 1 64  ? 10.850  3.161   4.135   1.00 14.91 ? 64  TYR A CD1 1 
ATOM   520  C CD2 . TYR A 1 64  ? 10.968  1.775   2.205   1.00 15.75 ? 64  TYR A CD2 1 
ATOM   521  C CE1 . TYR A 1 64  ? 12.228  3.375   4.084   1.00 15.05 ? 64  TYR A CE1 1 
ATOM   522  C CE2 . TYR A 1 64  ? 12.339  1.975   2.162   1.00 15.69 ? 64  TYR A CE2 1 
ATOM   523  C CZ  . TYR A 1 64  ? 12.956  2.750   3.130   1.00 17.19 ? 64  TYR A CZ  1 
ATOM   524  O OH  . TYR A 1 64  ? 14.342  2.959   3.078   1.00 17.37 ? 64  TYR A OH  1 
ATOM   525  N N   . TYR A 1 65  ? 6.283   1.340   5.541   1.00 9.77  ? 65  TYR A N   1 
ATOM   526  C CA  . TYR A 1 65  ? 4.885   1.149   5.901   1.00 10.28 ? 65  TYR A CA  1 
ATOM   527  C C   . TYR A 1 65  ? 4.321   2.514   6.186   1.00 10.28 ? 65  TYR A C   1 
ATOM   528  O O   . TYR A 1 65  ? 4.906   3.268   6.974   1.00 9.93  ? 65  TYR A O   1 
ATOM   529  C CB  . TYR A 1 65  ? 4.853   0.310   7.170   1.00 10.87 ? 65  TYR A CB  1 
ATOM   530  C CG  . TYR A 1 65  ? 3.511   -0.300  7.603   1.00 11.04 ? 65  TYR A CG  1 
ATOM   531  C CD1 . TYR A 1 65  ? 3.367   -0.814  8.880   1.00 12.35 ? 65  TYR A CD1 1 
ATOM   532  C CD2 . TYR A 1 65  ? 2.411   -0.377  6.776   1.00 13.09 ? 65  TYR A CD2 1 
ATOM   533  C CE1 . TYR A 1 65  ? 2.205   -1.387  9.325   1.00 13.19 ? 65  TYR A CE1 1 
ATOM   534  C CE2 . TYR A 1 65  ? 1.217   -0.963  7.210   1.00 12.97 ? 65  TYR A CE2 1 
ATOM   535  C CZ  . TYR A 1 65  ? 1.120   -1.494  8.502   1.00 13.98 ? 65  TYR A CZ  1 
ATOM   536  O OH  . TYR A 1 65  ? -0.059  -2.112  8.958   1.00 14.52 ? 65  TYR A OH  1 
ATOM   537  N N   . PHE A 1 66  ? 3.205   2.833   5.516   1.00 10.69 ? 66  PHE A N   1 
ATOM   538  C CA  . PHE A 1 66  ? 2.598   4.120   5.536   1.00 9.93  ? 66  PHE A CA  1 
ATOM   539  C C   . PHE A 1 66  ? 1.177   4.122   6.027   1.00 10.42 ? 66  PHE A C   1 
ATOM   540  O O   . PHE A 1 66  ? 0.441   3.156   5.813   1.00 10.33 ? 66  PHE A O   1 
ATOM   541  C CB  . PHE A 1 66  ? 2.550   4.656   4.104   1.00 10.10 ? 66  PHE A CB  1 
ATOM   542  C CG  . PHE A 1 66  ? 3.893   4.904   3.520   1.00 10.88 ? 66  PHE A CG  1 
ATOM   543  C CD1 . PHE A 1 66  ? 4.564   6.121   3.778   1.00 10.65 ? 66  PHE A CD1 1 
ATOM   544  C CD2 . PHE A 1 66  ? 4.497   3.955   2.695   1.00 11.34 ? 66  PHE A CD2 1 
ATOM   545  C CE1 . PHE A 1 66  ? 5.827   6.360   3.231   1.00 11.45 ? 66  PHE A CE1 1 
ATOM   546  C CE2 . PHE A 1 66  ? 5.757   4.201   2.138   1.00 11.18 ? 66  PHE A CE2 1 
ATOM   547  C CZ  . PHE A 1 66  ? 6.439   5.395   2.423   1.00 11.45 ? 66  PHE A CZ  1 
ATOM   548  N N   . ILE A 1 67  ? 0.822   5.249   6.685   1.00 10.13 ? 67  ILE A N   1 
ATOM   549  C CA  . ILE A 1 67  ? -0.542  5.597   6.958   1.00 9.90  ? 67  ILE A CA  1 
ATOM   550  C C   . ILE A 1 67  ? -0.983  6.481   5.811   1.00 10.03 ? 67  ILE A C   1 
ATOM   551  O O   . ILE A 1 67  ? -0.240  7.357   5.396   1.00 10.58 ? 67  ILE A O   1 
ATOM   552  C CB  . ILE A 1 67  ? -0.740  6.368   8.296   1.00 10.48 ? 67  ILE A CB  1 
ATOM   553  C CG1 . ILE A 1 67  ? -0.356  5.525   9.520   1.00 11.42 ? 67  ILE A CG1 1 
ATOM   554  C CG2 . ILE A 1 67  ? -2.223  6.688   8.491   1.00 11.53 ? 67  ILE A CG2 1 
ATOM   555  C CD1 . ILE A 1 67  ? -1.040  4.194   9.615   1.00 11.60 ? 67  ILE A CD1 1 
ATOM   556  N N   . ILE A 1 68  ? -2.181  6.213   5.316   1.00 10.41 ? 68  ILE A N   1 
ATOM   557  C CA  . ILE A 1 68  ? -2.907  7.042   4.339   1.00 10.08 ? 68  ILE A CA  1 
ATOM   558  C C   . ILE A 1 68  ? -3.822  8.028   5.058   1.00 10.05 ? 68  ILE A C   1 
ATOM   559  O O   . ILE A 1 68  ? -4.569  7.657   5.913   1.00 9.79  ? 68  ILE A O   1 
ATOM   560  C CB  . ILE A 1 68  ? -3.758  6.217   3.379   1.00 10.07 ? 68  ILE A CB  1 
ATOM   561  C CG1 . ILE A 1 68  ? -2.898  5.060   2.784   1.00 10.30 ? 68  ILE A CG1 1 
ATOM   562  C CG2 . ILE A 1 68  ? -4.248  7.088   2.229   1.00 10.23 ? 68  ILE A CG2 1 
ATOM   563  C CD1 . ILE A 1 68  ? -3.695  4.034   2.035   1.00 10.27 ? 68  ILE A CD1 1 
ATOM   564  N N   . PHE A 1 69  ? -3.712  9.293   4.721   1.00 11.00 ? 69  PHE A N   1 
ATOM   565  C CA  . PHE A 1 69  ? -4.527  10.360  5.376   1.00 11.93 ? 69  PHE A CA  1 
ATOM   566  C C   . PHE A 1 69  ? -5.414  11.094  4.355   1.00 12.04 ? 69  PHE A C   1 
ATOM   567  O O   . PHE A 1 69  ? -5.031  11.186  3.187   1.00 12.22 ? 69  PHE A O   1 
ATOM   568  C CB  . PHE A 1 69  ? -3.595  11.405  5.939   1.00 12.68 ? 69  PHE A CB  1 
ATOM   569  C CG  . PHE A 1 69  ? -2.854  10.942  7.143   1.00 13.58 ? 69  PHE A CG  1 
ATOM   570  C CD1 . PHE A 1 69  ? -3.380  11.132  8.426   1.00 16.01 ? 69  PHE A CD1 1 
ATOM   571  C CD2 . PHE A 1 69  ? -1.656  10.271  7.002   1.00 16.56 ? 69  PHE A CD2 1 
ATOM   572  C CE1 . PHE A 1 69  ? -2.687  10.714  9.568   1.00 16.16 ? 69  PHE A CE1 1 
ATOM   573  C CE2 . PHE A 1 69  ? -0.976  9.838   8.137   1.00 16.27 ? 69  PHE A CE2 1 
ATOM   574  C CZ  . PHE A 1 69  ? -1.479  10.077  9.400   1.00 15.98 ? 69  PHE A CZ  1 
ATOM   575  N N   . ARG A 1 70  ? -6.558  11.616  4.806   1.00 12.67 ? 70  ARG A N   1 
ATOM   576  C CA  . ARG A 1 70  ? -7.299  12.610  3.982   1.00 15.02 ? 70  ARG A CA  1 
ATOM   577  C C   . ARG A 1 70  ? -6.577  13.929  4.054   1.00 14.85 ? 70  ARG A C   1 
ATOM   578  O O   . ARG A 1 70  ? -6.320  14.393  5.151   1.00 15.78 ? 70  ARG A O   1 
ATOM   579  C CB  . ARG A 1 70  ? -8.698  12.906  4.500   1.00 14.67 ? 70  ARG A CB  1 
ATOM   580  C CG  . ARG A 1 70  ? -9.525  11.772  4.996   1.00 15.36 ? 70  ARG A CG  1 
ATOM   581  C CD  . ARG A 1 70  ? -10.914 12.197  5.435   1.00 15.10 ? 70  ARG A CD  1 
ATOM   582  N NE  . ARG A 1 70  ? -11.497 13.185  4.518   1.00 16.39 ? 70  ARG A NE  1 
ATOM   583  C CZ  . ARG A 1 70  ? -12.416 12.941  3.584   1.00 16.66 ? 70  ARG A CZ  1 
ATOM   584  N NH1 . ARG A 1 70  ? -12.887 11.706  3.365   1.00 14.86 ? 70  ARG A NH1 1 
ATOM   585  N NH2 . ARG A 1 70  ? -12.827 13.987  2.829   1.00 16.51 ? 70  ARG A NH2 1 
ATOM   586  N N   . SER A 1 71  ? -6.313  14.568  2.941   1.00 15.57 ? 71  SER A N   1 
ATOM   587  C CA  . SER A 1 71  ? -5.676  15.902  2.958   1.00 17.26 ? 71  SER A CA  1 
ATOM   588  C C   . SER A 1 71  ? -6.524  17.019  3.575   1.00 18.23 ? 71  SER A C   1 
ATOM   589  O O   . SER A 1 71  ? -5.979  17.926  4.176   1.00 16.59 ? 71  SER A O   1 
ATOM   590  C CB  . SER A 1 71  ? -5.237  16.345  1.569   1.00 18.91 ? 71  SER A CB  1 
ATOM   591  O OG  . SER A 1 71  ? -4.339  15.369  1.053   1.00 22.69 ? 71  SER A OG  1 
ATOM   592  N N   . ASP A 1 72  ? -7.825  16.948  3.425   1.00 17.85 ? 72  ASP A N   1 
ATOM   593  C CA  . ASP A 1 72  ? -8.699  18.040  3.841   1.00 18.09 ? 72  ASP A CA  1 
ATOM   594  C C   . ASP A 1 72  ? -8.751  18.229  5.358   1.00 18.03 ? 72  ASP A C   1 
ATOM   595  O O   . ASP A 1 72  ? -8.675  19.349  5.838   1.00 18.19 ? 72  ASP A O   1 
ATOM   596  C CB  . ASP A 1 72  ? -10.104 17.984  3.171   1.00 17.58 ? 72  ASP A CB  1 
ATOM   597  C CG  . ASP A 1 72  ? -10.964 16.755  3.554   1.00 18.12 ? 72  ASP A CG  1 
ATOM   598  O OD1 . ASP A 1 72  ? -12.121 16.581  3.007   1.00 18.10 ? 72  ASP A OD1 1 
ATOM   599  O OD2 . ASP A 1 72  ? -10.556 15.900  4.358   1.00 19.13 ? 72  ASP A OD2 1 
ATOM   600  N N   . ASP A 1 73  ? -8.776  17.166  6.126   1.00 15.85 ? 73  ASP A N   1 
ATOM   601  C CA  . ASP A 1 73  ? -8.735  17.332  7.564   1.00 17.54 ? 73  ASP A CA  1 
ATOM   602  C C   . ASP A 1 73  ? -7.659  16.489  8.272   1.00 18.37 ? 73  ASP A C   1 
ATOM   603  O O   . ASP A 1 73  ? -7.741  16.284  9.470   1.00 17.53 ? 73  ASP A O   1 
ATOM   604  C CB  . ASP A 1 73  ? -10.088 17.030  8.165   1.00 16.69 ? 73  ASP A CB  1 
ATOM   605  C CG  . ASP A 1 73  ? -10.503 15.598  7.999   1.00 17.93 ? 73  ASP A CG  1 
ATOM   606  O OD1 . ASP A 1 73  ? -11.699 15.394  8.302   1.00 17.03 ? 73  ASP A OD1 1 
ATOM   607  O OD2 . ASP A 1 73  ? -9.683  14.687  7.584   1.00 15.37 ? 73  ASP A OD2 1 
ATOM   608  N N   . GLN A 1 74  ? -6.727  15.952  7.503   1.00 18.76 ? 74  GLN A N   1 
ATOM   609  C CA  . GLN A 1 74  ? -5.670  15.111  8.048   1.00 21.56 ? 74  GLN A CA  1 
ATOM   610  C C   . GLN A 1 74  ? -6.089  13.925  8.848   1.00 19.48 ? 74  GLN A C   1 
ATOM   611  O O   . GLN A 1 74  ? -5.324  13.478  9.692   1.00 23.21 ? 74  GLN A O   1 
ATOM   612  C CB  . GLN A 1 74  ? -4.662  16.001  8.839   1.00 22.80 ? 74  GLN A CB  1 
ATOM   613  C CG  . GLN A 1 74  ? -4.324  17.241  8.050   1.00 25.25 ? 74  GLN A CG  1 
ATOM   614  C CD  . GLN A 1 74  ? -3.041  17.906  8.499   1.00 32.57 ? 74  GLN A CD  1 
ATOM   615  O OE1 . GLN A 1 74  ? -2.087  17.996  7.743   1.00 42.55 ? 74  GLN A OE1 1 
ATOM   616  N NE2 . GLN A 1 74  ? -2.995  18.337  9.732   1.00 33.40 ? 74  GLN A NE2 1 
ATOM   617  N N   . SER A 1 75  ? -7.258  13.352  8.635   1.00 17.69 ? 75  SER A N   1 
ATOM   618  C CA  . SER A 1 75  ? -7.576  12.202  9.363   1.00 19.06 ? 75  SER A CA  1 
ATOM   619  C C   . SER A 1 75  ? -6.989  10.931  8.720   1.00 17.68 ? 75  SER A C   1 
ATOM   620  O O   . SER A 1 75  ? -6.953  10.817  7.506   1.00 15.17 ? 75  SER A O   1 
ATOM   621  C CB  . SER A 1 75  ? -9.057  12.033  9.622   1.00 23.80 ? 75  SER A CB  1 
ATOM   622  O OG  . SER A 1 75  ? -9.800  12.270  8.497   1.00 24.76 ? 75  SER A OG  1 
ATOM   623  N N   . PRO A 1 76  ? -6.528  9.982   9.561   1.00 16.72 ? 76  PRO A N   1 
ATOM   624  C CA  . PRO A 1 76  ? -6.099  8.683   9.053   1.00 15.41 ? 76  PRO A CA  1 
ATOM   625  C C   . PRO A 1 76  ? -7.220  7.862   8.406   1.00 14.18 ? 76  PRO A C   1 
ATOM   626  O O   . PRO A 1 76  ? -8.261  7.623   9.004   1.00 12.97 ? 76  PRO A O   1 
ATOM   627  C CB  . PRO A 1 76  ? -5.593  8.001   10.290  1.00 16.41 ? 76  PRO A CB  1 
ATOM   628  C CG  . PRO A 1 76  ? -6.433  8.561   11.442  1.00 17.59 ? 76  PRO A CG  1 
ATOM   629  C CD  . PRO A 1 76  ? -6.594  10.005  11.040  1.00 17.26 ? 76  PRO A CD  1 
ATOM   630  N N   . ILE A 1 77  ? -6.979  7.343   7.206   1.00 12.22 ? 77  ILE A N   1 
ATOM   631  C CA  . ILE A 1 77  ? -7.956  6.546   6.497   1.00 11.47 ? 77  ILE A CA  1 
ATOM   632  C C   . ILE A 1 77  ? -7.488  5.180   6.053   1.00 11.47 ? 77  ILE A C   1 
ATOM   633  O O   . ILE A 1 77  ? -8.280  4.400   5.548   1.00 12.03 ? 77  ILE A O   1 
ATOM   634  C CB  . ILE A 1 77  ? -8.558  7.307   5.279   1.00 12.58 ? 77  ILE A CB  1 
ATOM   635  C CG1 . ILE A 1 77  ? -7.475  7.716   4.265   1.00 13.38 ? 77  ILE A CG1 1 
ATOM   636  C CG2 . ILE A 1 77  ? -9.395  8.475   5.813   1.00 13.13 ? 77  ILE A CG2 1 
ATOM   637  C CD1 . ILE A 1 77  ? -7.960  8.378   3.017   1.00 13.95 ? 77  ILE A CD1 1 
ATOM   638  N N   . GLY A 1 78  ? -6.230  4.842   6.274   1.00 11.20 ? 78  GLY A N   1 
ATOM   639  C CA  . GLY A 1 78  ? -5.773  3.541   5.863   1.00 10.68 ? 78  GLY A CA  1 
ATOM   640  C C   . GLY A 1 78  ? -4.261  3.344   5.963   1.00 9.26  ? 78  GLY A C   1 
ATOM   641  O O   . GLY A 1 78  ? -3.552  4.160   6.552   1.00 9.10  ? 78  GLY A O   1 
ATOM   642  N N   . THR A 1 79  ? -3.845  2.203   5.427   1.00 9.01  ? 79  THR A N   1 
ATOM   643  C CA  . THR A 1 79  ? -2.458  1.757   5.381   1.00 9.66  ? 79  THR A CA  1 
ATOM   644  C C   . THR A 1 79  ? -2.079  1.227   4.020   1.00 9.95  ? 79  THR A C   1 
ATOM   645  O O   . THR A 1 79  ? -2.932  0.738   3.215   1.00 9.37  ? 79  THR A O   1 
ATOM   646  C CB  . THR A 1 79  ? -2.190  0.607   6.369   1.00 9.42  ? 79  THR A CB  1 
ATOM   647  O OG1 . THR A 1 79  ? -3.037  -0.508  6.096   1.00 9.53  ? 79  THR A OG1 1 
ATOM   648  C CG2 . THR A 1 79  ? -2.492  1.028   7.801   1.00 10.42 ? 79  THR A CG2 1 
ATOM   649  N N   . VAL A 1 80  ? -0.765  1.271   3.791   1.00 9.66  ? 80  VAL A N   1 
ATOM   650  C CA  . VAL A 1 80  ? -0.172  0.557   2.685   1.00 9.44  ? 80  VAL A CA  1 
ATOM   651  C C   . VAL A 1 80  ? 1.305   0.302   3.005   1.00 9.85  ? 80  VAL A C   1 
ATOM   652  O O   . VAL A 1 80  ? 1.896   1.129   3.668   1.00 9.87  ? 80  VAL A O   1 
ATOM   653  C CB  . VAL A 1 80  ? -0.351  1.345   1.380   1.00 10.07 ? 80  VAL A CB  1 
ATOM   654  C CG1 . VAL A 1 80  ? 0.374   2.660   1.356   1.00 10.43 ? 80  VAL A CG1 1 
ATOM   655  C CG2 . VAL A 1 80  ? -0.006  0.436   0.191   1.00 11.26 ? 80  VAL A CG2 1 
ATOM   656  N N   . ARG A 1 81  ? 1.862   -0.795  2.482   1.00 9.29  ? 81  ARG A N   1 
ATOM   657  C CA  . ARG A 1 81  ? 3.211   -1.228  2.817   1.00 10.15 ? 81  ARG A CA  1 
ATOM   658  C C   . ARG A 1 81  ? 3.992   -1.680  1.580   1.00 9.55  ? 81  ARG A C   1 
ATOM   659  O O   . ARG A 1 81  ? 3.438   -2.356  0.726   1.00 9.23  ? 81  ARG A O   1 
ATOM   660  C CB  . ARG A 1 81  ? 3.163   -2.352  3.848   1.00 10.10 ? 81  ARG A CB  1 
ATOM   661  C CG  . ARG A 1 81  ? 4.476   -2.741  4.474   1.00 11.18 ? 81  ARG A CG  1 
ATOM   662  C CD  . ARG A 1 81  ? 4.278   -3.636  5.684   1.00 12.90 ? 81  ARG A CD  1 
ATOM   663  N NE  . ARG A 1 81  ? 3.626   -4.869  5.311   1.00 14.37 ? 81  ARG A NE  1 
ATOM   664  C CZ  . ARG A 1 81  ? 4.140   -6.095  5.339   1.00 17.58 ? 81  ARG A CZ  1 
ATOM   665  N NH1 . ARG A 1 81  ? 5.351   -6.344  5.834   1.00 17.31 ? 81  ARG A NH1 1 
ATOM   666  N NH2 . ARG A 1 81  ? 3.388   -7.116  4.908   1.00 18.39 ? 81  ARG A NH2 1 
ATOM   667  N N   . LEU A 1 82  ? 5.262   -1.270  1.515   1.00 9.50  ? 82  LEU A N   1 
ATOM   668  C CA  . LEU A 1 82  ? 6.199   -1.727  0.504   1.00 9.54  ? 82  LEU A CA  1 
ATOM   669  C C   . LEU A 1 82  ? 7.175   -2.644  1.207   1.00 10.18 ? 82  LEU A C   1 
ATOM   670  O O   . LEU A 1 82  ? 7.805   -2.215  2.190   1.00 11.24 ? 82  LEU A O   1 
ATOM   671  C CB  . LEU A 1 82  ? 6.950   -0.535  -0.150  1.00 9.01  ? 82  LEU A CB  1 
ATOM   672  C CG  . LEU A 1 82  ? 6.249   0.335   -1.169  1.00 9.79  ? 82  LEU A CG  1 
ATOM   673  C CD1 . LEU A 1 82  ? 5.154   1.101   -0.436  1.00 10.46 ? 82  LEU A CD1 1 
ATOM   674  C CD2 . LEU A 1 82  ? 7.182   1.343   -1.849  1.00 10.30 ? 82  LEU A CD2 1 
ATOM   675  N N   . TYR A 1 83  ? 7.361   -3.862  0.744   1.00 10.87 ? 83  TYR A N   1 
ATOM   676  C CA  . TYR A 1 83  ? 8.189   -4.842  1.470   1.00 12.77 ? 83  TYR A CA  1 
ATOM   677  C C   . TYR A 1 83  ? 8.707   -5.906  0.458   1.00 12.43 ? 83  TYR A C   1 
ATOM   678  O O   . TYR A 1 83  ? 8.418   -5.868  -0.751  1.00 12.12 ? 83  TYR A O   1 
ATOM   679  C CB  . TYR A 1 83  ? 7.379   -5.477  2.620   1.00 14.43 ? 83  TYR A CB  1 
ATOM   680  C CG  . TYR A 1 83  ? 6.200   -6.281  2.141   1.00 16.06 ? 83  TYR A CG  1 
ATOM   681  C CD1 . TYR A 1 83  ? 6.231   -7.668  2.151   1.00 19.21 ? 83  TYR A CD1 1 
ATOM   682  C CD2 . TYR A 1 83  ? 5.066   -5.670  1.659   1.00 17.62 ? 83  TYR A CD2 1 
ATOM   683  C CE1 . TYR A 1 83  ? 5.119   -8.434  1.716   1.00 21.72 ? 83  TYR A CE1 1 
ATOM   684  C CE2 . TYR A 1 83  ? 3.959   -6.393  1.256   1.00 19.44 ? 83  TYR A CE2 1 
ATOM   685  C CZ  . TYR A 1 83  ? 3.978   -7.771  1.262   1.00 21.22 ? 83  TYR A CZ  1 
ATOM   686  O OH  . TYR A 1 83  ? 2.850   -8.457  0.818   1.00 23.48 ? 83  TYR A OH  1 
ATOM   687  N N   . ASP A 1 84  ? 9.497   -6.821  0.946   1.00 13.91 ? 84  ASP A N   1 
ATOM   688  C CA  . ASP A 1 84  ? 10.009  -7.962  0.139   1.00 14.03 ? 84  ASP A CA  1 
ATOM   689  C C   . ASP A 1 84  ? 10.820  -7.497  -1.078  1.00 15.61 ? 84  ASP A C   1 
ATOM   690  O O   . ASP A 1 84  ? 10.429  -7.719  -2.228  1.00 16.57 ? 84  ASP A O   1 
ATOM   691  C CB  . ASP A 1 84  ? 8.872   -8.880  -0.288  1.00 14.22 ? 84  ASP A CB  1 
ATOM   692  C CG  . ASP A 1 84  ? 9.362   -10.173 -0.971  1.00 15.57 ? 84  ASP A CG  1 
ATOM   693  O OD1 . ASP A 1 84  ? 10.413  -10.703 -0.575  1.00 18.36 ? 84  ASP A OD1 1 
ATOM   694  O OD2 . ASP A 1 84  ? 8.718   -10.595 -1.917  1.00 15.02 ? 84  ASP A OD2 1 
ATOM   695  N N   . PHE A 1 85  ? 11.952  -6.856  -0.816  1.00 15.86 ? 85  PHE A N   1 
ATOM   696  C CA  . PHE A 1 85  ? 12.681  -6.213  -1.855  1.00 16.44 ? 85  PHE A CA  1 
ATOM   697  C C   . PHE A 1 85  ? 13.682  -7.216  -2.388  1.00 18.23 ? 85  PHE A C   1 
ATOM   698  O O   . PHE A 1 85  ? 14.211  -8.001  -1.632  1.00 17.49 ? 85  PHE A O   1 
ATOM   699  C CB  . PHE A 1 85  ? 13.445  -5.006  -1.376  1.00 16.66 ? 85  PHE A CB  1 
ATOM   700  C CG  . PHE A 1 85  ? 12.606  -3.891  -0.764  1.00 15.87 ? 85  PHE A CG  1 
ATOM   701  C CD1 . PHE A 1 85  ? 13.278  -2.893  -0.042  1.00 15.43 ? 85  PHE A CD1 1 
ATOM   702  C CD2 . PHE A 1 85  ? 11.256  -3.772  -0.973  1.00 14.99 ? 85  PHE A CD2 1 
ATOM   703  C CE1 . PHE A 1 85  ? 12.598  -1.788  0.452   1.00 14.78 ? 85  PHE A CE1 1 
ATOM   704  C CE2 . PHE A 1 85  ? 10.550  -2.692  -0.428  1.00 14.14 ? 85  PHE A CE2 1 
ATOM   705  C CZ  . PHE A 1 85  ? 11.236  -1.691  0.261   1.00 14.15 ? 85  PHE A CZ  1 
ATOM   706  N N   . HIS A 1 86  ? 13.904  -7.174  -3.685  1.00 18.96 ? 86  HIS A N   1 
ATOM   707  C CA  . HIS A 1 86  ? 14.860  -8.091  -4.371  1.00 21.07 ? 86  HIS A CA  1 
ATOM   708  C C   . HIS A 1 86  ? 15.695  -7.262  -5.359  1.00 21.78 ? 86  HIS A C   1 
ATOM   709  O O   . HIS A 1 86  ? 15.435  -6.074  -5.635  1.00 18.67 ? 86  HIS A O   1 
ATOM   710  C CB  . HIS A 1 86  ? 14.089  -9.233  -5.106  1.00 20.68 ? 86  HIS A CB  1 
ATOM   711  C CG  . HIS A 1 86  ? 13.428  -10.174 -4.171  1.00 21.85 ? 86  HIS A CG  1 
ATOM   712  N ND1 . HIS A 1 86  ? 14.076  -11.270 -3.630  1.00 20.92 ? 86  HIS A ND1 1 
ATOM   713  C CD2 . HIS A 1 86  ? 12.225  -10.099 -3.560  1.00 22.58 ? 86  HIS A CD2 1 
ATOM   714  C CE1 . HIS A 1 86  ? 13.284  -11.850 -2.752  1.00 23.78 ? 86  HIS A CE1 1 
ATOM   715  N NE2 . HIS A 1 86  ? 12.156  -11.159 -2.684  1.00 24.72 ? 86  HIS A NE2 1 
ATOM   716  N N   . GLU A 1 87  ? 16.723  -7.915  -5.884  1.00 24.44 ? 87  GLU A N   1 
ATOM   717  C CA  . GLU A 1 87  ? 17.597  -7.371  -6.919  1.00 25.40 ? 87  GLU A CA  1 
ATOM   718  C C   . GLU A 1 87  ? 17.530  -8.256  -8.158  1.00 24.01 ? 87  GLU A C   1 
ATOM   719  O O   . GLU A 1 87  ? 17.119  -9.411  -8.088  1.00 22.12 ? 87  GLU A O   1 
ATOM   720  C CB  . GLU A 1 87  ? 19.022  -7.390  -6.414  1.00 31.64 ? 87  GLU A CB  1 
ATOM   721  C CG  . GLU A 1 87  ? 19.149  -6.924  -4.974  1.00 36.09 ? 87  GLU A CG  1 
ATOM   722  C CD  . GLU A 1 87  ? 19.793  -5.596  -4.889  1.00 42.00 ? 87  GLU A CD  1 
ATOM   723  O OE1 . GLU A 1 87  ? 20.844  -5.539  -4.206  1.00 46.19 ? 87  GLU A OE1 1 
ATOM   724  O OE2 . GLU A 1 87  ? 19.270  -4.650  -5.529  1.00 44.62 ? 87  GLU A OE2 1 
ATOM   725  N N   . ASN A 1 88  ? 17.922  -7.695  -9.295  1.00 25.49 ? 88  ASN A N   1 
ATOM   726  C CA  . ASN A 1 88  ? 18.045  -8.455  -10.553 1.00 26.01 ? 88  ASN A CA  1 
ATOM   727  C C   . ASN A 1 88  ? 16.738  -9.126  -10.957 1.00 25.54 ? 88  ASN A C   1 
ATOM   728  O O   . ASN A 1 88  ? 16.648  -10.355 -11.026 1.00 29.89 ? 88  ASN A O   1 
ATOM   729  C CB  . ASN A 1 88  ? 19.185  -9.489  -10.438 1.00 27.71 ? 88  ASN A CB  1 
ATOM   730  C CG  . ASN A 1 88  ? 20.487  -8.887  -9.863  1.00 29.30 ? 88  ASN A CG  1 
ATOM   731  O OD1 . ASN A 1 88  ? 21.047  -7.954  -10.400 1.00 34.86 ? 88  ASN A OD1 1 
ATOM   732  N ND2 . ASN A 1 88  ? 20.946  -9.429  -8.745  1.00 32.49 ? 88  ASN A ND2 1 
ATOM   733  N N   . PRO A 1 89  ? 15.697  -8.362  -11.175 1.00 23.35 ? 89  PRO A N   1 
ATOM   734  C CA  . PRO A 1 89  ? 15.676  -6.892  -11.146 1.00 23.13 ? 89  PRO A CA  1 
ATOM   735  C C   . PRO A 1 89  ? 15.382  -6.310  -9.750  1.00 20.12 ? 89  PRO A C   1 
ATOM   736  O O   . PRO A 1 89  ? 14.932  -7.006  -8.856  1.00 18.82 ? 89  PRO A O   1 
ATOM   737  C CB  . PRO A 1 89  ? 14.501  -6.575  -12.070 1.00 24.74 ? 89  PRO A CB  1 
ATOM   738  C CG  . PRO A 1 89  ? 13.590  -7.688  -11.879 1.00 24.79 ? 89  PRO A CG  1 
ATOM   739  C CD  . PRO A 1 89  ? 14.404  -8.918  -11.559 1.00 26.90 ? 89  PRO A CD  1 
ATOM   740  N N   . LYS A 1 90  ? 15.628  -5.029  -9.612  1.00 18.97 ? 90  LYS A N   1 
ATOM   741  C CA  . LYS A 1 90  ? 15.320  -4.331  -8.391  1.00 19.58 ? 90  LYS A CA  1 
ATOM   742  C C   . LYS A 1 90  ? 13.772  -4.233  -8.340  1.00 15.69 ? 90  LYS A C   1 
ATOM   743  O O   . LYS A 1 90  ? 13.171  -3.522  -9.108  1.00 14.23 ? 90  LYS A O   1 
ATOM   744  C CB  . LYS A 1 90  ? 16.005  -2.977  -8.389  1.00 23.74 ? 90  LYS A CB  1 
ATOM   745  C CG  . LYS A 1 90  ? 16.136  -2.409  -7.010  1.00 29.27 ? 90  LYS A CG  1 
ATOM   746  C CD  . LYS A 1 90  ? 16.688  -1.008  -7.022  1.00 33.89 ? 90  LYS A CD  1 
ATOM   747  C CE  . LYS A 1 90  ? 16.351  -0.272  -5.739  1.00 35.95 ? 90  LYS A CE  1 
ATOM   748  N NZ  . LYS A 1 90  ? 16.587  -1.103  -4.525  1.00 36.67 ? 90  LYS A NZ  1 
ATOM   749  N N   . SER A 1 91  ? 13.179  -5.035  -7.471  1.00 13.61 ? 91  SER A N   1 
ATOM   750  C CA  A SER A 1 91  ? 11.722  -5.159  -7.351  0.50 14.00 ? 91  SER A CA  1 
ATOM   751  C CA  B SER A 1 91  ? 11.741  -5.125  -7.351  0.50 14.38 ? 91  SER A CA  1 
ATOM   752  C C   . SER A 1 91  ? 11.227  -5.033  -5.911  1.00 14.46 ? 91  SER A C   1 
ATOM   753  O O   . SER A 1 91  ? 11.913  -5.435  -4.954  1.00 15.79 ? 91  SER A O   1 
ATOM   754  C CB  A SER A 1 91  ? 11.272  -6.512  -7.898  0.50 13.89 ? 91  SER A CB  1 
ATOM   755  C CB  B SER A 1 91  ? 11.365  -6.461  -7.901  0.50 14.61 ? 91  SER A CB  1 
ATOM   756  O OG  A SER A 1 91  ? 9.856   -6.556  -8.133  0.50 12.68 ? 91  SER A OG  1 
ATOM   757  O OG  B SER A 1 91  ? 11.975  -7.436  -7.109  0.50 14.50 ? 91  SER A OG  1 
ATOM   758  N N   . PHE A 1 92  ? 10.028  -4.500  -5.745  1.00 12.88 ? 92  PHE A N   1 
ATOM   759  C CA  . PHE A 1 92  ? 9.395   -4.437  -4.446  1.00 12.54 ? 92  PHE A CA  1 
ATOM   760  C C   . PHE A 1 92  ? 7.975   -5.002  -4.533  1.00 12.43 ? 92  PHE A C   1 
ATOM   761  O O   . PHE A 1 92  ? 7.328   -4.932  -5.579  1.00 13.62 ? 92  PHE A O   1 
ATOM   762  C CB  . PHE A 1 92  ? 9.363   -2.998  -3.901  1.00 12.39 ? 92  PHE A CB  1 
ATOM   763  C CG  . PHE A 1 92  ? 8.429   -2.066  -4.630  1.00 13.27 ? 92  PHE A CG  1 
ATOM   764  C CD1 . PHE A 1 92  ? 7.138   -1.733  -4.100  1.00 13.23 ? 92  PHE A CD1 1 
ATOM   765  C CD2 . PHE A 1 92  ? 8.782   -1.587  -5.859  1.00 14.00 ? 92  PHE A CD2 1 
ATOM   766  C CE1 . PHE A 1 92  ? 6.282   -0.850  -4.799  1.00 13.33 ? 92  PHE A CE1 1 
ATOM   767  C CE2 . PHE A 1 92  ? 7.950   -0.740  -6.569  1.00 14.41 ? 92  PHE A CE2 1 
ATOM   768  C CZ  . PHE A 1 92  ? 6.697   -0.333  -6.023  1.00 14.03 ? 92  PHE A CZ  1 
HETATM 769  N N   . CSX A 1 93  ? 7.468   -5.526  -3.425  1.00 12.28 ? 93  CSX A N   1 
HETATM 770  C CA  . CSX A 1 93  ? 6.065   -5.899  -3.350  1.00 12.92 ? 93  CSX A CA  1 
HETATM 771  C CB  . CSX A 1 93  ? 5.924   -7.206  -2.530  1.00 13.74 ? 93  CSX A CB  1 
HETATM 772  S SG  . CSX A 1 93  ? 4.333   -7.918  -2.319  1.00 17.74 ? 93  CSX A SG  1 
HETATM 773  C C   . CSX A 1 93  ? 5.368   -4.776  -2.597  1.00 11.93 ? 93  CSX A C   1 
HETATM 774  O O   . CSX A 1 93  ? 6.005   -4.032  -1.789  1.00 11.58 ? 93  CSX A O   1 
HETATM 775  O OD  . CSX A 1 93  ? 4.374   -9.394  -3.028  1.00 20.51 ? 93  CSX A OD  1 
ATOM   776  N N   . TRP A 1 94  ? 4.071   -4.720  -2.751  1.00 10.46 ? 94  TRP A N   1 
ATOM   777  C CA  . TRP A 1 94  ? 3.248   -3.891  -1.917  1.00 10.19 ? 94  TRP A CA  1 
ATOM   778  C C   . TRP A 1 94  ? 1.957   -4.599  -1.560  1.00 10.69 ? 94  TRP A C   1 
ATOM   779  O O   . TRP A 1 94  ? 1.429   -5.440  -2.308  1.00 10.67 ? 94  TRP A O   1 
ATOM   780  C CB  . TRP A 1 94  ? 2.986   -2.492  -2.553  1.00 10.51 ? 94  TRP A CB  1 
ATOM   781  C CG  . TRP A 1 94  ? 2.083   -2.350  -3.775  1.00 10.44 ? 94  TRP A CG  1 
ATOM   782  C CD1 . TRP A 1 94  ? 2.396   -2.621  -5.086  1.00 11.63 ? 94  TRP A CD1 1 
ATOM   783  C CD2 . TRP A 1 94  ? 0.803   -1.769  -3.793  1.00 10.64 ? 94  TRP A CD2 1 
ATOM   784  N NE1 . TRP A 1 94  ? 1.359   -2.268  -5.915  1.00 12.21 ? 94  TRP A NE1 1 
ATOM   785  C CE2 . TRP A 1 94  ? 0.353   -1.751  -5.143  1.00 10.94 ? 94  TRP A CE2 1 
ATOM   786  C CE3 . TRP A 1 94  ? -0.039  -1.263  -2.800  1.00 10.57 ? 94  TRP A CE3 1 
ATOM   787  C CZ2 . TRP A 1 94  ? -0.843  -1.199  -5.511  1.00 11.22 ? 94  TRP A CZ2 1 
ATOM   788  C CZ3 . TRP A 1 94  ? -1.288  -0.768  -3.179  1.00 10.53 ? 94  TRP A CZ3 1 
ATOM   789  C CH2 . TRP A 1 94  ? -1.671  -0.714  -4.502  1.00 11.39 ? 94  TRP A CH2 1 
ATOM   790  N N   . GLY A 1 95  ? 1.419   -4.185  -0.412  1.00 10.69 ? 95  GLY A N   1 
ATOM   791  C CA  . GLY A 1 95  ? 0.330   -4.883  0.235   1.00 11.25 ? 95  GLY A CA  1 
ATOM   792  C C   . GLY A 1 95  ? -0.084  -4.144  1.500   1.00 10.92 ? 95  GLY A C   1 
ATOM   793  O O   . GLY A 1 95  ? 0.200   -2.954  1.661   1.00 11.11 ? 95  GLY A O   1 
ATOM   794  N N   . SER A 1 96  ? -0.754  -4.854  2.393   1.00 11.36 ? 96  SER A N   1 
ATOM   795  C CA  . SER A 1 96  ? -1.244  -4.345  3.689   1.00 11.73 ? 96  SER A CA  1 
ATOM   796  C C   . SER A 1 96  ? -2.114  -3.125  3.365   1.00 11.21 ? 96  SER A C   1 
ATOM   797  O O   . SER A 1 96  ? -2.099  -2.136  4.108   1.00 11.65 ? 96  SER A O   1 
ATOM   798  C CB  . SER A 1 96  ? -0.125  -3.984  4.687   1.00 12.48 ? 96  SER A CB  1 
ATOM   799  O OG  . SER A 1 96  ? 0.774   -5.040  4.942   1.00 12.45 ? 96  SER A OG  1 
ATOM   800  N N   . TRP A 1 97  ? -2.859  -3.232  2.258   1.00 10.57 ? 97  TRP A N   1 
ATOM   801  C CA  . TRP A 1 97  ? -3.552  -2.098  1.684   1.00 11.04 ? 97  TRP A CA  1 
ATOM   802  C C   . TRP A 1 97  ? -5.001  -2.091  2.106   1.00 11.56 ? 97  TRP A C   1 
ATOM   803  O O   . TRP A 1 97  ? -5.778  -2.910  1.648   1.00 11.99 ? 97  TRP A O   1 
ATOM   804  C CB  . TRP A 1 97  ? -3.439  -2.178  0.183   1.00 11.69 ? 97  TRP A CB  1 
ATOM   805  C CG  . TRP A 1 97  ? -3.930  -0.960  -0.565  1.00 12.13 ? 97  TRP A CG  1 
ATOM   806  C CD1 . TRP A 1 97  ? -3.865  0.357   -0.158  1.00 13.17 ? 97  TRP A CD1 1 
ATOM   807  C CD2 . TRP A 1 97  ? -4.536  -0.951  -1.859  1.00 13.03 ? 97  TRP A CD2 1 
ATOM   808  N NE1 . TRP A 1 97  ? -4.332  1.189   -1.165  1.00 12.89 ? 97  TRP A NE1 1 
ATOM   809  C CE2 . TRP A 1 97  ? -4.787  0.417   -2.201  1.00 12.72 ? 97  TRP A CE2 1 
ATOM   810  C CE3 . TRP A 1 97  ? -4.838  -1.959  -2.803  1.00 13.40 ? 97  TRP A CE3 1 
ATOM   811  C CZ2 . TRP A 1 97  ? -5.338  0.794   -3.414  1.00 13.08 ? 97  TRP A CZ2 1 
ATOM   812  C CZ3 . TRP A 1 97  ? -5.398  -1.589  -4.008  1.00 14.57 ? 97  TRP A CZ3 1 
ATOM   813  C CH2 . TRP A 1 97  ? -5.690  -0.212  -4.299  1.00 15.04 ? 97  TRP A CH2 1 
ATOM   814  N N   . ILE A 1 98  ? -5.340  -1.183  2.990   1.00 12.37 ? 98  ILE A N   1 
ATOM   815  C CA  . ILE A 1 98  ? -6.660  -1.127  3.627   1.00 13.66 ? 98  ILE A CA  1 
ATOM   816  C C   . ILE A 1 98  ? -7.094  0.347   3.666   1.00 12.79 ? 98  ILE A C   1 
ATOM   817  O O   . ILE A 1 98  ? -6.325  1.261   4.013   1.00 11.78 ? 98  ILE A O   1 
ATOM   818  C CB  . ILE A 1 98  ? -6.643  -1.688  5.081   1.00 15.91 ? 98  ILE A CB  1 
ATOM   819  C CG1 . ILE A 1 98  ? -6.003  -3.108  5.112   1.00 17.44 ? 98  ILE A CG1 1 
ATOM   820  C CG2 . ILE A 1 98  ? -8.076  -1.675  5.633   1.00 16.74 ? 98  ILE A CG2 1 
ATOM   821  C CD1 . ILE A 1 98  ? -5.789  -3.678  6.507   1.00 20.30 ? 98  ILE A CD1 1 
ATOM   822  N N   . LEU A 1 99  ? -8.345  0.577   3.331   1.00 12.76 ? 99  LEU A N   1 
ATOM   823  C CA  . LEU A 1 99  ? -8.941  1.922   3.467   1.00 13.89 ? 99  LEU A CA  1 
ATOM   824  C C   . LEU A 1 99  ? -10.257 1.817   4.222   1.00 14.11 ? 99  LEU A C   1 
ATOM   825  O O   . LEU A 1 99  ? -11.022 0.884   3.953   1.00 15.25 ? 99  LEU A O   1 
ATOM   826  C CB  . LEU A 1 99  ? -9.192  2.490   2.068   1.00 15.43 ? 99  LEU A CB  1 
ATOM   827  C CG  . LEU A 1 99  ? -7.969  2.954   1.277   1.00 15.37 ? 99  LEU A CG  1 
ATOM   828  C CD1 . LEU A 1 99  ? -8.391  3.040   -0.172  1.00 17.09 ? 99  LEU A CD1 1 
ATOM   829  C CD2 . LEU A 1 99  ? -7.441  4.265   1.833   1.00 16.01 ? 99  LEU A CD2 1 
ATOM   830  N N   . ASN A 1 100 ? -10.494 2.731   5.164   1.00 15.89 ? 100 ASN A N   1 
ATOM   831  C CA  . ASN A 1 100 ? -11.711 2.681   5.969   1.00 17.82 ? 100 ASN A CA  1 
ATOM   832  C C   . ASN A 1 100 ? -12.819 3.549   5.320   1.00 19.69 ? 100 ASN A C   1 
ATOM   833  O O   . ASN A 1 100 ? -12.673 4.094   4.241   1.00 14.73 ? 100 ASN A O   1 
ATOM   834  C CB  . ASN A 1 100 ? -11.412 3.073   7.416   1.00 17.62 ? 100 ASN A CB  1 
ATOM   835  C CG  . ASN A 1 100 ? -11.108 4.545   7.589   1.00 18.99 ? 100 ASN A CG  1 
ATOM   836  O OD1 . ASN A 1 100 ? -11.403 5.419   6.742   1.00 16.80 ? 100 ASN A OD1 1 
ATOM   837  N ND2 . ASN A 1 100 ? -10.455 4.841   8.706   1.00 20.77 ? 100 ASN A ND2 1 
ATOM   838  N N   . GLU A 1 101 ? -13.880 3.751   6.077   1.00 21.92 ? 101 GLU A N   1 
ATOM   839  C CA  . GLU A 1 101 ? -15.149 4.287   5.573   1.00 25.24 ? 101 GLU A CA  1 
ATOM   840  C C   . GLU A 1 101 ? -15.001 5.779   5.502   1.00 24.50 ? 101 GLU A C   1 
ATOM   841  O O   . GLU A 1 101 ? -15.794 6.414   4.860   1.00 24.72 ? 101 GLU A O   1 
ATOM   842  C CB  . GLU A 1 101 ? -16.304 3.922   6.547   1.00 27.93 ? 101 GLU A CB  1 
ATOM   843  C CG  . GLU A 1 101 ? -16.318 2.447   7.018   1.00 36.63 ? 101 GLU A CG  1 
ATOM   844  C CD  . GLU A 1 101 ? -15.079 1.971   7.885   1.00 39.63 ? 101 GLU A CD  1 
ATOM   845  O OE1 . GLU A 1 101 ? -14.514 2.787   8.655   1.00 39.94 ? 101 GLU A OE1 1 
ATOM   846  O OE2 . GLU A 1 101 ? -14.655 0.785   7.794   1.00 45.71 ? 101 GLU A OE2 1 
ATOM   847  N N   . HIS A 1 102 ? -13.962 6.336   6.123   1.00 20.55 ? 102 HIS A N   1 
ATOM   848  C CA  . HIS A 1 102 ? -13.673 7.745   6.038   1.00 21.98 ? 102 HIS A CA  1 
ATOM   849  C C   . HIS A 1 102 ? -12.835 8.109   4.868   1.00 17.89 ? 102 HIS A C   1 
ATOM   850  O O   . HIS A 1 102 ? -12.441 9.245   4.732   1.00 15.31 ? 102 HIS A O   1 
ATOM   851  C CB  . HIS A 1 102 ? -13.028 8.207   7.333   1.00 27.97 ? 102 HIS A CB  1 
ATOM   852  C CG  . HIS A 1 102 ? -13.824 7.820   8.528   1.00 36.39 ? 102 HIS A CG  1 
ATOM   853  N ND1 . HIS A 1 102 ? -14.840 8.606   9.026   1.00 41.93 ? 102 HIS A ND1 1 
ATOM   854  C CD2 . HIS A 1 102 ? -13.822 6.683   9.263   1.00 42.14 ? 102 HIS A CD2 1 
ATOM   855  C CE1 . HIS A 1 102 ? -15.403 7.986   10.049  1.00 44.49 ? 102 HIS A CE1 1 
ATOM   856  N NE2 . HIS A 1 102 ? -14.797 6.822   10.217  1.00 46.79 ? 102 HIS A NE2 1 
ATOM   857  N N   . LYS A 1 103 ? -12.527 7.151   3.992   1.00 16.78 ? 103 LYS A N   1 
ATOM   858  C CA  . LYS A 1 103 ? -11.633 7.473   2.876   1.00 16.35 ? 103 LYS A CA  1 
ATOM   859  C C   . LYS A 1 103 ? -12.192 8.513   1.923   1.00 14.31 ? 103 LYS A C   1 
ATOM   860  O O   . LYS A 1 103 ? -13.404 8.657   1.839   1.00 14.90 ? 103 LYS A O   1 
ATOM   861  C CB  . LYS A 1 103 ? -11.354 6.236   2.066   1.00 17.39 ? 103 LYS A CB  1 
ATOM   862  C CG  . LYS A 1 103 ? -12.589 5.721   1.383   1.00 19.38 ? 103 LYS A CG  1 
ATOM   863  C CD  . LYS A 1 103 ? -12.298 4.362   0.777   1.00 23.42 ? 103 LYS A CD  1 
ATOM   864  C CE  . LYS A 1 103 ? -13.361 4.024   -0.246  1.00 27.37 ? 103 LYS A CE  1 
ATOM   865  N NZ  . LYS A 1 103 ? -14.287 3.031   0.364   1.00 28.66 ? 103 LYS A NZ  1 
ATOM   866  N N   . THR A 1 104 ? -11.340 9.195   1.174   1.00 14.51 ? 104 THR A N   1 
ATOM   867  C CA  . THR A 1 104 ? -11.841 10.039  0.105   1.00 14.68 ? 104 THR A CA  1 
ATOM   868  C C   . THR A 1 104 ? -12.335 9.141   -1.043  1.00 15.29 ? 104 THR A C   1 
ATOM   869  O O   . THR A 1 104 ? -12.044 7.927   -1.115  1.00 15.01 ? 104 THR A O   1 
ATOM   870  C CB  . THR A 1 104 ? -10.835 11.031  -0.410  1.00 15.02 ? 104 THR A CB  1 
ATOM   871  O OG1 . THR A 1 104 ? -9.686  10.341  -0.950  1.00 15.28 ? 104 THR A OG1 1 
ATOM   872  C CG2 . THR A 1 104 ? -10.371 11.977  0.747   1.00 16.04 ? 104 THR A CG2 1 
ATOM   873  N N   . LYS A 1 105 ? -13.064 9.760   -1.959  1.00 14.88 ? 105 LYS A N   1 
ATOM   874  C CA  . LYS A 1 105 ? -13.626 9.043   -3.121  1.00 13.74 ? 105 LYS A CA  1 
ATOM   875  C C   . LYS A 1 105 ? -12.545 8.302   -3.914  1.00 12.49 ? 105 LYS A C   1 
ATOM   876  O O   . LYS A 1 105 ? -12.749 7.161   -4.262  1.00 12.85 ? 105 LYS A O   1 
ATOM   877  C CB  . LYS A 1 105 ? -14.361 10.034  -4.025  1.00 15.66 ? 105 LYS A CB  1 
ATOM   878  C CG  . LYS A 1 105 ? -14.806 9.422   -5.349  1.00 16.15 ? 105 LYS A CG  1 
ATOM   879  C CD  . LYS A 1 105 ? -15.684 10.436  -6.081  1.00 18.37 ? 105 LYS A CD  1 
ATOM   880  C CE  . LYS A 1 105 ? -16.374 9.746   -7.253  1.00 21.70 ? 105 LYS A CE  1 
ATOM   881  N NZ  . LYS A 1 105 ? -17.265 10.692  -7.970  1.00 22.44 ? 105 LYS A NZ  1 
ATOM   882  N N   . TYR A 1 106 ? -11.418 8.955   -4.169  1.00 13.56 ? 106 TYR A N   1 
ATOM   883  C CA  . TYR A 1 106 ? -10.311 8.417   -5.001  1.00 13.81 ? 106 TYR A CA  1 
ATOM   884  C C   . TYR A 1 106 ? -9.127  7.957   -4.173  1.00 13.42 ? 106 TYR A C   1 
ATOM   885  O O   . TYR A 1 106 ? -8.025  7.907   -4.660  1.00 12.95 ? 106 TYR A O   1 
ATOM   886  C CB  . TYR A 1 106 ? -9.824  9.446   -6.013  1.00 14.82 ? 106 TYR A CB  1 
ATOM   887  C CG  . TYR A 1 106 ? -10.906 9.745   -7.024  1.00 16.89 ? 106 TYR A CG  1 
ATOM   888  C CD1 . TYR A 1 106 ? -11.266 8.764   -8.005  1.00 17.24 ? 106 TYR A CD1 1 
ATOM   889  C CD2 . TYR A 1 106 ? -11.651 10.913  -6.939  1.00 16.01 ? 106 TYR A CD2 1 
ATOM   890  C CE1 . TYR A 1 106 ? -12.313 9.002   -8.902  1.00 20.06 ? 106 TYR A CE1 1 
ATOM   891  C CE2 . TYR A 1 106 ? -12.703 11.148  -7.822  1.00 18.80 ? 106 TYR A CE2 1 
ATOM   892  C CZ  . TYR A 1 106 ? -13.013 10.216  -8.821  1.00 18.88 ? 106 TYR A CZ  1 
ATOM   893  O OH  . TYR A 1 106 ? -14.051 10.448  -9.698  1.00 22.50 ? 106 TYR A OH  1 
ATOM   894  N N   . ALA A 1 107 ? -9.351  7.634   -2.911  1.00 12.77 ? 107 ALA A N   1 
ATOM   895  C CA  . ALA A 1 107 ? -8.228  7.252   -2.033  1.00 13.36 ? 107 ALA A CA  1 
ATOM   896  C C   . ALA A 1 107 ? -7.517  5.998   -2.556  1.00 12.31 ? 107 ALA A C   1 
ATOM   897  O O   . ALA A 1 107 ? -6.306  5.895   -2.440  1.00 12.06 ? 107 ALA A O   1 
ATOM   898  C CB  . ALA A 1 107 ? -8.717  7.023   -0.644  1.00 13.02 ? 107 ALA A CB  1 
ATOM   899  N N   . ALA A 1 108 ? -8.254  5.066   -3.129  1.00 11.73 ? 108 ALA A N   1 
ATOM   900  C CA  . ALA A 1 108 ? -7.626  3.836   -3.661  1.00 12.09 ? 108 ALA A CA  1 
ATOM   901  C C   . ALA A 1 108 ? -6.643  4.140   -4.795  1.00 11.93 ? 108 ALA A C   1 
ATOM   902  O O   . ALA A 1 108 ? -5.441  3.874   -4.701  1.00 10.38 ? 108 ALA A O   1 
ATOM   903  C CB  . ALA A 1 108 ? -8.680  2.867   -4.110  1.00 13.01 ? 108 ALA A CB  1 
ATOM   904  N N   . VAL A 1 109 ? -7.116  4.820   -5.828  1.00 12.00 ? 109 VAL A N   1 
ATOM   905  C CA  . VAL A 1 109 ? -6.223  5.164   -6.927  1.00 12.10 ? 109 VAL A CA  1 
ATOM   906  C C   . VAL A 1 109 ? -5.106  6.080   -6.504  1.00 11.38 ? 109 VAL A C   1 
ATOM   907  O O   . VAL A 1 109 ? -3.940  5.877   -6.912  1.00 10.97 ? 109 VAL A O   1 
ATOM   908  C CB  . VAL A 1 109 ? -6.940  5.646   -8.210  1.00 12.92 ? 109 VAL A CB  1 
ATOM   909  C CG1 . VAL A 1 109 ? -7.487  7.016   -8.021  1.00 13.70 ? 109 VAL A CG1 1 
ATOM   910  C CG2 . VAL A 1 109 ? -5.956  5.619   -9.384  1.00 13.93 ? 109 VAL A CG2 1 
ATOM   911  N N   . GLU A 1 110 ? -5.393  7.060   -5.638  1.00 11.03 ? 110 GLU A N   1 
ATOM   912  C CA  . GLU A 1 110 ? -4.320  7.947   -5.213  1.00 11.10 ? 110 GLU A CA  1 
ATOM   913  C C   . GLU A 1 110 ? -3.224  7.241   -4.410  1.00 10.09 ? 110 GLU A C   1 
ATOM   914  O O   . GLU A 1 110 ? -2.048  7.502   -4.608  1.00 10.71 ? 110 GLU A O   1 
ATOM   915  C CB  . GLU A 1 110 ? -4.847  9.142   -4.422  1.00 11.27 ? 110 GLU A CB  1 
ATOM   916  C CG  . GLU A 1 110 ? -5.772  10.048  -5.244  1.00 12.53 ? 110 GLU A CG  1 
ATOM   917  C CD  . GLU A 1 110 ? -6.237  11.264  -4.447  1.00 13.93 ? 110 GLU A CD  1 
ATOM   918  O OE1 . GLU A 1 110 ? -5.485  11.667  -3.568  1.00 14.48 ? 110 GLU A OE1 1 
ATOM   919  O OE2 . GLU A 1 110 ? -7.311  11.857  -4.742  1.00 13.54 ? 110 GLU A OE2 1 
ATOM   920  N N   . SER A 1 111 ? -3.627  6.373   -3.476  1.00 10.24 ? 111 SER A N   1 
ATOM   921  C CA  . SER A 1 111 ? -2.633  5.696   -2.621  1.00 10.07 ? 111 SER A CA  1 
ATOM   922  C C   . SER A 1 111 ? -1.814  4.727   -3.483  1.00 10.08 ? 111 SER A C   1 
ATOM   923  O O   . SER A 1 111 ? -0.619  4.668   -3.327  1.00 10.32 ? 111 SER A O   1 
ATOM   924  C CB  . SER A 1 111 ? -3.295  5.054   -1.425  1.00 9.45  ? 111 SER A CB  1 
ATOM   925  O OG  . SER A 1 111 ? -4.274  4.105   -1.792  1.00 9.59  ? 111 SER A OG  1 
ATOM   926  N N   . ALA A 1 112 ? -2.431  4.108   -4.482  1.00 9.91  ? 112 ALA A N   1 
ATOM   927  C CA  . ALA A 1 112 ? -1.675  3.238   -5.370  1.00 10.84 ? 112 ALA A CA  1 
ATOM   928  C C   . ALA A 1 112 ? -0.677  4.021   -6.156  1.00 11.46 ? 112 ALA A C   1 
ATOM   929  O O   . ALA A 1 112 ? 0.495   3.630   -6.269  1.00 11.57 ? 112 ALA A O   1 
ATOM   930  C CB  . ALA A 1 112 ? -2.549  2.472   -6.315  1.00 10.22 ? 112 ALA A CB  1 
ATOM   931  N N   . LEU A 1 113 ? -1.113  5.161   -6.687  1.00 11.83 ? 113 LEU A N   1 
ATOM   932  C CA  . LEU A 1 113 ? -0.193  5.988   -7.432  1.00 11.63 ? 113 LEU A CA  1 
ATOM   933  C C   . LEU A 1 113 ? 0.973   6.471   -6.564  1.00 11.50 ? 113 LEU A C   1 
ATOM   934  O O   . LEU A 1 113 ? 2.108   6.527   -7.039  1.00 12.07 ? 113 LEU A O   1 
ATOM   935  C CB  . LEU A 1 113 ? -0.910  7.188   -8.027  1.00 11.87 ? 113 LEU A CB  1 
ATOM   936  C CG  . LEU A 1 113 ? -1.813  6.917   -9.183  1.00 12.75 ? 113 LEU A CG  1 
ATOM   937  C CD1 . LEU A 1 113 ? -2.745  8.120   -9.368  1.00 13.55 ? 113 LEU A CD1 1 
ATOM   938  C CD2 . LEU A 1 113 ? -0.995  6.627   -10.454 1.00 13.34 ? 113 LEU A CD2 1 
ATOM   939  N N   . LEU A 1 114 ? 0.699   6.827   -5.330  1.00 10.59 ? 114 LEU A N   1 
ATOM   940  C CA  . LEU A 1 114 ? 1.741   7.196   -4.374  1.00 10.99 ? 114 LEU A CA  1 
ATOM   941  C C   . LEU A 1 114 ? 2.643   6.054   -3.984  1.00 10.48 ? 114 LEU A C   1 
ATOM   942  O O   . LEU A 1 114 ? 3.859   6.271   -3.864  1.00 12.17 ? 114 LEU A O   1 
ATOM   943  C CB  . LEU A 1 114 ? 1.186   7.906   -3.134  1.00 11.13 ? 114 LEU A CB  1 
ATOM   944  C CG  . LEU A 1 114 ? 0.578   9.295   -3.410  1.00 11.88 ? 114 LEU A CG  1 
ATOM   945  C CD1 . LEU A 1 114 ? 0.043   9.936   -2.142  1.00 12.87 ? 114 LEU A CD1 1 
ATOM   946  C CD2 . LEU A 1 114 ? 1.545   10.248  -4.016  1.00 13.63 ? 114 LEU A CD2 1 
ATOM   947  N N   . VAL A 1 115 ? 2.105   4.859   -3.784  1.00 10.06 ? 115 VAL A N   1 
ATOM   948  C CA  . VAL A 1 115 ? 2.973   3.687   -3.694  1.00 10.57 ? 115 VAL A CA  1 
ATOM   949  C C   . VAL A 1 115 ? 4.015   3.631   -4.838  1.00 11.30 ? 115 VAL A C   1 
ATOM   950  O O   . VAL A 1 115 ? 5.214   3.347   -4.574  1.00 11.30 ? 115 VAL A O   1 
ATOM   951  C CB  . VAL A 1 115 ? 2.157   2.386   -3.638  1.00 10.81 ? 115 VAL A CB  1 
ATOM   952  C CG1 . VAL A 1 115 ? 3.017   1.128   -3.837  1.00 10.73 ? 115 VAL A CG1 1 
ATOM   953  C CG2 . VAL A 1 115 ? 1.477   2.264   -2.297  1.00 10.58 ? 115 VAL A CG2 1 
ATOM   954  N N   . TYR A 1 116 ? 3.545   3.787   -6.079  1.00 12.22 ? 116 TYR A N   1 
ATOM   955  C CA  . TYR A 1 116 ? 4.433   3.682   -7.243  1.00 13.63 ? 116 TYR A CA  1 
ATOM   956  C C   . TYR A 1 116 ? 5.460   4.800   -7.313  1.00 14.73 ? 116 TYR A C   1 
ATOM   957  O O   . TYR A 1 116 ? 6.643   4.577   -7.645  1.00 14.76 ? 116 TYR A O   1 
ATOM   958  C CB  . TYR A 1 116 ? 3.649   3.513   -8.525  1.00 12.78 ? 116 TYR A CB  1 
ATOM   959  C CG  . TYR A 1 116 ? 2.866   2.222   -8.592  1.00 12.77 ? 116 TYR A CG  1 
ATOM   960  C CD1 . TYR A 1 116 ? 3.494   0.997   -8.400  1.00 13.91 ? 116 TYR A CD1 1 
ATOM   961  C CD2 . TYR A 1 116 ? 1.505   2.211   -8.860  1.00 12.17 ? 116 TYR A CD2 1 
ATOM   962  C CE1 . TYR A 1 116 ? 2.798   -0.202  -8.483  1.00 12.69 ? 116 TYR A CE1 1 
ATOM   963  C CE2 . TYR A 1 116 ? 0.793   1.011   -8.929  1.00 11.93 ? 116 TYR A CE2 1 
ATOM   964  C CZ  . TYR A 1 116 ? 1.449   -0.181  -8.740  1.00 12.14 ? 116 TYR A CZ  1 
ATOM   965  O OH  . TYR A 1 116 ? 0.827   -1.388  -8.792  1.00 12.58 ? 116 TYR A OH  1 
ATOM   966  N N   . GLU A 1 117 ? 5.042   5.995   -6.939  1.00 16.22 ? 117 GLU A N   1 
ATOM   967  C CA  . GLU A 1 117 ? 5.956   7.103   -6.781  1.00 17.19 ? 117 GLU A CA  1 
ATOM   968  C C   . GLU A 1 117 ? 7.082   6.795   -5.741  1.00 16.72 ? 117 GLU A C   1 
ATOM   969  O O   . GLU A 1 117 ? 8.284   6.939   -6.032  1.00 13.24 ? 117 GLU A O   1 
ATOM   970  C CB  . GLU A 1 117 ? 5.163   8.350   -6.390  1.00 19.05 ? 117 GLU A CB  1 
ATOM   971  C CG  . GLU A 1 117 ? 6.036   9.601   -6.249  1.00 23.18 ? 117 GLU A CG  1 
ATOM   972  C CD  . GLU A 1 117 ? 5.201   10.884  -6.021  1.00 27.47 ? 117 GLU A CD  1 
ATOM   973  O OE1 . GLU A 1 117 ? 5.620   11.707  -5.191  1.00 32.71 ? 117 GLU A OE1 1 
ATOM   974  O OE2 . GLU A 1 117 ? 4.102   11.102  -6.621  1.00 32.19 ? 117 GLU A OE2 1 
ATOM   975  N N   . ALA A 1 118 ? 6.692   6.347   -4.537  1.00 15.01 ? 118 ALA A N   1 
ATOM   976  C CA  . ALA A 1 118 ? 7.644   5.955   -3.540  1.00 13.21 ? 118 ALA A CA  1 
ATOM   977  C C   . ALA A 1 118 ? 8.608   4.870   -4.039  1.00 13.26 ? 118 ALA A C   1 
ATOM   978  O O   . ALA A 1 118 ? 9.845   4.972   -3.815  1.00 13.85 ? 118 ALA A O   1 
ATOM   979  C CB  . ALA A 1 118 ? 6.945   5.505   -2.264  1.00 12.93 ? 118 ALA A CB  1 
ATOM   980  N N   . GLY A 1 119 ? 8.053   3.881   -4.729  1.00 13.84 ? 119 GLY A N   1 
ATOM   981  C CA  . GLY A 1 119 ? 8.806   2.757   -5.232  1.00 14.71 ? 119 GLY A CA  1 
ATOM   982  C C   . GLY A 1 119 ? 9.755   3.082   -6.393  1.00 15.52 ? 119 GLY A C   1 
ATOM   983  O O   . GLY A 1 119 ? 10.963  2.777   -6.364  1.00 14.83 ? 119 GLY A O   1 
ATOM   984  N N   . PHE A 1 120 ? 9.170   3.595   -7.453  1.00 17.31 ? 120 PHE A N   1 
ATOM   985  C CA  . PHE A 1 120 ? 9.941   3.840   -8.666  1.00 18.99 ? 120 PHE A CA  1 
ATOM   986  C C   . PHE A 1 120 ? 10.748  5.125   -8.571  1.00 20.30 ? 120 PHE A C   1 
ATOM   987  O O   . PHE A 1 120 ? 11.865  5.148   -9.051  1.00 20.96 ? 120 PHE A O   1 
ATOM   988  C CB  . PHE A 1 120 ? 9.031   3.869   -9.849  1.00 18.54 ? 120 PHE A CB  1 
ATOM   989  C CG  . PHE A 1 120 ? 8.371   2.557   -10.157 1.00 19.44 ? 120 PHE A CG  1 
ATOM   990  C CD1 . PHE A 1 120 ? 9.120   1.470   -10.598 1.00 20.72 ? 120 PHE A CD1 1 
ATOM   991  C CD2 . PHE A 1 120 ? 6.979   2.419   -10.065 1.00 19.01 ? 120 PHE A CD2 1 
ATOM   992  C CE1 . PHE A 1 120 ? 8.491   0.285   -10.929 1.00 21.47 ? 120 PHE A CE1 1 
ATOM   993  C CE2 . PHE A 1 120 ? 6.347   1.236   -10.375 1.00 18.99 ? 120 PHE A CE2 1 
ATOM   994  C CZ  . PHE A 1 120 ? 7.090   0.175   -10.849 1.00 21.76 ? 120 PHE A CZ  1 
ATOM   995  N N   . SER A 1 121 ? 10.211  6.175   -7.958  1.00 21.23 ? 121 SER A N   1 
ATOM   996  C CA  . SER A 1 121 ? 10.917  7.449   -7.878  1.00 21.97 ? 121 SER A CA  1 
ATOM   997  C C   . SER A 1 121 ? 11.797  7.551   -6.646  1.00 21.49 ? 121 SER A C   1 
ATOM   998  O O   . SER A 1 121 ? 13.037  7.590   -6.761  1.00 20.98 ? 121 SER A O   1 
ATOM   999  C CB  . SER A 1 121 ? 9.949   8.643   -8.034  1.00 23.99 ? 121 SER A CB  1 
ATOM   1000 O OG  . SER A 1 121 ? 10.617  9.905   -7.860  1.00 25.13 ? 121 SER A OG  1 
ATOM   1001 N N   . THR A 1 122 ? 11.199  7.557   -5.464  1.00 20.49 ? 122 THR A N   1 
ATOM   1002 C CA  . THR A 1 122 ? 11.954  7.781   -4.251  1.00 20.19 ? 122 THR A CA  1 
ATOM   1003 C C   . THR A 1 122 ? 12.949  6.697   -3.962  1.00 20.51 ? 122 THR A C   1 
ATOM   1004 O O   . THR A 1 122 ? 14.092  6.963   -3.569  1.00 17.25 ? 122 THR A O   1 
ATOM   1005 C CB  . THR A 1 122 ? 11.034  7.984   -3.064  1.00 21.52 ? 122 THR A CB  1 
ATOM   1006 O OG1 . THR A 1 122 ? 10.075  8.975   -3.420  1.00 23.03 ? 122 THR A OG1 1 
ATOM   1007 C CG2 . THR A 1 122 ? 11.788  8.399   -1.841  1.00 21.85 ? 122 THR A CG2 1 
ATOM   1008 N N   . LEU A 1 123 ? 12.599  5.467   -4.284  1.00 16.85 ? 123 LEU A N   1 
ATOM   1009 C CA  . LEU A 1 123 ? 13.483  4.354   -3.894  1.00 16.67 ? 123 LEU A CA  1 
ATOM   1010 C C   . LEU A 1 123 ? 14.204  3.708   -5.071  1.00 16.69 ? 123 LEU A C   1 
ATOM   1011 O O   . LEU A 1 123 ? 14.959  2.746   -4.902  1.00 16.00 ? 123 LEU A O   1 
ATOM   1012 C CB  . LEU A 1 123 ? 12.619  3.333   -3.132  1.00 15.71 ? 123 LEU A CB  1 
ATOM   1013 C CG  . LEU A 1 123 ? 12.156  3.765   -1.768  1.00 15.87 ? 123 LEU A CG  1 
ATOM   1014 C CD1 . LEU A 1 123 ? 11.116  2.773   -1.214  1.00 16.57 ? 123 LEU A CD1 1 
ATOM   1015 C CD2 . LEU A 1 123 ? 13.331  3.858   -0.782  1.00 16.85 ? 123 LEU A CD2 1 
ATOM   1016 N N   . GLY A 1 124 ? 13.956  4.181   -6.281  1.00 18.78 ? 124 GLY A N   1 
ATOM   1017 C CA  . GLY A 1 124 ? 14.701  3.679   -7.441  1.00 19.02 ? 124 GLY A CA  1 
ATOM   1018 C C   . GLY A 1 124 ? 14.438  2.265   -7.911  1.00 20.50 ? 124 GLY A C   1 
ATOM   1019 O O   . GLY A 1 124 ? 15.305  1.697   -8.602  1.00 20.08 ? 124 GLY A O   1 
ATOM   1020 N N   . PHE A 1 125 ? 13.273  1.651   -7.620  1.00 15.84 ? 125 PHE A N   1 
ATOM   1021 C CA  . PHE A 1 125 ? 13.060  0.309   -8.082  1.00 15.48 ? 125 PHE A CA  1 
ATOM   1022 C C   . PHE A 1 125 ? 12.764  0.318   -9.585  1.00 15.62 ? 125 PHE A C   1 
ATOM   1023 O O   . PHE A 1 125 ? 12.414  1.324   -10.124 1.00 15.38 ? 125 PHE A O   1 
ATOM   1024 C CB  . PHE A 1 125 ? 11.878  -0.369  -7.348  1.00 15.61 ? 125 PHE A CB  1 
ATOM   1025 C CG  . PHE A 1 125 ? 12.229  -0.804  -5.958  1.00 15.20 ? 125 PHE A CG  1 
ATOM   1026 C CD1 . PHE A 1 125 ? 12.764  -2.040  -5.738  1.00 15.34 ? 125 PHE A CD1 1 
ATOM   1027 C CD2 . PHE A 1 125 ? 12.047  0.032   -4.887  1.00 16.09 ? 125 PHE A CD2 1 
ATOM   1028 C CE1 . PHE A 1 125 ? 13.113  -2.443  -4.446  1.00 16.92 ? 125 PHE A CE1 1 
ATOM   1029 C CE2 . PHE A 1 125 ? 12.415  -0.332  -3.602  1.00 15.66 ? 125 PHE A CE2 1 
ATOM   1030 C CZ  . PHE A 1 125 ? 12.943  -1.585  -3.379  1.00 17.59 ? 125 PHE A CZ  1 
ATOM   1031 N N   . GLU A 1 126 ? 12.849  -0.847  -10.188 1.00 16.18 ? 126 GLU A N   1 
ATOM   1032 C CA  . GLU A 1 126 ? 12.595  -1.074  -11.590 1.00 18.17 ? 126 GLU A CA  1 
ATOM   1033 C C   . GLU A 1 126 ? 11.294  -1.779  -11.919 1.00 18.44 ? 126 GLU A C   1 
ATOM   1034 O O   . GLU A 1 126 ? 10.851  -1.716  -13.060 1.00 17.34 ? 126 GLU A O   1 
ATOM   1035 C CB  . GLU A 1 126 ? 13.743  -1.935  -12.166 1.00 19.30 ? 126 GLU A CB  1 
ATOM   1036 C CG  . GLU A 1 126 ? 15.043  -1.171  -12.127 1.00 21.40 ? 126 GLU A CG  1 
ATOM   1037 C CD  . GLU A 1 126 ? 15.039  0.098   -12.964 1.00 23.96 ? 126 GLU A CD  1 
ATOM   1038 O OE1 . GLU A 1 126 ? 15.952  0.875   -12.709 1.00 27.71 ? 126 GLU A OE1 1 
ATOM   1039 O OE2 . GLU A 1 126 ? 14.161  0.297   -13.861 1.00 25.48 ? 126 GLU A OE2 1 
ATOM   1040 N N   . GLN A 1 127 ? 10.739  -2.517  -10.974 1.00 18.06 ? 127 GLN A N   1 
ATOM   1041 C CA  . GLN A 1 127 ? 9.421   -3.133  -11.116 1.00 18.22 ? 127 GLN A CA  1 
ATOM   1042 C C   . GLN A 1 127 ? 8.755   -3.364  -9.733  1.00 16.37 ? 127 GLN A C   1 
ATOM   1043 O O   . GLN A 1 127 ? 9.413   -3.294  -8.714  1.00 16.22 ? 127 GLN A O   1 
ATOM   1044 C CB  . GLN A 1 127 ? 9.490   -4.446  -11.855 1.00 20.36 ? 127 GLN A CB  1 
ATOM   1045 C CG  . GLN A 1 127 ? 10.398  -5.425  -11.234 1.00 22.63 ? 127 GLN A CG  1 
ATOM   1046 C CD  . GLN A 1 127 ? 10.120  -6.841  -11.698 1.00 28.39 ? 127 GLN A CD  1 
ATOM   1047 O OE1 . GLN A 1 127 ? 9.595   -7.689  -10.939 1.00 31.33 ? 127 GLN A OE1 1 
ATOM   1048 N NE2 . GLN A 1 127 ? 10.518  -7.127  -12.916 1.00 26.42 ? 127 GLN A NE2 1 
ATOM   1049 N N   . SER A 1 128 ? 7.480   -3.690  -9.756  1.00 15.14 ? 128 SER A N   1 
ATOM   1050 C CA  . SER A 1 128 ? 6.724   -4.021  -8.586  1.00 15.44 ? 128 SER A CA  1 
ATOM   1051 C C   . SER A 1 128 ? 6.112   -5.382  -8.840  1.00 16.49 ? 128 SER A C   1 
ATOM   1052 O O   . SER A 1 128 ? 5.589   -5.622  -9.926  1.00 15.96 ? 128 SER A O   1 
ATOM   1053 C CB  . SER A 1 128 ? 5.607   -3.027  -8.257  1.00 15.80 ? 128 SER A CB  1 
ATOM   1054 O OG  . SER A 1 128 ? 4.962   -3.475  -7.048  1.00 20.16 ? 128 SER A OG  1 
ATOM   1055 N N   . HIS A 1 129 ? 6.214   -6.253  -7.833  1.00 16.63 ? 129 HIS A N   1 
ATOM   1056 C CA  . HIS A 1 129 ? 5.650   -7.626  -7.843  1.00 19.72 ? 129 HIS A CA  1 
ATOM   1057 C C   . HIS A 1 129 ? 4.596   -7.660  -6.760  1.00 22.29 ? 129 HIS A C   1 
ATOM   1058 O O   . HIS A 1 129 ? 4.780   -7.027  -5.719  1.00 22.73 ? 129 HIS A O   1 
ATOM   1059 C CB  . HIS A 1 129 ? 6.745   -8.764  -7.782  1.00 20.31 ? 129 HIS A CB  1 
ATOM   1060 C CG  . HIS A 1 129 ? 7.558   -8.831  -6.491  1.00 23.56 ? 129 HIS A CG  1 
ATOM   1061 N ND1 . HIS A 1 129 ? 8.585   -7.954  -6.193  1.00 24.69 ? 129 HIS A ND1 1 
ATOM   1062 C CD2 . HIS A 1 129 ? 7.503   -9.696  -5.444  1.00 22.99 ? 129 HIS A CD2 1 
ATOM   1063 C CE1 . HIS A 1 129 ? 9.115   -8.256  -5.019  1.00 26.60 ? 129 HIS A CE1 1 
ATOM   1064 N NE2 . HIS A 1 129 ? 8.475   -9.323  -4.545  1.00 24.79 ? 129 HIS A NE2 1 
ATOM   1065 N N   . PHE A 1 130 ? 3.423   -8.254  -6.998  1.00 19.02 ? 130 PHE A N   1 
ATOM   1066 C CA  . PHE A 1 130 ? 2.426   -8.351  -5.901  1.00 17.45 ? 130 PHE A CA  1 
ATOM   1067 C C   . PHE A 1 130 ? 1.392   -9.413  -6.209  1.00 19.14 ? 130 PHE A C   1 
ATOM   1068 O O   . PHE A 1 130 ? 1.272   -9.801  -7.337  1.00 18.40 ? 130 PHE A O   1 
ATOM   1069 C CB  . PHE A 1 130 ? 1.730   -6.989  -5.588  1.00 18.32 ? 130 PHE A CB  1 
ATOM   1070 C CG  . PHE A 1 130 ? 0.979   -6.377  -6.718  1.00 17.17 ? 130 PHE A CG  1 
ATOM   1071 C CD1 . PHE A 1 130 ? 1.574   -5.471  -7.559  1.00 18.27 ? 130 PHE A CD1 1 
ATOM   1072 C CD2 . PHE A 1 130 ? -0.385  -6.657  -6.909  1.00 18.82 ? 130 PHE A CD2 1 
ATOM   1073 C CE1 . PHE A 1 130 ? 0.847   -4.849  -8.565  1.00 18.95 ? 130 PHE A CE1 1 
ATOM   1074 C CE2 . PHE A 1 130 ? -1.090  -6.090  -7.929  1.00 18.98 ? 130 PHE A CE2 1 
ATOM   1075 C CZ  . PHE A 1 130 ? -0.460  -5.173  -8.785  1.00 18.24 ? 130 PHE A CZ  1 
ATOM   1076 N N   . GLU A 1 131 ? 0.640   -9.835  -5.197  1.00 21.54 ? 131 GLU A N   1 
ATOM   1077 C CA  . GLU A 1 131 ? -0.351  -10.898 -5.332  1.00 21.55 ? 131 GLU A CA  1 
ATOM   1078 C C   . GLU A 1 131 ? -1.711  -10.378 -4.916  1.00 22.55 ? 131 GLU A C   1 
ATOM   1079 O O   . GLU A 1 131 ? -1.785  -9.538  -4.039  1.00 20.21 ? 131 GLU A O   1 
ATOM   1080 C CB  . GLU A 1 131 ? 0.023   -12.086 -4.457  1.00 24.08 ? 131 GLU A CB  1 
ATOM   1081 C CG  . GLU A 1 131 ? 0.023   -11.826 -2.943  1.00 25.04 ? 131 GLU A CG  1 
ATOM   1082 C CD  . GLU A 1 131 ? 0.691   -12.923 -2.124  1.00 28.88 ? 131 GLU A CD  1 
ATOM   1083 O OE1 . GLU A 1 131 ? 0.300   -13.128 -0.943  1.00 32.59 ? 131 GLU A OE1 1 
ATOM   1084 O OE2 . GLU A 1 131 ? 1.636   -13.551 -2.610  1.00 25.35 ? 131 GLU A OE2 1 
ATOM   1085 N N   . VAL A 1 132 ? -2.765  -10.924 -5.528  1.00 21.89 ? 132 VAL A N   1 
ATOM   1086 C CA  . VAL A 1 132 ? -4.123  -10.652 -5.157  1.00 22.46 ? 132 VAL A CA  1 
ATOM   1087 C C   . VAL A 1 132 ? -4.918  -11.973 -5.015  1.00 24.99 ? 132 VAL A C   1 
ATOM   1088 O O   . VAL A 1 132 ? -4.920  -12.834 -5.934  1.00 22.61 ? 132 VAL A O   1 
ATOM   1089 C CB  . VAL A 1 132 ? -4.783  -9.723  -6.185  1.00 22.13 ? 132 VAL A CB  1 
ATOM   1090 C CG1 . VAL A 1 132 ? -6.199  -9.396  -5.731  1.00 23.60 ? 132 VAL A CG1 1 
ATOM   1091 C CG2 . VAL A 1 132 ? -3.988  -8.428  -6.334  1.00 21.61 ? 132 VAL A CG2 1 
ATOM   1092 N N   . MET A 1 133 ? -5.614  -12.146 -3.906  1.00 30.15 ? 133 MET A N   1 
ATOM   1093 C CA  . MET A 1 133 ? -6.480  -13.353 -3.765  1.00 35.54 ? 133 MET A CA  1 
ATOM   1094 C C   . MET A 1 133 ? -7.461  -13.546 -4.915  1.00 35.54 ? 133 MET A C   1 
ATOM   1095 O O   . MET A 1 133 ? -8.051  -12.576 -5.407  1.00 35.07 ? 133 MET A O   1 
ATOM   1096 C CB  . MET A 1 133 ? -7.231  -13.366 -2.444  1.00 40.73 ? 133 MET A CB  1 
ATOM   1097 C CG  . MET A 1 133 ? -6.347  -13.749 -1.262  1.00 48.35 ? 133 MET A CG  1 
ATOM   1098 S SD  . MET A 1 133 ? -7.225  -14.568 0.097   1.00 60.66 ? 133 MET A SD  1 
ATOM   1099 C CE  . MET A 1 133 ? -7.985  -15.993 -0.715  1.00 47.96 ? 133 MET A CE  1 
ATOM   1100 N N   . LYS A 1 134 ? -7.561  -14.795 -5.377  1.00 35.67 ? 134 LYS A N   1 
ATOM   1101 C CA  . LYS A 1 134 ? -8.500  -15.191 -6.427  1.00 41.90 ? 134 LYS A CA  1 
ATOM   1102 C C   . LYS A 1 134 ? -9.916  -14.870 -5.928  1.00 46.43 ? 134 LYS A C   1 
ATOM   1103 O O   . LYS A 1 134 ? -10.179 -14.948 -4.722  1.00 48.73 ? 134 LYS A O   1 
ATOM   1104 C CB  . LYS A 1 134 ? -8.398  -16.692 -6.732  1.00 41.36 ? 134 LYS A CB  1 
ATOM   1105 C CG  . LYS A 1 134 ? -7.156  -17.075 -7.517  1.00 46.31 ? 134 LYS A CG  1 
ATOM   1106 C CD  . LYS A 1 134 ? -7.329  -18.348 -8.349  1.00 44.80 ? 134 LYS A CD  1 
ATOM   1107 C CE  . LYS A 1 134 ? -6.268  -18.377 -9.430  1.00 43.23 ? 134 LYS A CE  1 
ATOM   1108 N NZ  . LYS A 1 134 ? -5.942  -19.697 -10.005 1.00 43.35 ? 134 LYS A NZ  1 
ATOM   1109 N N   . GLY A 1 135 ? -10.793 -14.447 -6.838  1.00 49.07 ? 135 GLY A N   1 
ATOM   1110 C CA  . GLY A 1 135 ? -12.181 -14.136 -6.466  1.00 49.00 ? 135 GLY A CA  1 
ATOM   1111 C C   . GLY A 1 135 ? -12.360 -12.695 -6.020  1.00 49.66 ? 135 GLY A C   1 
ATOM   1112 O O   . GLY A 1 135 ? -13.445 -12.146 -6.150  1.00 44.46 ? 135 GLY A O   1 
ATOM   1113 N N   . ASN A 1 136 ? -11.309 -12.044 -5.524  1.00 51.01 ? 136 ASN A N   1 
ATOM   1114 C CA  . ASN A 1 136 ? -11.439 -10.652 -5.099  1.00 51.26 ? 136 ASN A CA  1 
ATOM   1115 C C   . ASN A 1 136 ? -11.484 -9.694  -6.331  1.00 50.20 ? 136 ASN A C   1 
ATOM   1116 O O   . ASN A 1 136 ? -10.542 -8.911  -6.553  1.00 45.86 ? 136 ASN A O   1 
ATOM   1117 C CB  . ASN A 1 136 ? -10.299 -10.344 -4.136  1.00 53.14 ? 136 ASN A CB  1 
ATOM   1118 C CG  . ASN A 1 136 ? -10.409 -8.976  -3.508  1.00 53.74 ? 136 ASN A CG  1 
ATOM   1119 O OD1 . ASN A 1 136 ? -11.254 -8.150  -3.888  1.00 60.23 ? 136 ASN A OD1 1 
ATOM   1120 N ND2 . ASN A 1 136 ? -9.546  -8.720  -2.541  1.00 52.08 ? 136 ASN A ND2 1 
ATOM   1121 N N   . ASP A 1 137 ? -12.562 -9.735  -7.131  1.00 46.02 ? 137 ASP A N   1 
ATOM   1122 C CA  . ASP A 1 137 ? -12.444 -9.172  -8.501  1.00 50.25 ? 137 ASP A CA  1 
ATOM   1123 C C   . ASP A 1 137 ? -12.474 -7.649  -8.638  1.00 43.06 ? 137 ASP A C   1 
ATOM   1124 O O   . ASP A 1 137 ? -11.886 -7.114  -9.583  1.00 46.11 ? 137 ASP A O   1 
ATOM   1125 C CB  . ASP A 1 137 ? -13.358 -9.839  -9.550  1.00 54.80 ? 137 ASP A CB  1 
ATOM   1126 C CG  . ASP A 1 137 ? -12.746 -9.749  -10.992 1.00 65.88 ? 137 ASP A CG  1 
ATOM   1127 O OD1 . ASP A 1 137 ? -12.767 -8.641  -11.605 1.00 64.12 ? 137 ASP A OD1 1 
ATOM   1128 O OD2 . ASP A 1 137 ? -12.190 -10.775 -11.493 1.00 66.49 ? 137 ASP A OD2 1 
ATOM   1129 N N   . LYS A 1 138 ? -13.112 -6.955  -7.701  1.00 45.45 ? 138 LYS A N   1 
ATOM   1130 C CA  . LYS A 1 138 ? -12.957 -5.491  -7.602  1.00 47.57 ? 138 LYS A CA  1 
ATOM   1131 C C   . LYS A 1 138 ? -11.453 -5.116  -7.641  1.00 38.20 ? 138 LYS A C   1 
ATOM   1132 O O   . LYS A 1 138 ? -11.012 -4.274  -8.423  1.00 36.16 ? 138 LYS A O   1 
ATOM   1133 C CB  . LYS A 1 138 ? -13.627 -4.969  -6.331  1.00 53.20 ? 138 LYS A CB  1 
ATOM   1134 C CG  . LYS A 1 138 ? -15.145 -5.032  -6.405  1.00 65.72 ? 138 LYS A CG  1 
ATOM   1135 C CD  . LYS A 1 138 ? -15.798 -5.334  -5.062  1.00 73.38 ? 138 LYS A CD  1 
ATOM   1136 C CE  . LYS A 1 138 ? -17.310 -5.474  -5.221  1.00 78.15 ? 138 LYS A CE  1 
ATOM   1137 N NZ  . LYS A 1 138 ? -18.016 -5.663  -3.919  1.00 80.78 ? 138 LYS A NZ  1 
ATOM   1138 N N   . VAL A 1 139 ? -10.661 -5.829  -6.864  1.00 33.46 ? 139 VAL A N   1 
ATOM   1139 C CA  . VAL A 1 139 ? -9.243  -5.523  -6.793  1.00 29.54 ? 139 VAL A CA  1 
ATOM   1140 C C   . VAL A 1 139 ? -8.522  -5.918  -8.098  1.00 25.92 ? 139 VAL A C   1 
ATOM   1141 O O   . VAL A 1 139 ? -7.750  -5.141  -8.603  1.00 22.78 ? 139 VAL A O   1 
ATOM   1142 C CB  . VAL A 1 139 ? -8.666  -6.120  -5.511  1.00 29.73 ? 139 VAL A CB  1 
ATOM   1143 C CG1 . VAL A 1 139 ? -7.185  -5.823  -5.407  1.00 30.39 ? 139 VAL A CG1 1 
ATOM   1144 C CG2 . VAL A 1 139 ? -9.389  -5.510  -4.319  1.00 32.33 ? 139 VAL A CG2 1 
ATOM   1145 N N   . HIS A 1 140 ? -8.794  -7.094  -8.672  1.00 22.69 ? 140 HIS A N   1 
ATOM   1146 C CA  . HIS A 1 140 ? -8.129  -7.478  -9.916  1.00 23.90 ? 140 HIS A CA  1 
ATOM   1147 C C   . HIS A 1 140 ? -8.320  -6.475  -11.044 1.00 21.55 ? 140 HIS A C   1 
ATOM   1148 O O   . HIS A 1 140 ? -7.378  -6.071  -11.723 1.00 22.39 ? 140 HIS A O   1 
ATOM   1149 C CB  . HIS A 1 140 ? -8.615  -8.879  -10.388 1.00 25.95 ? 140 HIS A CB  1 
ATOM   1150 C CG  . HIS A 1 140 ? -8.244  -9.976  -9.452  1.00 27.30 ? 140 HIS A CG  1 
ATOM   1151 N ND1 . HIS A 1 140 ? -6.930  -10.354 -9.243  1.00 31.27 ? 140 HIS A ND1 1 
ATOM   1152 C CD2 . HIS A 1 140 ? -8.990  -10.766 -8.654  1.00 30.04 ? 140 HIS A CD2 1 
ATOM   1153 C CE1 . HIS A 1 140 ? -6.886  -11.327 -8.362  1.00 29.34 ? 140 HIS A CE1 1 
ATOM   1154 N NE2 . HIS A 1 140 ? -8.124  -11.596 -7.982  1.00 34.00 ? 140 HIS A NE2 1 
ATOM   1155 N N   . SER A 1 141 ? -9.542  -6.049  -11.270 1.00 25.05 ? 141 SER A N   1 
ATOM   1156 C CA  . SER A 1 141 ? -9.774  -5.140  -12.405 1.00 29.61 ? 141 SER A CA  1 
ATOM   1157 C C   . SER A 1 141 ? -9.153  -3.771  -12.165 1.00 26.95 ? 141 SER A C   1 
ATOM   1158 O O   . SER A 1 141 ? -8.607  -3.139  -13.102 1.00 27.06 ? 141 SER A O   1 
ATOM   1159 C CB  . SER A 1 141 ? -11.263 -5.066  -12.760 1.00 35.31 ? 141 SER A CB  1 
ATOM   1160 O OG  . SER A 1 141 ? -12.000 -4.794  -11.601 1.00 43.10 ? 141 SER A OG  1 
ATOM   1161 N N   . PHE A 1 142 ? -9.133  -3.353  -10.893 1.00 28.00 ? 142 PHE A N   1 
ATOM   1162 C CA  . PHE A 1 142 ? -8.448  -2.094  -10.550 1.00 24.37 ? 142 PHE A CA  1 
ATOM   1163 C C   . PHE A 1 142 ? -6.998  -2.150  -11.040 1.00 21.41 ? 142 PHE A C   1 
ATOM   1164 O O   . PHE A 1 142 ? -6.481  -1.233  -11.751 1.00 19.06 ? 142 PHE A O   1 
ATOM   1165 C CB  . PHE A 1 142 ? -8.526  -1.829  -9.039  1.00 24.77 ? 142 PHE A CB  1 
ATOM   1166 C CG  . PHE A 1 142 ? -7.663  -0.658  -8.578  1.00 23.34 ? 142 PHE A CG  1 
ATOM   1167 C CD1 . PHE A 1 142 ? -6.349  -0.861  -8.202  1.00 21.62 ? 142 PHE A CD1 1 
ATOM   1168 C CD2 . PHE A 1 142 ? -8.185  0.651   -8.528  1.00 24.74 ? 142 PHE A CD2 1 
ATOM   1169 C CE1 . PHE A 1 142 ? -5.556  0.175   -7.774  1.00 21.32 ? 142 PHE A CE1 1 
ATOM   1170 C CE2 . PHE A 1 142 ? -7.381  1.703   -8.158  1.00 22.69 ? 142 PHE A CE2 1 
ATOM   1171 C CZ  . PHE A 1 142 ? -6.075  1.471   -7.762  1.00 21.97 ? 142 PHE A CZ  1 
ATOM   1172 N N   . HIS A 1 143 ? -6.312  -3.237  -10.660 1.00 19.84 ? 143 HIS A N   1 
ATOM   1173 C CA  . HIS A 1 143 ? -4.935  -3.374  -11.073 1.00 20.73 ? 143 HIS A CA  1 
ATOM   1174 C C   . HIS A 1 143 ? -4.755  -3.454  -12.561 1.00 22.81 ? 143 HIS A C   1 
ATOM   1175 O O   . HIS A 1 143 ? -3.846  -2.811  -13.106 1.00 22.39 ? 143 HIS A O   1 
ATOM   1176 C CB  . HIS A 1 143 ? -4.260  -4.508  -10.352 1.00 18.93 ? 143 HIS A CB  1 
ATOM   1177 C CG  . HIS A 1 143 ? -4.114  -4.244  -8.887  1.00 16.41 ? 143 HIS A CG  1 
ATOM   1178 N ND1 . HIS A 1 143 ? -3.417  -3.152  -8.408  1.00 15.68 ? 143 HIS A ND1 1 
ATOM   1179 C CD2 . HIS A 1 143 ? -4.582  -4.912  -7.805  1.00 15.08 ? 143 HIS A CD2 1 
ATOM   1180 C CE1 . HIS A 1 143 ? -3.430  -3.173  -7.089  1.00 16.25 ? 143 HIS A CE1 1 
ATOM   1181 N NE2 . HIS A 1 143 ? -4.131  -4.236  -6.692  1.00 17.22 ? 143 HIS A NE2 1 
ATOM   1182 N N   . LEU A 1 144 ? -5.629  -4.217  -13.222 1.00 25.96 ? 144 LEU A N   1 
ATOM   1183 C CA  . LEU A 1 144 ? -5.551  -4.327  -14.672 1.00 26.11 ? 144 LEU A CA  1 
ATOM   1184 C C   . LEU A 1 144 ? -5.767  -3.014  -15.333 1.00 25.43 ? 144 LEU A C   1 
ATOM   1185 O O   . LEU A 1 144 ? -4.946  -2.601  -16.141 1.00 23.88 ? 144 LEU A O   1 
ATOM   1186 C CB  . LEU A 1 144 ? -6.550  -5.357  -15.193 1.00 27.20 ? 144 LEU A CB  1 
ATOM   1187 C CG  . LEU A 1 144 ? -6.179  -6.785  -14.780 1.00 28.69 ? 144 LEU A CG  1 
ATOM   1188 C CD1 . LEU A 1 144 ? -7.337  -7.753  -15.027 1.00 29.63 ? 144 LEU A CD1 1 
ATOM   1189 C CD2 . LEU A 1 144 ? -4.946  -7.253  -15.524 1.00 31.50 ? 144 LEU A CD2 1 
ATOM   1190 N N   . LYS A 1 145 ? -6.821  -2.327  -14.923 1.00 31.04 ? 145 LYS A N   1 
ATOM   1191 C CA  . LYS A 1 145 ? -7.088  -0.972  -15.416 1.00 32.59 ? 145 LYS A CA  1 
ATOM   1192 C C   . LYS A 1 145 ? -5.911  -0.059  -15.187 1.00 32.56 ? 145 LYS A C   1 
ATOM   1193 O O   . LYS A 1 145 ? -5.664  0.770   -16.025 1.00 29.58 ? 145 LYS A O   1 
ATOM   1194 C CB  . LYS A 1 145 ? -8.348  -0.394  -14.812 1.00 36.65 ? 145 LYS A CB  1 
ATOM   1195 C CG  . LYS A 1 145 ? -9.598  -0.981  -15.439 1.00 45.17 ? 145 LYS A CG  1 
ATOM   1196 C CD  . LYS A 1 145 ? -10.802 -1.012  -14.506 1.00 52.43 ? 145 LYS A CD  1 
ATOM   1197 C CE  . LYS A 1 145 ? -11.781 -2.146  -14.856 1.00 60.99 ? 145 LYS A CE  1 
ATOM   1198 N NZ  . LYS A 1 145 ? -12.623 -1.894  -16.058 1.00 63.93 ? 145 LYS A NZ  1 
ATOM   1199 N N   . MET A 1 146 ? -5.131  -0.237  -14.097 1.00 26.69 ? 146 MET A N   1 
ATOM   1200 C CA  . MET A 1 146 ? -3.916  0.556   -13.916 1.00 23.75 ? 146 MET A CA  1 
ATOM   1201 C C   . MET A 1 146 ? -2.716  0.232   -14.780 1.00 24.25 ? 146 MET A C   1 
ATOM   1202 O O   . MET A 1 146 ? -1.802  1.038   -14.861 1.00 24.14 ? 146 MET A O   1 
ATOM   1203 C CB  . MET A 1 146 ? -3.449  0.510   -12.416 1.00 23.79 ? 146 MET A CB  1 
ATOM   1204 C CG  . MET A 1 146 ? -4.279  1.382   -11.522 1.00 22.00 ? 146 MET A CG  1 
ATOM   1205 S SD  . MET A 1 146 ? -3.413  1.810   -9.963  1.00 19.10 ? 146 MET A SD  1 
ATOM   1206 C CE  . MET A 1 146 ? -2.093  2.851   -10.427 1.00 16.96 ? 146 MET A CE  1 
ATOM   1207 N N   . GLY A 1 147 ? -2.687  -0.942  -15.415 1.00 24.79 ? 147 GLY A N   1 
ATOM   1208 C CA  . GLY A 1 147 ? -1.541  -1.391  -16.177 1.00 25.64 ? 147 GLY A CA  1 
ATOM   1209 C C   . GLY A 1 147 ? -0.740  -2.552  -15.623 1.00 26.28 ? 147 GLY A C   1 
ATOM   1210 O O   . GLY A 1 147 ? 0.285   -2.916  -16.197 1.00 28.23 ? 147 GLY A O   1 
ATOM   1211 N N   . ALA A 1 148 ? -1.170  -3.143  -14.500 1.00 26.26 ? 148 ALA A N   1 
ATOM   1212 C CA  . ALA A 1 148 ? -0.468  -4.276  -13.939 1.00 26.02 ? 148 ALA A CA  1 
ATOM   1213 C C   . ALA A 1 148 ? -0.699  -5.429  -14.911 1.00 27.35 ? 148 ALA A C   1 
ATOM   1214 O O   . ALA A 1 148 ? -1.780  -5.540  -15.442 1.00 24.88 ? 148 ALA A O   1 
ATOM   1215 C CB  . ALA A 1 148 ? -1.017  -4.650  -12.584 1.00 27.76 ? 148 ALA A CB  1 
ATOM   1216 N N   . GLN A 1 149 ? 0.309   -6.268  -15.096 1.00 33.41 ? 149 GLN A N   1 
ATOM   1217 C CA  . GLN A 1 149 ? 0.204   -7.477  -15.950 1.00 36.19 ? 149 GLN A CA  1 
ATOM   1218 C C   . GLN A 1 149 ? 0.070   -8.703  -15.088 1.00 32.28 ? 149 GLN A C   1 
ATOM   1219 O O   . GLN A 1 149 ? 0.917   -8.928  -14.241 1.00 29.64 ? 149 GLN A O   1 
ATOM   1220 C CB  . GLN A 1 149 ? 1.480   -7.688  -16.749 1.00 41.21 ? 149 GLN A CB  1 
ATOM   1221 C CG  . GLN A 1 149 ? 2.132   -6.460  -17.332 1.00 45.47 ? 149 GLN A CG  1 
ATOM   1222 C CD  . GLN A 1 149 ? 2.475   -6.698  -18.778 1.00 53.13 ? 149 GLN A CD  1 
ATOM   1223 O OE1 . GLN A 1 149 ? 3.293   -7.581  -19.118 1.00 59.67 ? 149 GLN A OE1 1 
ATOM   1224 N NE2 . GLN A 1 149 ? 1.800   -5.969  -19.650 1.00 52.93 ? 149 GLN A NE2 1 
ATOM   1225 N N   . LYS A 1 150 ? -0.987  -9.481  -15.299 1.00 30.48 ? 150 LYS A N   1 
ATOM   1226 C CA  . LYS A 1 150 ? -1.110  -10.793 -14.753 1.00 29.63 ? 150 LYS A CA  1 
ATOM   1227 C C   . LYS A 1 150 ? 0.024   -11.621 -15.315 1.00 32.37 ? 150 LYS A C   1 
ATOM   1228 O O   . LYS A 1 150 ? 0.240   -11.643 -16.524 1.00 29.68 ? 150 LYS A O   1 
ATOM   1229 C CB  . LYS A 1 150 ? -2.417  -11.444 -15.177 1.00 32.81 ? 150 LYS A CB  1 
ATOM   1230 C CG  . LYS A 1 150 ? -2.507  -12.882 -14.692 1.00 31.62 ? 150 LYS A CG  1 
ATOM   1231 C CD  . LYS A 1 150 ? -3.865  -13.486 -14.954 1.00 35.21 ? 150 LYS A CD  1 
ATOM   1232 C CE  . LYS A 1 150 ? -3.798  -14.991 -14.693 1.00 41.12 ? 150 LYS A CE  1 
ATOM   1233 N NZ  . LYS A 1 150 ? -4.994  -15.754 -15.124 1.00 44.55 ? 150 LYS A NZ  1 
ATOM   1234 N N   . ILE A 1 151 ? 0.760   -12.284 -14.440 1.00 30.01 ? 151 ILE A N   1 
ATOM   1235 C CA  . ILE A 1 151 ? 1.983   -12.945 -14.836 1.00 30.65 ? 151 ILE A CA  1 
ATOM   1236 C C   . ILE A 1 151 ? 1.951   -14.435 -14.600 1.00 26.69 ? 151 ILE A C   1 
ATOM   1237 O O   . ILE A 1 151 ? 2.499   -15.187 -15.416 1.00 27.04 ? 151 ILE A O   1 
ATOM   1238 C CB  . ILE A 1 151 ? 3.184   -12.216 -14.198 1.00 33.01 ? 151 ILE A CB  1 
ATOM   1239 C CG1 . ILE A 1 151 ? 4.243   -11.997 -15.240 1.00 37.18 ? 151 ILE A CG1 1 
ATOM   1240 C CG2 . ILE A 1 151 ? 3.685   -12.885 -12.941 1.00 38.61 ? 151 ILE A CG2 1 
ATOM   1241 C CD1 . ILE A 1 151 ? 3.770   -11.106 -16.376 1.00 41.72 ? 151 ILE A CD1 1 
ATOM   1242 N N   . SER A 1 152 ? 1.321   -14.840 -13.494 1.00 23.91 ? 152 SER A N   1 
ATOM   1243 C CA  . SER A 1 152 ? 1.051   -16.237 -13.169 1.00 24.04 ? 152 SER A CA  1 
ATOM   1244 C C   . SER A 1 152 ? -0.001  -16.344 -12.125 1.00 23.20 ? 152 SER A C   1 
ATOM   1245 O O   . SER A 1 152 ? -0.514  -15.351 -11.623 1.00 22.01 ? 152 SER A O   1 
ATOM   1246 C CB  . SER A 1 152 ? 2.312   -16.970 -12.682 1.00 26.05 ? 152 SER A CB  1 
ATOM   1247 O OG  . SER A 1 152 ? 3.062   -16.182 -11.842 1.00 24.56 ? 152 SER A OG  1 
ATOM   1248 N N   . GLU A 1 153 ? -0.332  -17.571 -11.778 1.00 24.17 ? 153 GLU A N   1 
ATOM   1249 C CA  . GLU A 1 153 ? -1.287  -17.824 -10.741 1.00 25.94 ? 153 GLU A CA  1 
ATOM   1250 C C   . GLU A 1 153 ? -1.017  -19.169 -10.129 1.00 29.20 ? 153 GLU A C   1 
ATOM   1251 O O   . GLU A 1 153 ? -0.245  -19.924 -10.676 1.00 31.12 ? 153 GLU A O   1 
ATOM   1252 C CB  . GLU A 1 153 ? -2.671  -17.794 -11.338 1.00 31.58 ? 153 GLU A CB  1 
ATOM   1253 C CG  . GLU A 1 153 ? -2.912  -18.817 -12.450 1.00 34.38 ? 153 GLU A CG  1 
ATOM   1254 C CD  . GLU A 1 153 ? -4.202  -18.507 -13.176 1.00 38.00 ? 153 GLU A CD  1 
ATOM   1255 O OE1 . GLU A 1 153 ? -5.263  -18.489 -12.479 1.00 38.03 ? 153 GLU A OE1 1 
ATOM   1256 O OE2 . GLU A 1 153 ? -4.120  -18.220 -14.402 1.00 41.91 ? 153 GLU A OE2 1 
ATOM   1257 N N   . ASP A 1 154 ? -1.613  -19.407 -8.972  1.00 29.53 ? 154 ASP A N   1 
ATOM   1258 C CA  . ASP A 1 154 ? -1.617  -20.681 -8.290  1.00 34.52 ? 154 ASP A CA  1 
ATOM   1259 C C   . ASP A 1 154 ? -3.021  -20.857 -7.748  1.00 37.84 ? 154 ASP A C   1 
ATOM   1260 O O   . ASP A 1 154 ? -3.919  -20.139 -8.155  1.00 37.69 ? 154 ASP A O   1 
ATOM   1261 C CB  . ASP A 1 154 ? -0.529  -20.792 -7.186  1.00 33.24 ? 154 ASP A CB  1 
ATOM   1262 C CG  . ASP A 1 154 ? -0.755  -19.864 -5.953  1.00 35.81 ? 154 ASP A CG  1 
ATOM   1263 O OD1 . ASP A 1 154 ? 0.292   -19.600 -5.321  1.00 34.38 ? 154 ASP A OD1 1 
ATOM   1264 O OD2 . ASP A 1 154 ? -1.882  -19.385 -5.597  1.00 26.92 ? 154 ASP A OD2 1 
ATOM   1265 N N   . ASP A 1 155 ? -3.212  -21.821 -6.857  1.00 42.62 ? 155 ASP A N   1 
ATOM   1266 C CA  . ASP A 1 155 ? -4.529  -22.056 -6.273  1.00 46.67 ? 155 ASP A CA  1 
ATOM   1267 C C   . ASP A 1 155 ? -5.215  -20.856 -5.696  1.00 45.85 ? 155 ASP A C   1 
ATOM   1268 O O   . ASP A 1 155 ? -6.363  -20.581 -6.040  1.00 51.38 ? 155 ASP A O   1 
ATOM   1269 C CB  . ASP A 1 155 ? -4.455  -23.099 -5.161  1.00 49.94 ? 155 ASP A CB  1 
ATOM   1270 C CG  . ASP A 1 155 ? -5.065  -24.376 -5.566  1.00 54.05 ? 155 ASP A CG  1 
ATOM   1271 O OD1 . ASP A 1 155 ? -4.966  -24.715 -6.773  1.00 53.17 ? 155 ASP A OD1 1 
ATOM   1272 O OD2 . ASP A 1 155 ? -5.638  -25.037 -4.682  1.00 59.27 ? 155 ASP A OD2 1 
ATOM   1273 N N   . GLU A 1 156 ? -4.511  -20.172 -4.808  1.00 43.49 ? 156 GLU A N   1 
ATOM   1274 C CA  . GLU A 1 156 ? -5.094  -19.114 -3.967  1.00 42.49 ? 156 GLU A CA  1 
ATOM   1275 C C   . GLU A 1 156 ? -5.003  -17.663 -4.537  1.00 40.03 ? 156 GLU A C   1 
ATOM   1276 O O   . GLU A 1 156 ? -5.859  -16.829 -4.214  1.00 37.04 ? 156 GLU A O   1 
ATOM   1277 C CB  . GLU A 1 156 ? -4.480  -19.201 -2.567  1.00 49.06 ? 156 GLU A CB  1 
ATOM   1278 C CG  . GLU A 1 156 ? -4.650  -17.971 -1.679  1.00 56.67 ? 156 GLU A CG  1 
ATOM   1279 C CD  . GLU A 1 156 ? -4.491  -18.281 -0.204  1.00 68.05 ? 156 GLU A CD  1 
ATOM   1280 O OE1 . GLU A 1 156 ? -5.231  -19.167 0.293   1.00 76.88 ? 156 GLU A OE1 1 
ATOM   1281 O OE2 . GLU A 1 156 ? -3.653  -17.625 0.464   1.00 68.79 ? 156 GLU A OE2 1 
ATOM   1282 N N   . ASN A 1 157 ? -3.995  -17.357 -5.373  1.00 33.66 ? 157 ASN A N   1 
ATOM   1283 C CA  . ASN A 1 157 ? -3.759  -15.980 -5.808  1.00 29.64 ? 157 ASN A CA  1 
ATOM   1284 C C   . ASN A 1 157 ? -3.546  -15.811 -7.272  1.00 25.82 ? 157 ASN A C   1 
ATOM   1285 O O   . ASN A 1 157 ? -3.247  -16.764 -7.986  1.00 24.16 ? 157 ASN A O   1 
ATOM   1286 C CB  . ASN A 1 157 ? -2.495  -15.426 -5.160  1.00 31.29 ? 157 ASN A CB  1 
ATOM   1287 C CG  . ASN A 1 157 ? -2.578  -15.392 -3.664  1.00 34.01 ? 157 ASN A CG  1 
ATOM   1288 O OD1 . ASN A 1 157 ? -3.385  -14.685 -3.078  1.00 31.06 ? 157 ASN A OD1 1 
ATOM   1289 N ND2 . ASN A 1 157 ? -1.687  -16.101 -3.041  1.00 34.17 ? 157 ASN A ND2 1 
ATOM   1290 N N   . ILE A 1 158 ? -3.582  -14.546 -7.700  1.00 22.09 ? 158 ILE A N   1 
ATOM   1291 C CA  . ILE A 1 158 ? -3.096  -14.168 -8.981  1.00 22.57 ? 158 ILE A CA  1 
ATOM   1292 C C   . ILE A 1 158 ? -1.892  -13.249 -8.701  1.00 22.63 ? 158 ILE A C   1 
ATOM   1293 O O   . ILE A 1 158 ? -1.968  -12.402 -7.785  1.00 21.40 ? 158 ILE A O   1 
ATOM   1294 C CB  . ILE A 1 158 ? -4.141  -13.414 -9.835  1.00 25.87 ? 158 ILE A CB  1 
ATOM   1295 C CG1 . ILE A 1 158 ? -5.437  -14.240 -10.002 1.00 32.35 ? 158 ILE A CG1 1 
ATOM   1296 C CG2 . ILE A 1 158 ? -3.550  -13.038 -11.167 1.00 22.48 ? 158 ILE A CG2 1 
ATOM   1297 C CD1 . ILE A 1 158 ? -5.310  -15.465 -10.881 1.00 34.42 ? 158 ILE A CD1 1 
ATOM   1298 N N   . TYR A 1 159 ? -0.816  -13.447 -9.481  1.00 20.69 ? 159 TYR A N   1 
ATOM   1299 C CA  . TYR A 1 159 ? 0.485   -12.723 -9.343  1.00 19.50 ? 159 TYR A CA  1 
ATOM   1300 C C   . TYR A 1 159 ? 0.634   -11.766 -10.491 1.00 17.71 ? 159 TYR A C   1 
ATOM   1301 O O   . TYR A 1 159 ? 0.408   -12.063 -11.686 1.00 22.10 ? 159 TYR A O   1 
ATOM   1302 C CB  . TYR A 1 159 ? 1.682   -13.696 -9.216  1.00 19.64 ? 159 TYR A CB  1 
ATOM   1303 C CG  . TYR A 1 159 ? 1.493   -14.637 -8.039  1.00 19.68 ? 159 TYR A CG  1 
ATOM   1304 C CD1 . TYR A 1 159 ? 1.822   -14.236 -6.741  1.00 20.16 ? 159 TYR A CD1 1 
ATOM   1305 C CD2 . TYR A 1 159 ? 0.913   -15.903 -8.203  1.00 20.51 ? 159 TYR A CD2 1 
ATOM   1306 C CE1 . TYR A 1 159 ? 1.592   -15.067 -5.649  1.00 20.05 ? 159 TYR A CE1 1 
ATOM   1307 C CE2 . TYR A 1 159 ? 0.687   -16.740 -7.118  1.00 20.37 ? 159 TYR A CE2 1 
ATOM   1308 C CZ  . TYR A 1 159 ? 1.054   -16.322 -5.850  1.00 20.70 ? 159 TYR A CZ  1 
ATOM   1309 O OH  . TYR A 1 159 ? 0.823   -17.110 -4.775  1.00 21.52 ? 159 TYR A OH  1 
ATOM   1310 N N   . TYR A 1 160 ? 0.967   -10.551 -10.116 1.00 16.59 ? 160 TYR A N   1 
ATOM   1311 C CA  . TYR A 1 160 ? 1.068   -9.436  -11.012 1.00 16.12 ? 160 TYR A CA  1 
ATOM   1312 C C   . TYR A 1 160 ? 2.472   -8.835  -10.970 1.00 17.38 ? 160 TYR A C   1 
ATOM   1313 O O   . TYR A 1 160 ? 3.177   -8.922  -9.930  1.00 14.19 ? 160 TYR A O   1 
ATOM   1314 C CB  . TYR A 1 160 ? 0.058   -8.375  -10.534 1.00 15.55 ? 160 TYR A CB  1 
ATOM   1315 C CG  . TYR A 1 160 ? -1.363  -8.719  -10.724 1.00 16.69 ? 160 TYR A CG  1 
ATOM   1316 C CD1 . TYR A 1 160 ? -1.955  -8.518  -11.934 1.00 18.54 ? 160 TYR A CD1 1 
ATOM   1317 C CD2 . TYR A 1 160 ? -2.137  -9.214  -9.665  1.00 17.98 ? 160 TYR A CD2 1 
ATOM   1318 C CE1 . TYR A 1 160 ? -3.285  -8.771  -12.109 1.00 19.47 ? 160 TYR A CE1 1 
ATOM   1319 C CE2 . TYR A 1 160 ? -3.460  -9.537  -9.845  1.00 19.46 ? 160 TYR A CE2 1 
ATOM   1320 C CZ  . TYR A 1 160 ? -4.016  -9.296  -11.093 1.00 20.46 ? 160 TYR A CZ  1 
ATOM   1321 O OH  . TYR A 1 160 ? -5.329  -9.549  -11.313 1.00 23.52 ? 160 TYR A OH  1 
ATOM   1322 N N   . ILE A 1 161 ? 2.870   -8.234  -12.080 1.00 18.72 ? 161 ILE A N   1 
ATOM   1323 C CA  . ILE A 1 161 ? 4.000   -7.326  -12.137 1.00 21.70 ? 161 ILE A CA  1 
ATOM   1324 C C   . ILE A 1 161 ? 3.548   -5.981  -12.671 1.00 24.26 ? 161 ILE A C   1 
ATOM   1325 O O   . ILE A 1 161 ? 2.567   -5.895  -13.425 1.00 26.96 ? 161 ILE A O   1 
ATOM   1326 C CB  . ILE A 1 161 ? 5.195   -7.926  -12.909 1.00 28.24 ? 161 ILE A CB  1 
ATOM   1327 C CG1 . ILE A 1 161 ? 5.649   -9.176  -12.121 1.00 29.47 ? 161 ILE A CG1 1 
ATOM   1328 C CG2 . ILE A 1 161 ? 6.311   -6.889  -13.129 1.00 31.67 ? 161 ILE A CG2 1 
ATOM   1329 C CD1 . ILE A 1 161 ? 6.987   -9.741  -12.423 1.00 36.93 ? 161 ILE A CD1 1 
ATOM   1330 N N   . PHE A 1 162 ? 4.179   -4.920  -12.185 1.00 21.86 ? 162 PHE A N   1 
ATOM   1331 C CA  . PHE A 1 162 ? 3.825   -3.563  -12.568 1.00 23.63 ? 162 PHE A CA  1 
ATOM   1332 C C   . PHE A 1 162 ? 5.133   -2.897  -12.974 1.00 26.31 ? 162 PHE A C   1 
ATOM   1333 O O   . PHE A 1 162 ? 6.046   -2.720  -12.151 1.00 24.44 ? 162 PHE A O   1 
ATOM   1334 C CB  . PHE A 1 162 ? 3.132   -2.791  -11.466 1.00 24.25 ? 162 PHE A CB  1 
ATOM   1335 C CG  . PHE A 1 162 ? 2.555   -1.497  -11.936 1.00 23.79 ? 162 PHE A CG  1 
ATOM   1336 C CD1 . PHE A 1 162 ? 3.364   -0.407  -12.148 1.00 24.29 ? 162 PHE A CD1 1 
ATOM   1337 C CD2 . PHE A 1 162 ? 1.213   -1.385  -12.200 1.00 24.41 ? 162 PHE A CD2 1 
ATOM   1338 C CE1 . PHE A 1 162 ? 2.853   0.784   -12.631 1.00 23.74 ? 162 PHE A CE1 1 
ATOM   1339 C CE2 . PHE A 1 162 ? 0.693   -0.187  -12.685 1.00 26.03 ? 162 PHE A CE2 1 
ATOM   1340 C CZ  . PHE A 1 162 ? 1.525   0.896   -12.898 1.00 22.27 ? 162 PHE A CZ  1 
ATOM   1341 N N   . PRO A 1 163 ? 5.266   -2.610  -14.261 1.00 30.47 ? 163 PRO A N   1 
ATOM   1342 C CA  . PRO A 1 163 ? 6.562   -2.172  -14.758 1.00 35.54 ? 163 PRO A CA  1 
ATOM   1343 C C   . PRO A 1 163 ? 6.696   -0.650  -14.680 1.00 31.73 ? 163 PRO A C   1 
ATOM   1344 O O   . PRO A 1 163 ? 5.699   0.064   -14.734 1.00 32.14 ? 163 PRO A O   1 
ATOM   1345 C CB  . PRO A 1 163 ? 6.531   -2.649  -16.203 1.00 38.97 ? 163 PRO A CB  1 
ATOM   1346 C CG  . PRO A 1 163 ? 5.077   -2.491  -16.584 1.00 36.90 ? 163 PRO A CG  1 
ATOM   1347 C CD  . PRO A 1 163 ? 4.284   -2.795  -15.341 1.00 32.40 ? 163 PRO A CD  1 
ATOM   1348 N N   . LYS A 1 164 ? 7.926   -0.205  -14.499 1.00 34.17 ? 164 LYS A N   1 
ATOM   1349 C CA  . LYS A 1 164 ? 8.300   1.201   -14.565 1.00 37.17 ? 164 LYS A CA  1 
ATOM   1350 C C   . LYS A 1 164 ? 7.628   1.979   -15.661 1.00 35.78 ? 164 LYS A C   1 
ATOM   1351 O O   . LYS A 1 164 ? 7.247   3.121   -15.450 1.00 30.77 ? 164 LYS A O   1 
ATOM   1352 C CB  . LYS A 1 164 ? 9.812   1.361   -14.791 1.00 41.57 ? 164 LYS A CB  1 
ATOM   1353 C CG  . LYS A 1 164 ? 10.516  2.020   -13.638 1.00 42.73 ? 164 LYS A CG  1 
ATOM   1354 C CD  . LYS A 1 164 ? 11.551  3.043   -14.056 1.00 48.00 ? 164 LYS A CD  1 
ATOM   1355 C CE  . LYS A 1 164 ? 11.411  4.281   -13.183 1.00 50.57 ? 164 LYS A CE  1 
ATOM   1356 N NZ  . LYS A 1 164 ? 12.431  5.314   -13.509 1.00 55.83 ? 164 LYS A NZ  1 
ATOM   1357 N N   . SER A 1 165 ? 7.543   1.363   -16.829 1.00 36.47 ? 165 SER A N   1 
ATOM   1358 C CA  . SER A 1 165 ? 7.022   2.010   -18.037 1.00 37.20 ? 165 SER A CA  1 
ATOM   1359 C C   . SER A 1 165 ? 5.583   2.466   -17.820 1.00 34.72 ? 165 SER A C   1 
ATOM   1360 O O   . SER A 1 165 ? 5.211   3.593   -18.186 1.00 33.11 ? 165 SER A O   1 
ATOM   1361 C CB  . SER A 1 165 ? 7.114   1.044   -19.227 1.00 34.83 ? 165 SER A CB  1 
ATOM   1362 O OG  . SER A 1 165 ? 5.926   0.281   -19.382 1.00 33.38 ? 165 SER A OG  1 
ATOM   1363 N N   . LYS A 1 166 ? 4.775   1.599   -17.203 1.00 32.52 ? 166 LYS A N   1 
ATOM   1364 C CA  . LYS A 1 166 ? 3.398   1.963   -16.876 1.00 30.82 ? 166 LYS A CA  1 
ATOM   1365 C C   . LYS A 1 166 ? 3.376   3.044   -15.776 1.00 26.53 ? 166 LYS A C   1 
ATOM   1366 O O   . LYS A 1 166 ? 2.553   3.912   -15.827 1.00 27.32 ? 166 LYS A O   1 
ATOM   1367 C CB  . LYS A 1 166 ? 2.522   0.750   -16.541 1.00 35.61 ? 166 LYS A CB  1 
ATOM   1368 C CG  . LYS A 1 166 ? 1.833   0.131   -17.760 1.00 43.71 ? 166 LYS A CG  1 
ATOM   1369 C CD  . LYS A 1 166 ? 0.609   0.937   -18.193 1.00 44.72 ? 166 LYS A CD  1 
ATOM   1370 C CE  . LYS A 1 166 ? -0.166  0.216   -19.297 1.00 50.70 ? 166 LYS A CE  1 
ATOM   1371 N NZ  . LYS A 1 166 ? -1.631  0.576   -19.284 1.00 53.47 ? 166 LYS A NZ  1 
ATOM   1372 N N   . TYR A 1 167 ? 4.293   3.034   -14.816 1.00 25.83 ? 167 TYR A N   1 
ATOM   1373 C CA  . TYR A 1 167 ? 4.374   4.153   -13.846 1.00 24.98 ? 167 TYR A CA  1 
ATOM   1374 C C   . TYR A 1 167 ? 4.533   5.529   -14.554 1.00 26.06 ? 167 TYR A C   1 
ATOM   1375 O O   . TYR A 1 167 ? 3.883   6.537   -14.198 1.00 19.36 ? 167 TYR A O   1 
ATOM   1376 C CB  . TYR A 1 167 ? 5.520   3.914   -12.870 1.00 24.15 ? 167 TYR A CB  1 
ATOM   1377 C CG  . TYR A 1 167 ? 6.095   5.131   -12.212 1.00 22.16 ? 167 TYR A CG  1 
ATOM   1378 C CD1 . TYR A 1 167 ? 7.320   5.600   -12.576 1.00 22.33 ? 167 TYR A CD1 1 
ATOM   1379 C CD2 . TYR A 1 167 ? 5.375   5.821   -11.234 1.00 20.59 ? 167 TYR A CD2 1 
ATOM   1380 C CE1 . TYR A 1 167 ? 7.860   6.724   -11.991 1.00 21.72 ? 167 TYR A CE1 1 
ATOM   1381 C CE2 . TYR A 1 167 ? 5.874   6.945   -10.657 1.00 20.62 ? 167 TYR A CE2 1 
ATOM   1382 C CZ  . TYR A 1 167 ? 7.126   7.390   -11.038 1.00 22.52 ? 167 TYR A CZ  1 
ATOM   1383 O OH  . TYR A 1 167 ? 7.655   8.452   -10.450 1.00 24.94 ? 167 TYR A OH  1 
ATOM   1384 N N   . LYS A 1 168 ? 5.405   5.559   -15.554 1.00 27.51 ? 168 LYS A N   1 
ATOM   1385 C CA  . LYS A 1 168 ? 5.712   6.827   -16.263 1.00 31.85 ? 168 LYS A CA  1 
ATOM   1386 C C   . LYS A 1 168 ? 4.495   7.286   -17.064 1.00 28.11 ? 168 LYS A C   1 
ATOM   1387 O O   . LYS A 1 168 ? 4.106   8.434   -17.007 1.00 29.79 ? 168 LYS A O   1 
ATOM   1388 C CB  . LYS A 1 168 ? 6.958   6.674   -17.177 1.00 37.28 ? 168 LYS A CB  1 
ATOM   1389 C CG  . LYS A 1 168 ? 8.271   6.416   -16.445 1.00 40.72 ? 168 LYS A CG  1 
ATOM   1390 C CD  . LYS A 1 168 ? 9.476   6.582   -17.389 1.00 48.12 ? 168 LYS A CD  1 
ATOM   1391 C CE  . LYS A 1 168 ? 10.795  6.468   -16.629 1.00 52.91 ? 168 LYS A CE  1 
ATOM   1392 N NZ  . LYS A 1 168 ? 12.012  6.283   -17.474 1.00 54.38 ? 168 LYS A NZ  1 
ATOM   1393 N N   . GLU A 1 169 ? 3.867   6.361   -17.768 1.00 27.23 ? 169 GLU A N   1 
ATOM   1394 C CA  . GLU A 1 169 ? 2.601   6.649   -18.417 1.00 28.65 ? 169 GLU A CA  1 
ATOM   1395 C C   . GLU A 1 169 ? 1.501   7.133   -17.493 1.00 27.71 ? 169 GLU A C   1 
ATOM   1396 O O   . GLU A 1 169 ? 0.737   7.998   -17.846 1.00 20.82 ? 169 GLU A O   1 
ATOM   1397 C CB  . GLU A 1 169 ? 2.076   5.432   -19.146 1.00 30.54 ? 169 GLU A CB  1 
ATOM   1398 C CG  . GLU A 1 169 ? 2.899   5.121   -20.359 1.00 33.08 ? 169 GLU A CG  1 
ATOM   1399 C CD  . GLU A 1 169 ? 2.584   3.757   -20.931 1.00 37.63 ? 169 GLU A CD  1 
ATOM   1400 O OE1 . GLU A 1 169 ? 1.424   3.266   -20.772 1.00 39.70 ? 169 GLU A OE1 1 
ATOM   1401 O OE2 . GLU A 1 169 ? 3.513   3.205   -21.559 1.00 39.18 ? 169 GLU A OE2 1 
ATOM   1402 N N   . ASN A 1 170 ? 1.386   6.515   -16.326 1.00 24.44 ? 170 ASN A N   1 
ATOM   1403 C CA  . ASN A 1 170 ? 0.299   6.861   -15.399 1.00 23.81 ? 170 ASN A CA  1 
ATOM   1404 C C   . ASN A 1 170 ? 0.447   8.240   -14.765 1.00 22.05 ? 170 ASN A C   1 
ATOM   1405 O O   . ASN A 1 170 ? -0.542  8.852   -14.421 1.00 21.07 ? 170 ASN A O   1 
ATOM   1406 C CB  . ASN A 1 170 ? 0.195   5.755   -14.310 1.00 23.67 ? 170 ASN A CB  1 
ATOM   1407 C CG  . ASN A 1 170 ? -0.541  4.526   -14.793 1.00 27.55 ? 170 ASN A CG  1 
ATOM   1408 O OD1 . ASN A 1 170 ? -1.087  4.510   -15.878 1.00 29.16 ? 170 ASN A OD1 1 
ATOM   1409 N ND2 . ASN A 1 170 ? -0.599  3.501   -13.963 1.00 29.46 ? 170 ASN A ND2 1 
ATOM   1410 N N   . LYS A 1 171 ? 1.679   8.699   -14.582 1.00 21.44 ? 171 LYS A N   1 
ATOM   1411 C CA  . LYS A 1 171 ? 1.943   10.039  -14.145 1.00 24.70 ? 171 LYS A CA  1 
ATOM   1412 C C   . LYS A 1 171 ? 1.323   11.061  -15.071 1.00 25.45 ? 171 LYS A C   1 
ATOM   1413 O O   . LYS A 1 171 ? 0.921   12.088  -14.633 1.00 23.32 ? 171 LYS A O   1 
ATOM   1414 C CB  . LYS A 1 171 ? 3.429   10.328  -14.101 1.00 26.96 ? 171 LYS A CB  1 
ATOM   1415 C CG  . LYS A 1 171 ? 4.105   9.798   -12.862 1.00 32.16 ? 171 LYS A CG  1 
ATOM   1416 C CD  . LYS A 1 171 ? 5.412   10.540  -12.615 1.00 35.21 ? 171 LYS A CD  1 
ATOM   1417 C CE  . LYS A 1 171 ? 6.449   10.228  -13.660 1.00 39.12 ? 171 LYS A CE  1 
ATOM   1418 N NZ  . LYS A 1 171 ? 7.797   10.623  -13.145 1.00 41.76 ? 171 LYS A NZ  1 
ATOM   1419 N N   . ILE A 1 172 ? 1.262   10.753  -16.355 1.00 25.75 ? 172 ILE A N   1 
ATOM   1420 C CA  . ILE A 1 172 ? 0.632   11.674  -17.307 1.00 26.69 ? 172 ILE A CA  1 
ATOM   1421 C C   . ILE A 1 172 ? -0.857  11.459  -17.268 1.00 23.90 ? 172 ILE A C   1 
ATOM   1422 O O   . ILE A 1 172 ? -1.582  12.377  -16.957 1.00 22.83 ? 172 ILE A O   1 
ATOM   1423 C CB  . ILE A 1 172 ? 1.251   11.496  -18.694 1.00 26.69 ? 172 ILE A CB  1 
ATOM   1424 C CG1 . ILE A 1 172 ? 2.700   12.000  -18.610 1.00 30.18 ? 172 ILE A CG1 1 
ATOM   1425 C CG2 . ILE A 1 172 ? 0.473   12.301  -19.728 1.00 29.17 ? 172 ILE A CG2 1 
ATOM   1426 C CD1 . ILE A 1 172 ? 3.663   11.121  -19.392 1.00 33.56 ? 172 ILE A CD1 1 
ATOM   1427 N N   . GLN A 1 173 ? -1.289  10.219  -17.491 1.00 23.48 ? 173 GLN A N   1 
ATOM   1428 C CA  . GLN A 1 173 ? -2.689  9.897   -17.538 1.00 28.32 ? 173 GLN A CA  1 
ATOM   1429 C C   . GLN A 1 173 ? -3.448  10.206  -16.230 1.00 29.10 ? 173 GLN A C   1 
ATOM   1430 O O   . GLN A 1 173 ? -4.560  10.675  -16.285 1.00 27.56 ? 173 GLN A O   1 
ATOM   1431 C CB  . GLN A 1 173 ? -2.835  8.425   -17.896 1.00 34.33 ? 173 GLN A CB  1 
ATOM   1432 C CG  . GLN A 1 173 ? -4.266  7.980   -18.140 1.00 38.62 ? 173 GLN A CG  1 
ATOM   1433 C CD  . GLN A 1 173 ? -4.367  6.479   -18.308 1.00 41.49 ? 173 GLN A CD  1 
ATOM   1434 O OE1 . GLN A 1 173 ? -3.353  5.791   -18.449 1.00 50.88 ? 173 GLN A OE1 1 
ATOM   1435 N NE2 . GLN A 1 173 ? -5.590  5.962   -18.298 1.00 42.88 ? 173 GLN A NE2 1 
ATOM   1436 N N   . TYR A 1 174 ? -2.819  10.045  -15.068 1.00 27.10 ? 174 TYR A N   1 
ATOM   1437 C CA  . TYR A 1 174 ? -3.503  10.263  -13.804 1.00 28.12 ? 174 TYR A CA  1 
ATOM   1438 C C   . TYR A 1 174 ? -3.067  11.520  -13.064 1.00 27.14 ? 174 TYR A C   1 
ATOM   1439 O O   . TYR A 1 174 ? -3.236  11.614  -11.825 1.00 21.20 ? 174 TYR A O   1 
ATOM   1440 C CB  . TYR A 1 174 ? -3.317  9.035   -12.896 1.00 29.64 ? 174 TYR A CB  1 
ATOM   1441 C CG  . TYR A 1 174 ? -3.909  7.740   -13.429 1.00 28.84 ? 174 TYR A CG  1 
ATOM   1442 C CD1 . TYR A 1 174 ? -5.196  7.393   -13.155 1.00 36.16 ? 174 TYR A CD1 1 
ATOM   1443 C CD2 . TYR A 1 174 ? -3.150  6.837   -14.102 1.00 33.74 ? 174 TYR A CD2 1 
ATOM   1444 C CE1 . TYR A 1 174 ? -5.756  6.207   -13.597 1.00 39.19 ? 174 TYR A CE1 1 
ATOM   1445 C CE2 . TYR A 1 174 ? -3.681  5.632   -14.531 1.00 34.92 ? 174 TYR A CE2 1 
ATOM   1446 C CZ  . TYR A 1 174 ? -4.983  5.328   -14.287 1.00 38.57 ? 174 TYR A CZ  1 
ATOM   1447 O OH  . TYR A 1 174 ? -5.506  4.134   -14.728 1.00 42.06 ? 174 TYR A OH  1 
ATOM   1448 N N   . ALA A 1 175 ? -2.535  12.491  -13.810 1.00 25.12 ? 175 ALA A N   1 
ATOM   1449 C CA  . ALA A 1 175 ? -2.077  13.734  -13.236 1.00 25.88 ? 175 ALA A CA  1 
ATOM   1450 C C   . ALA A 1 175 ? -3.114  14.497  -12.394 1.00 25.66 ? 175 ALA A C   1 
ATOM   1451 O O   . ALA A 1 175 ? -2.753  15.165  -11.385 1.00 24.69 ? 175 ALA A O   1 
ATOM   1452 C CB  . ALA A 1 175 ? -1.498  14.632  -14.335 1.00 27.55 ? 175 ALA A CB  1 
ATOM   1453 N N   . ARG A 1 176 ? -4.386  14.388  -12.775 1.00 25.94 ? 176 ARG A N   1 
ATOM   1454 C CA  . ARG A 1 176 ? -5.474  15.008  -12.001 1.00 30.98 ? 176 ARG A CA  1 
ATOM   1455 C C   . ARG A 1 176 ? -5.539  14.417  -10.569 1.00 27.54 ? 176 ARG A C   1 
ATOM   1456 O O   . ARG A 1 176 ? -5.733  15.174  -9.627  1.00 25.62 ? 176 ARG A O   1 
ATOM   1457 C CB  . ARG A 1 176 ? -6.836  14.865  -12.721 1.00 37.06 ? 176 ARG A CB  1 
ATOM   1458 C CG  . ARG A 1 176 ? -7.376  13.442  -12.828 1.00 42.58 ? 176 ARG A CG  1 
ATOM   1459 C CD  . ARG A 1 176 ? -8.556  13.282  -13.803 1.00 52.54 ? 176 ARG A CD  1 
ATOM   1460 N NE  . ARG A 1 176 ? -8.273  12.233  -14.802 1.00 59.27 ? 176 ARG A NE  1 
ATOM   1461 C CZ  . ARG A 1 176 ? -9.169  11.543  -15.518 1.00 61.08 ? 176 ARG A CZ  1 
ATOM   1462 N NH1 . ARG A 1 176 ? -8.732  10.621  -16.376 1.00 63.52 ? 176 ARG A NH1 1 
ATOM   1463 N NH2 . ARG A 1 176 ? -10.480 11.729  -15.388 1.00 63.19 ? 176 ARG A NH2 1 
ATOM   1464 N N   . PHE A 1 177 ? -5.298  13.102  -10.433 1.00 22.11 ? 177 PHE A N   1 
ATOM   1465 C CA  . PHE A 1 177 ? -5.341  12.398  -9.148  1.00 24.13 ? 177 PHE A CA  1 
ATOM   1466 C C   . PHE A 1 177 ? -4.090  12.630  -8.308  1.00 23.41 ? 177 PHE A C   1 
ATOM   1467 O O   . PHE A 1 177 ? -4.135  12.489  -7.085  1.00 22.54 ? 177 PHE A O   1 
ATOM   1468 C CB  . PHE A 1 177 ? -5.484  10.894  -9.349  1.00 24.97 ? 177 PHE A CB  1 
ATOM   1469 C CG  . PHE A 1 177 ? -6.755  10.479  -10.010 1.00 27.94 ? 177 PHE A CG  1 
ATOM   1470 C CD1 . PHE A 1 177 ? -7.984  10.955  -9.592  1.00 28.88 ? 177 PHE A CD1 1 
ATOM   1471 C CD2 . PHE A 1 177 ? -6.728  9.552   -11.008 1.00 31.43 ? 177 PHE A CD2 1 
ATOM   1472 C CE1 . PHE A 1 177 ? -9.149  10.564  -10.227 1.00 31.41 ? 177 PHE A CE1 1 
ATOM   1473 C CE2 . PHE A 1 177 ? -7.901  9.142   -11.645 1.00 37.38 ? 177 PHE A CE2 1 
ATOM   1474 C CZ  . PHE A 1 177 ? -9.113  9.653   -11.248 1.00 32.51 ? 177 PHE A CZ  1 
ATOM   1475 N N   . LEU A 1 178 ? -2.978  12.927  -8.978  1.00 23.61 ? 178 LEU A N   1 
ATOM   1476 C CA  . LEU A 1 178 ? -1.756  13.291  -8.329  1.00 25.97 ? 178 LEU A CA  1 
ATOM   1477 C C   . LEU A 1 178 ? -1.740  14.749  -7.873  1.00 29.88 ? 178 LEU A C   1 
ATOM   1478 O O   . LEU A 1 178 ? -0.832  15.106  -7.175  1.00 28.88 ? 178 LEU A O   1 
ATOM   1479 C CB  . LEU A 1 178 ? -0.568  12.984  -9.221  1.00 25.00 ? 178 LEU A CB  1 
ATOM   1480 C CG  . LEU A 1 178 ? -0.361  11.496  -9.417  1.00 23.31 ? 178 LEU A CG  1 
ATOM   1481 C CD1 . LEU A 1 178 ? 0.542   11.186  -10.629 1.00 25.19 ? 178 LEU A CD1 1 
ATOM   1482 C CD2 . LEU A 1 178 ? 0.170   10.843  -8.134  1.00 21.92 ? 178 LEU A CD2 1 
ATOM   1483 N N   . GLY A 1 179 ? -2.739  15.565  -8.229  1.00 32.02 ? 179 GLY A N   1 
ATOM   1484 C CA  . GLY A 1 179 ? -2.952  16.880  -7.606  1.00 34.31 ? 179 GLY A CA  1 
ATOM   1485 C C   . GLY A 1 179 ? -2.041  17.961  -8.142  1.00 40.08 ? 179 GLY A C   1 
ATOM   1486 O O   . GLY A 1 179 ? -1.483  17.805  -9.226  1.00 49.19 ? 179 GLY A O   1 
HETATM 1487 S S   . SO4 B 2 .   ? -2.531  -5.221  -3.376  1.00 29.87 ? 201 SO4 A S   1 
HETATM 1488 O O1  . SO4 B 2 .   ? -2.121  -6.599  -2.894  1.00 34.30 ? 201 SO4 A O1  1 
HETATM 1489 O O2  . SO4 B 2 .   ? -1.400  -4.743  -4.254  1.00 29.47 ? 201 SO4 A O2  1 
HETATM 1490 O O3  . SO4 B 2 .   ? -2.566  -4.207  -2.341  1.00 39.30 ? 201 SO4 A O3  1 
HETATM 1491 O O4  . SO4 B 2 .   ? -3.916  -5.162  -3.926  1.00 25.13 ? 201 SO4 A O4  1 
HETATM 1492 S S   . SO4 C 2 .   ? -1.140  -8.121  5.204   1.00 48.58 ? 202 SO4 A S   1 
HETATM 1493 O O1  . SO4 C 2 .   ? 0.074   -8.749  4.630   1.00 59.46 ? 202 SO4 A O1  1 
HETATM 1494 O O2  . SO4 C 2 .   ? -2.212  -8.004  4.159   1.00 52.73 ? 202 SO4 A O2  1 
HETATM 1495 O O3  . SO4 C 2 .   ? -1.641  -8.973  6.305   1.00 56.39 ? 202 SO4 A O3  1 
HETATM 1496 O O4  . SO4 C 2 .   ? -0.767  -6.800  5.769   1.00 46.50 ? 202 SO4 A O4  1 
HETATM 1497 S S   . SO4 D 2 .   ? -14.832 12.751  -0.024  0.50 15.25 ? 203 SO4 A S   1 
HETATM 1498 O O1  . SO4 D 2 .   ? -13.817 12.498  -1.063  0.50 13.67 ? 203 SO4 A O1  1 
HETATM 1499 O O2  . SO4 D 2 .   ? -14.805 11.712  1.048   0.50 14.13 ? 203 SO4 A O2  1 
HETATM 1500 O O3  . SO4 D 2 .   ? -14.564 14.094  0.533   0.50 13.66 ? 203 SO4 A O3  1 
HETATM 1501 O O4  . SO4 D 2 .   ? -16.184 12.652  -0.628  0.50 14.46 ? 203 SO4 A O4  1 
HETATM 1502 S S   . DMS E 3 .   ? 0.465   -5.522  9.918   1.00 36.65 ? 204 DMS A S   1 
HETATM 1503 O O   . DMS E 3 .   ? 0.499   -4.165  10.573  1.00 32.58 ? 204 DMS A O   1 
HETATM 1504 C C1  . DMS E 3 .   ? 1.432   -5.560  8.499   1.00 32.81 ? 204 DMS A C1  1 
HETATM 1505 C C2  . DMS E 3 .   ? 1.019   -6.791  10.943  1.00 37.89 ? 204 DMS A C2  1 
HETATM 1506 O O   . HOH F 4 .   ? -21.238 -13.309 12.668  1.00 24.49 ? 301 HOH A O   1 
HETATM 1507 O O   . HOH F 4 .   ? -3.604  4.279   21.459  1.00 26.55 ? 302 HOH A O   1 
HETATM 1508 O O   . HOH F 4 .   ? 3.950   10.393  -9.018  1.00 21.86 ? 303 HOH A O   1 
HETATM 1509 O O   . HOH F 4 .   ? 5.003   -4.467  24.494  1.00 18.58 ? 304 HOH A O   1 
HETATM 1510 O O   . HOH F 4 .   ? -16.655 11.314  2.715   1.00 34.77 ? 305 HOH A O   1 
HETATM 1511 O O   . HOH F 4 .   ? 8.008   12.049  -4.242  1.00 34.88 ? 306 HOH A O   1 
HETATM 1512 O O   . HOH F 4 .   ? -9.473  4.316   18.503  1.00 23.88 ? 307 HOH A O   1 
HETATM 1513 O O   . HOH F 4 .   ? 5.963   10.269  -17.085 1.00 28.16 ? 308 HOH A O   1 
HETATM 1514 O O   . HOH F 4 .   ? -14.593 5.369   -3.800  1.00 23.81 ? 309 HOH A O   1 
HETATM 1515 O O   . HOH F 4 .   ? 11.089  10.840  -10.261 1.00 41.22 ? 310 HOH A O   1 
HETATM 1516 O O   . HOH F 4 .   ? -18.635 -14.782 13.319  1.00 20.12 ? 311 HOH A O   1 
HETATM 1517 O O   . HOH F 4 .   ? -1.826  -1.304  -9.403  1.00 18.40 ? 312 HOH A O   1 
HETATM 1518 O O   . HOH F 4 .   ? 16.062  -4.279  -3.803  1.00 20.11 ? 313 HOH A O   1 
HETATM 1519 O O   . HOH F 4 .   ? 5.213   11.154  2.731   1.00 21.11 ? 314 HOH A O   1 
HETATM 1520 O O   . HOH F 4 .   ? 2.040   -7.665  24.577  1.00 17.19 ? 315 HOH A O   1 
HETATM 1521 O O   . HOH F 4 .   ? 9.442   -12.827 -3.152  1.00 33.15 ? 316 HOH A O   1 
HETATM 1522 O O   . HOH F 4 .   ? 13.526  3.737   -10.580 1.00 26.99 ? 317 HOH A O   1 
HETATM 1523 O O   . HOH F 4 .   ? 6.119   9.291   10.281  1.00 15.83 ? 318 HOH A O   1 
HETATM 1524 O O   . HOH F 4 .   ? 10.381  -6.251  3.710   1.00 16.42 ? 319 HOH A O   1 
HETATM 1525 O O   . HOH F 4 .   ? 13.165  -6.130  1.782   1.00 14.73 ? 320 HOH A O   1 
HETATM 1526 O O   . HOH F 4 .   ? 16.276  -12.569 -4.453  1.00 24.17 ? 321 HOH A O   1 
HETATM 1527 O O   . HOH F 4 .   ? 9.935   10.970  -5.479  1.00 27.48 ? 322 HOH A O   1 
HETATM 1528 O O   . HOH F 4 .   ? -14.412 17.591  1.992   1.00 15.15 ? 323 HOH A O   1 
HETATM 1529 O O   . HOH F 4 .   ? 12.521  -0.470  17.064  1.00 32.08 ? 324 HOH A O   1 
HETATM 1530 O O   . HOH F 4 .   ? 7.481   5.510   16.284  1.00 14.46 ? 325 HOH A O   1 
HETATM 1531 O O   . HOH F 4 .   ? -3.185  5.207   16.723  1.00 17.40 ? 326 HOH A O   1 
HETATM 1532 O O   . HOH F 4 .   ? 15.406  3.952   5.377   1.00 34.20 ? 327 HOH A O   1 
HETATM 1533 O O   . HOH F 4 .   ? 15.077  -0.350  16.538  1.00 26.75 ? 328 HOH A O   1 
HETATM 1534 O O   . HOH F 4 .   ? 19.200  -5.295  -9.348  1.00 21.90 ? 329 HOH A O   1 
HETATM 1535 O O   . HOH F 4 .   ? -15.674 -4.992  6.967   1.00 43.38 ? 330 HOH A O   1 
HETATM 1536 O O   . HOH F 4 .   ? -11.724 -1.238  5.524   1.00 35.63 ? 331 HOH A O   1 
HETATM 1537 O O   . HOH F 4 .   ? 1.827   13.629  -12.561 1.00 31.23 ? 332 HOH A O   1 
HETATM 1538 O O   . HOH F 4 .   ? -2.107  19.345  -11.404 1.00 45.84 ? 333 HOH A O   1 
HETATM 1539 O O   . HOH F 4 .   ? -13.519 1.401   2.452   1.00 39.81 ? 334 HOH A O   1 
HETATM 1540 O O   . HOH F 4 .   ? 12.244  -1.626  -15.438 1.00 26.58 ? 335 HOH A O   1 
HETATM 1541 O O   . HOH F 4 .   ? -0.676  13.915  9.522   1.00 32.95 ? 336 HOH A O   1 
HETATM 1542 O O   . HOH F 4 .   ? 13.599  -9.388  -8.397  1.00 18.44 ? 337 HOH A O   1 
HETATM 1543 O O   . HOH F 4 .   ? -2.520  -2.662  7.807   1.00 18.18 ? 338 HOH A O   1 
HETATM 1544 O O   . HOH F 4 .   ? 2.112   -9.691  22.119  1.00 19.73 ? 339 HOH A O   1 
HETATM 1545 O O   . HOH F 4 .   ? -8.674  13.036  -6.865  1.00 20.36 ? 340 HOH A O   1 
HETATM 1546 O O   . HOH F 4 .   ? 2.638   7.834   -9.442  1.00 21.28 ? 341 HOH A O   1 
HETATM 1547 O O   . HOH F 4 .   ? -8.917  2.365   12.815  1.00 24.21 ? 342 HOH A O   1 
HETATM 1548 O O   . HOH F 4 .   ? -23.778 -17.579 7.358   1.00 39.21 ? 343 HOH A O   1 
HETATM 1549 O O   . HOH F 4 .   ? 8.793   10.867  -1.812  1.00 19.70 ? 344 HOH A O   1 
HETATM 1550 O O   . HOH F 4 .   ? 13.107  -9.708  0.299   1.00 31.68 ? 345 HOH A O   1 
HETATM 1551 O O   . HOH F 4 .   ? -5.549  -5.758  -1.726  1.00 31.10 ? 346 HOH A O   1 
HETATM 1552 O O   . HOH F 4 .   ? -0.189  -8.460  23.097  1.00 24.01 ? 347 HOH A O   1 
HETATM 1553 O O   . HOH F 4 .   ? 4.236   -11.299 -8.844  1.00 18.77 ? 348 HOH A O   1 
HETATM 1554 O O   . HOH F 4 .   ? 17.678  -1.468  12.166  1.00 27.88 ? 349 HOH A O   1 
HETATM 1555 O O   . HOH F 4 .   ? -1.528  -7.713  1.407   1.00 32.56 ? 350 HOH A O   1 
HETATM 1556 O O   . HOH F 4 .   ? -9.766  -1.592  2.143   1.00 25.57 ? 351 HOH A O   1 
HETATM 1557 O O   . HOH F 4 .   ? 1.035   -8.258  -2.508  1.00 19.89 ? 352 HOH A O   1 
HETATM 1558 O O   . HOH F 4 .   ? 4.060   13.663  -3.752  1.00 28.86 ? 353 HOH A O   1 
HETATM 1559 O O   . HOH F 4 .   ? 7.504   -6.496  12.164  1.00 14.91 ? 354 HOH A O   1 
HETATM 1560 O O   . HOH F 4 .   ? 1.148   3.998   -11.732 1.00 16.92 ? 355 HOH A O   1 
HETATM 1561 O O   . HOH F 4 .   ? 15.473  9.389   -2.870  1.00 33.21 ? 356 HOH A O   1 
HETATM 1562 O O   . HOH F 4 .   ? -9.216  15.317  1.233   1.00 16.75 ? 357 HOH A O   1 
HETATM 1563 O O   . HOH F 4 .   ? -5.418  13.381  -15.293 1.00 31.16 ? 358 HOH A O   1 
HETATM 1564 O O   . HOH F 4 .   ? 9.526   10.275  5.444   1.00 24.68 ? 359 HOH A O   1 
HETATM 1565 O O   . HOH F 4 .   ? 7.527   -8.741  13.991  1.00 27.26 ? 360 HOH A O   1 
HETATM 1566 O O   . HOH F 4 .   ? -11.216 -0.494  8.416   1.00 33.47 ? 361 HOH A O   1 
HETATM 1567 O O   . HOH F 4 .   ? -3.314  -5.673  0.708   1.00 15.10 ? 362 HOH A O   1 
HETATM 1568 O O   . HOH F 4 .   ? -3.197  -4.169  23.805  1.00 32.22 ? 363 HOH A O   1 
HETATM 1569 O O   . HOH F 4 .   ? 2.834   -8.770  16.580  1.00 28.53 ? 364 HOH A O   1 
HETATM 1570 O O   . HOH F 4 .   ? -1.534  3.397   19.588  1.00 23.15 ? 365 HOH A O   1 
HETATM 1571 O O   . HOH F 4 .   ? 12.541  -7.442  11.739  1.00 23.09 ? 366 HOH A O   1 
HETATM 1572 O O   . HOH F 4 .   ? 17.106  -3.517  -11.673 1.00 34.65 ? 367 HOH A O   1 
HETATM 1573 O O   . HOH F 4 .   ? 16.581  0.397   14.055  1.00 23.56 ? 368 HOH A O   1 
HETATM 1574 O O   . HOH F 4 .   ? 19.474  -1.684  -4.854  1.00 41.67 ? 369 HOH A O   1 
HETATM 1575 O O   . HOH F 4 .   ? 2.214   6.481   -11.747 1.00 22.42 ? 370 HOH A O   1 
HETATM 1576 O O   . HOH F 4 .   ? 17.653  -10.383 -4.526  1.00 21.70 ? 371 HOH A O   1 
HETATM 1577 O O   . HOH F 4 .   ? -2.961  7.884   13.131  1.00 29.70 ? 372 HOH A O   1 
HETATM 1578 O O   . HOH F 4 .   ? -10.577 2.740   10.812  1.00 21.41 ? 373 HOH A O   1 
HETATM 1579 O O   . HOH F 4 .   ? -19.062 10.829  -5.556  1.00 28.35 ? 374 HOH A O   1 
HETATM 1580 O O   . HOH F 4 .   ? 5.496   6.681   17.890  1.00 32.27 ? 375 HOH A O   1 
HETATM 1581 O O   . HOH F 4 .   ? -17.523 8.383   6.436   1.00 34.20 ? 376 HOH A O   1 
HETATM 1582 O O   . HOH F 4 .   ? 19.013  -3.711  12.466  1.00 34.57 ? 377 HOH A O   1 
HETATM 1583 O O   . HOH F 4 .   ? -5.696  -4.024  22.781  1.00 37.25 ? 378 HOH A O   1 
HETATM 1584 O O   . HOH F 4 .   ? 18.126  2.068   -7.337  1.00 36.46 ? 379 HOH A O   1 
HETATM 1585 O O   . HOH F 4 .   ? -11.765 15.512  0.079   1.00 27.04 ? 380 HOH A O   1 
HETATM 1586 O O   . HOH F 4 .   ? -1.092  17.787  -4.249  1.00 37.86 ? 381 HOH A O   1 
HETATM 1587 O O   . HOH F 4 .   ? 6.979   10.108  5.617   1.00 11.18 ? 382 HOH A O   1 
HETATM 1588 O O   . HOH F 4 .   ? 0.722   2.397   20.821  1.00 31.86 ? 383 HOH A O   1 
HETATM 1589 O O   . HOH F 4 .   ? 5.067   -9.935  5.591   1.00 34.14 ? 384 HOH A O   1 
HETATM 1590 O O   . HOH F 4 .   ? 15.089  -12.323 -13.253 1.00 22.57 ? 385 HOH A O   1 
HETATM 1591 O O   . HOH F 4 .   ? -0.526  -7.621  15.547  1.00 34.32 ? 386 HOH A O   1 
HETATM 1592 O O   . HOH F 4 .   ? 9.373   -9.492  3.369   1.00 24.91 ? 387 HOH A O   1 
HETATM 1593 O O   . HOH F 4 .   ? 18.682  1.611   13.811  1.00 29.23 ? 388 HOH A O   1 
HETATM 1594 O O   . HOH F 4 .   ? 4.220   12.642  -10.544 1.00 35.95 ? 389 HOH A O   1 
HETATM 1595 O O   . HOH F 4 .   ? 15.963  -5.654  1.419   1.00 33.73 ? 390 HOH A O   1 
HETATM 1596 O O   . HOH F 4 .   ? -16.758 11.208  5.395   1.00 27.96 ? 391 HOH A O   1 
HETATM 1597 O O   . HOH F 4 .   ? 6.380   6.014   20.420  1.00 34.94 ? 392 HOH A O   1 
# 
